data_1SIZ
# 
_entry.id   1SIZ 
# 
_audit_conform.dict_name       mmcif_pdbx.dic 
_audit_conform.dict_version    5.399 
_audit_conform.dict_location   http://mmcif.pdb.org/dictionaries/ascii/mmcif_pdbx.dic 
# 
loop_
_database_2.database_id 
_database_2.database_code 
_database_2.pdbx_database_accession 
_database_2.pdbx_DOI 
PDB   1SIZ         pdb_00001siz 10.2210/pdb1siz/pdb 
RCSB  RCSB021744   ?            ?                   
WWPDB D_1000021744 ?            ?                   
# 
loop_
_pdbx_audit_revision_history.ordinal 
_pdbx_audit_revision_history.data_content_type 
_pdbx_audit_revision_history.major_revision 
_pdbx_audit_revision_history.minor_revision 
_pdbx_audit_revision_history.revision_date 
1 'Structure model' 1 0 2004-05-25 
2 'Structure model' 1 1 2008-04-29 
3 'Structure model' 1 2 2011-07-13 
4 'Structure model' 1 3 2023-08-23 
5 'Structure model' 1 4 2024-11-20 
# 
_pdbx_audit_revision_details.ordinal             1 
_pdbx_audit_revision_details.revision_ordinal    1 
_pdbx_audit_revision_details.data_content_type   'Structure model' 
_pdbx_audit_revision_details.provider            repository 
_pdbx_audit_revision_details.type                'Initial release' 
_pdbx_audit_revision_details.description         ? 
_pdbx_audit_revision_details.details             ? 
# 
loop_
_pdbx_audit_revision_group.ordinal 
_pdbx_audit_revision_group.revision_ordinal 
_pdbx_audit_revision_group.data_content_type 
_pdbx_audit_revision_group.group 
1 2 'Structure model' 'Version format compliance' 
2 3 'Structure model' 'Version format compliance' 
3 4 'Structure model' 'Data collection'           
4 4 'Structure model' 'Database references'       
5 4 'Structure model' 'Derived calculations'      
6 4 'Structure model' 'Refinement description'    
7 5 'Structure model' 'Structure summary'         
# 
loop_
_pdbx_audit_revision_category.ordinal 
_pdbx_audit_revision_category.revision_ordinal 
_pdbx_audit_revision_category.data_content_type 
_pdbx_audit_revision_category.category 
1 4 'Structure model' chem_comp_atom                
2 4 'Structure model' chem_comp_bond                
3 4 'Structure model' database_2                    
4 4 'Structure model' pdbx_initial_refinement_model 
5 4 'Structure model' struct_conn                   
6 4 'Structure model' struct_site                   
7 5 'Structure model' pdbx_entry_details            
8 5 'Structure model' pdbx_modification_feature     
# 
loop_
_pdbx_audit_revision_item.ordinal 
_pdbx_audit_revision_item.revision_ordinal 
_pdbx_audit_revision_item.data_content_type 
_pdbx_audit_revision_item.item 
1  4 'Structure model' '_database_2.pdbx_DOI'                
2  4 'Structure model' '_database_2.pdbx_database_accession' 
3  4 'Structure model' '_struct_conn.pdbx_dist_value'        
4  4 'Structure model' '_struct_conn.ptnr1_auth_asym_id'     
5  4 'Structure model' '_struct_conn.ptnr1_auth_comp_id'     
6  4 'Structure model' '_struct_conn.ptnr1_auth_seq_id'      
7  4 'Structure model' '_struct_conn.ptnr1_label_asym_id'    
8  4 'Structure model' '_struct_conn.ptnr1_label_atom_id'    
9  4 'Structure model' '_struct_conn.ptnr1_label_comp_id'    
10 4 'Structure model' '_struct_conn.ptnr1_label_seq_id'     
11 4 'Structure model' '_struct_conn.ptnr2_auth_asym_id'     
12 4 'Structure model' '_struct_conn.ptnr2_auth_comp_id'     
13 4 'Structure model' '_struct_conn.ptnr2_auth_seq_id'      
14 4 'Structure model' '_struct_conn.ptnr2_label_asym_id'    
15 4 'Structure model' '_struct_conn.ptnr2_label_atom_id'    
16 4 'Structure model' '_struct_conn.ptnr2_label_comp_id'    
17 4 'Structure model' '_struct_site.pdbx_auth_asym_id'      
18 4 'Structure model' '_struct_site.pdbx_auth_comp_id'      
19 4 'Structure model' '_struct_site.pdbx_auth_seq_id'       
# 
_pdbx_database_status.status_code                     REL 
_pdbx_database_status.entry_id                        1SIZ 
_pdbx_database_status.recvd_initial_deposition_date   2004-03-02 
_pdbx_database_status.deposit_site                    RCSB 
_pdbx_database_status.process_site                    RCSB 
_pdbx_database_status.SG_entry                        . 
_pdbx_database_status.pdb_format_compatible           Y 
_pdbx_database_status.status_code_mr                  ? 
_pdbx_database_status.status_code_sf                  ? 
_pdbx_database_status.status_code_cs                  ? 
_pdbx_database_status.status_code_nmr_data            ? 
_pdbx_database_status.methods_development_category    ? 
# 
_pdbx_database_related.db_name        PDB 
_pdbx_database_related.db_id          1SJ1 
_pdbx_database_related.details        
'The 1.5 A Resolution Crystal Structure of [Fe3S4]-Ferredoxin from the hyperthermophilic Archaeon Pyrococcus furiosus' 
_pdbx_database_related.content_type   unspecified 
# 
loop_
_audit_author.name 
_audit_author.pdbx_ordinal 
'Nielsen, M.S.'       1 
'Harris, P.'          2 
'Christensen, H.E.M.' 3 
# 
_citation.id                        primary 
_citation.title                     
'The 1.5 A Resolution Crystal Structure of [Fe3S4]-Ferredoxin from the Hyperthermophilic Archaeon Pyrococcus furiosus' 
_citation.journal_abbrev            Biochemistry 
_citation.journal_volume            43 
_citation.page_first                5188 
_citation.page_last                 5194 
_citation.year                      2004 
_citation.journal_id_ASTM           BICHAW 
_citation.country                   US 
_citation.journal_id_ISSN           0006-2960 
_citation.journal_id_CSD            0033 
_citation.book_publisher            ? 
_citation.pdbx_database_id_PubMed   15122884 
_citation.pdbx_database_id_DOI      10.1021/bi049942x 
# 
loop_
_citation_author.citation_id 
_citation_author.name 
_citation_author.ordinal 
_citation_author.identifier_ORCID 
primary 'Nielsen, M.S.'       1 ? 
primary 'Harris, P.'          2 ? 
primary 'Ooi, B.L.'           3 ? 
primary 'Christensen, H.E.M.' 4 ? 
# 
loop_
_entity.id 
_entity.type 
_entity.src_method 
_entity.pdbx_description 
_entity.formula_weight 
_entity.pdbx_number_of_molecules 
_entity.pdbx_ec 
_entity.pdbx_mutation 
_entity.pdbx_fragment 
_entity.details 
1 polymer     man Ferredoxin         7171.001 2  ? ? ? ? 
2 non-polymer syn 'COBALT (III) ION' 58.933   4  ? ? ? ? 
3 non-polymer syn 'FE3-S4 CLUSTER'   295.795  2  ? ? ? ? 
4 water       nat water              18.015   46 ? ? ? ? 
# 
_entity_poly.entity_id                      1 
_entity_poly.type                           'polypeptide(L)' 
_entity_poly.nstd_linkage                   no 
_entity_poly.nstd_monomer                   no 
_entity_poly.pdbx_seq_one_letter_code       AWKVSVDQDTCIGDAICASLCPDVFEMNDEGKAQPKVEVIEDEELYNCAKEAMEACPVSAITIEEA 
_entity_poly.pdbx_seq_one_letter_code_can   AWKVSVDQDTCIGDAICASLCPDVFEMNDEGKAQPKVEVIEDEELYNCAKEAMEACPVSAITIEEA 
_entity_poly.pdbx_strand_id                 A,C 
_entity_poly.pdbx_target_identifier         ? 
# 
loop_
_pdbx_entity_nonpoly.entity_id 
_pdbx_entity_nonpoly.name 
_pdbx_entity_nonpoly.comp_id 
2 'COBALT (III) ION' 3CO 
3 'FE3-S4 CLUSTER'   F3S 
4 water              HOH 
# 
loop_
_entity_poly_seq.entity_id 
_entity_poly_seq.num 
_entity_poly_seq.mon_id 
_entity_poly_seq.hetero 
1 1  ALA n 
1 2  TRP n 
1 3  LYS n 
1 4  VAL n 
1 5  SER n 
1 6  VAL n 
1 7  ASP n 
1 8  GLN n 
1 9  ASP n 
1 10 THR n 
1 11 CYS n 
1 12 ILE n 
1 13 GLY n 
1 14 ASP n 
1 15 ALA n 
1 16 ILE n 
1 17 CYS n 
1 18 ALA n 
1 19 SER n 
1 20 LEU n 
1 21 CYS n 
1 22 PRO n 
1 23 ASP n 
1 24 VAL n 
1 25 PHE n 
1 26 GLU n 
1 27 MET n 
1 28 ASN n 
1 29 ASP n 
1 30 GLU n 
1 31 GLY n 
1 32 LYS n 
1 33 ALA n 
1 34 GLN n 
1 35 PRO n 
1 36 LYS n 
1 37 VAL n 
1 38 GLU n 
1 39 VAL n 
1 40 ILE n 
1 41 GLU n 
1 42 ASP n 
1 43 GLU n 
1 44 GLU n 
1 45 LEU n 
1 46 TYR n 
1 47 ASN n 
1 48 CYS n 
1 49 ALA n 
1 50 LYS n 
1 51 GLU n 
1 52 ALA n 
1 53 MET n 
1 54 GLU n 
1 55 ALA n 
1 56 CYS n 
1 57 PRO n 
1 58 VAL n 
1 59 SER n 
1 60 ALA n 
1 61 ILE n 
1 62 THR n 
1 63 ILE n 
1 64 GLU n 
1 65 GLU n 
1 66 ALA n 
# 
_entity_src_gen.entity_id                          1 
_entity_src_gen.pdbx_src_id                        1 
_entity_src_gen.pdbx_alt_source_flag               sample 
_entity_src_gen.pdbx_seq_type                      ? 
_entity_src_gen.pdbx_beg_seq_num                   ? 
_entity_src_gen.pdbx_end_seq_num                   ? 
_entity_src_gen.gene_src_common_name               ? 
_entity_src_gen.gene_src_genus                     Pyrococcus 
_entity_src_gen.pdbx_gene_src_gene                 'FDXA, PF1909' 
_entity_src_gen.gene_src_species                   ? 
_entity_src_gen.gene_src_strain                    ? 
_entity_src_gen.gene_src_tissue                    ? 
_entity_src_gen.gene_src_tissue_fraction           ? 
_entity_src_gen.gene_src_details                   ? 
_entity_src_gen.pdbx_gene_src_fragment             ? 
_entity_src_gen.pdbx_gene_src_scientific_name      'Pyrococcus furiosus' 
_entity_src_gen.pdbx_gene_src_ncbi_taxonomy_id     2261 
_entity_src_gen.pdbx_gene_src_variant              ? 
_entity_src_gen.pdbx_gene_src_cell_line            ? 
_entity_src_gen.pdbx_gene_src_atcc                 ? 
_entity_src_gen.pdbx_gene_src_organ                ? 
_entity_src_gen.pdbx_gene_src_organelle            ? 
_entity_src_gen.pdbx_gene_src_cell                 ? 
_entity_src_gen.pdbx_gene_src_cellular_location    ? 
_entity_src_gen.host_org_common_name               ? 
_entity_src_gen.pdbx_host_org_scientific_name      'Escherichia coli' 
_entity_src_gen.pdbx_host_org_ncbi_taxonomy_id     562 
_entity_src_gen.host_org_genus                     Escherichia 
_entity_src_gen.pdbx_host_org_gene                 ? 
_entity_src_gen.pdbx_host_org_organ                ? 
_entity_src_gen.host_org_species                   ? 
_entity_src_gen.pdbx_host_org_tissue               ? 
_entity_src_gen.pdbx_host_org_tissue_fraction      ? 
_entity_src_gen.pdbx_host_org_strain               ? 
_entity_src_gen.pdbx_host_org_variant              ? 
_entity_src_gen.pdbx_host_org_cell_line            ? 
_entity_src_gen.pdbx_host_org_atcc                 ? 
_entity_src_gen.pdbx_host_org_culture_collection   ? 
_entity_src_gen.pdbx_host_org_cell                 ? 
_entity_src_gen.pdbx_host_org_organelle            ? 
_entity_src_gen.pdbx_host_org_cellular_location    ? 
_entity_src_gen.pdbx_host_org_vector_type          plasmid 
_entity_src_gen.pdbx_host_org_vector               ? 
_entity_src_gen.host_org_details                   ? 
_entity_src_gen.expression_system_id               ? 
_entity_src_gen.plasmid_name                       pET3a 
_entity_src_gen.plasmid_details                    ? 
_entity_src_gen.pdbx_description                   ? 
# 
loop_
_chem_comp.id 
_chem_comp.type 
_chem_comp.mon_nstd_flag 
_chem_comp.name 
_chem_comp.pdbx_synonyms 
_chem_comp.formula 
_chem_comp.formula_weight 
3CO non-polymer         . 'COBALT (III) ION' ? 'Co 3'           58.933  
ALA 'L-peptide linking' y ALANINE            ? 'C3 H7 N O2'     89.093  
ASN 'L-peptide linking' y ASPARAGINE         ? 'C4 H8 N2 O3'    132.118 
ASP 'L-peptide linking' y 'ASPARTIC ACID'    ? 'C4 H7 N O4'     133.103 
CYS 'L-peptide linking' y CYSTEINE           ? 'C3 H7 N O2 S'   121.158 
F3S non-polymer         . 'FE3-S4 CLUSTER'   ? 'Fe3 S4'         295.795 
GLN 'L-peptide linking' y GLUTAMINE          ? 'C5 H10 N2 O3'   146.144 
GLU 'L-peptide linking' y 'GLUTAMIC ACID'    ? 'C5 H9 N O4'     147.129 
GLY 'peptide linking'   y GLYCINE            ? 'C2 H5 N O2'     75.067  
HOH non-polymer         . WATER              ? 'H2 O'           18.015  
ILE 'L-peptide linking' y ISOLEUCINE         ? 'C6 H13 N O2'    131.173 
LEU 'L-peptide linking' y LEUCINE            ? 'C6 H13 N O2'    131.173 
LYS 'L-peptide linking' y LYSINE             ? 'C6 H15 N2 O2 1' 147.195 
MET 'L-peptide linking' y METHIONINE         ? 'C5 H11 N O2 S'  149.211 
PHE 'L-peptide linking' y PHENYLALANINE      ? 'C9 H11 N O2'    165.189 
PRO 'L-peptide linking' y PROLINE            ? 'C5 H9 N O2'     115.130 
SER 'L-peptide linking' y SERINE             ? 'C3 H7 N O3'     105.093 
THR 'L-peptide linking' y THREONINE          ? 'C4 H9 N O3'     119.119 
TRP 'L-peptide linking' y TRYPTOPHAN         ? 'C11 H12 N2 O2'  204.225 
TYR 'L-peptide linking' y TYROSINE           ? 'C9 H11 N O3'    181.189 
VAL 'L-peptide linking' y VALINE             ? 'C5 H11 N O2'    117.146 
# 
loop_
_pdbx_poly_seq_scheme.asym_id 
_pdbx_poly_seq_scheme.entity_id 
_pdbx_poly_seq_scheme.seq_id 
_pdbx_poly_seq_scheme.mon_id 
_pdbx_poly_seq_scheme.ndb_seq_num 
_pdbx_poly_seq_scheme.pdb_seq_num 
_pdbx_poly_seq_scheme.auth_seq_num 
_pdbx_poly_seq_scheme.pdb_mon_id 
_pdbx_poly_seq_scheme.auth_mon_id 
_pdbx_poly_seq_scheme.pdb_strand_id 
_pdbx_poly_seq_scheme.pdb_ins_code 
_pdbx_poly_seq_scheme.hetero 
A 1 1  ALA 1  1  1  ALA ALA A . n 
A 1 2  TRP 2  2  2  TRP TRP A . n 
A 1 3  LYS 3  3  3  LYS LYS A . n 
A 1 4  VAL 4  4  4  VAL VAL A . n 
A 1 5  SER 5  5  5  SER SER A . n 
A 1 6  VAL 6  6  6  VAL VAL A . n 
A 1 7  ASP 7  7  7  ASP ASP A . n 
A 1 8  GLN 8  8  8  GLN GLN A . n 
A 1 9  ASP 9  9  9  ASP ASP A . n 
A 1 10 THR 10 10 10 THR THR A . n 
A 1 11 CYS 11 11 11 CYS CYS A . n 
A 1 12 ILE 12 12 12 ILE ILE A . n 
A 1 13 GLY 13 13 13 GLY GLY A . n 
A 1 14 ASP 14 14 14 ASP ASP A . n 
A 1 15 ALA 15 15 15 ALA ALA A . n 
A 1 16 ILE 16 16 16 ILE ILE A . n 
A 1 17 CYS 17 17 17 CYS CYS A . n 
A 1 18 ALA 18 18 18 ALA ALA A . n 
A 1 19 SER 19 19 19 SER SER A . n 
A 1 20 LEU 20 20 20 LEU LEU A . n 
A 1 21 CYS 21 21 21 CYS CYS A . n 
A 1 22 PRO 22 22 22 PRO PRO A . n 
A 1 23 ASP 23 23 23 ASP ASP A . n 
A 1 24 VAL 24 24 24 VAL VAL A . n 
A 1 25 PHE 25 25 25 PHE PHE A . n 
A 1 26 GLU 26 26 26 GLU GLU A . n 
A 1 27 MET 27 27 27 MET MET A . n 
A 1 28 ASN 28 28 28 ASN ASN A . n 
A 1 29 ASP 29 29 29 ASP ASP A . n 
A 1 30 GLU 30 30 30 GLU GLU A . n 
A 1 31 GLY 31 31 31 GLY GLY A . n 
A 1 32 LYS 32 32 32 LYS LYS A . n 
A 1 33 ALA 33 33 33 ALA ALA A . n 
A 1 34 GLN 34 34 34 GLN GLN A . n 
A 1 35 PRO 35 35 35 PRO PRO A . n 
A 1 36 LYS 36 36 36 LYS LYS A . n 
A 1 37 VAL 37 37 37 VAL VAL A . n 
A 1 38 GLU 38 38 38 GLU GLU A . n 
A 1 39 VAL 39 39 39 VAL VAL A . n 
A 1 40 ILE 40 40 40 ILE ILE A . n 
A 1 41 GLU 41 41 41 GLU GLU A . n 
A 1 42 ASP 42 42 42 ASP ASP A . n 
A 1 43 GLU 43 43 43 GLU GLU A . n 
A 1 44 GLU 44 44 44 GLU GLU A . n 
A 1 45 LEU 45 45 45 LEU LEU A . n 
A 1 46 TYR 46 46 46 TYR TYR A . n 
A 1 47 ASN 47 47 47 ASN ASN A . n 
A 1 48 CYS 48 48 48 CYS CYS A . n 
A 1 49 ALA 49 49 49 ALA ALA A . n 
A 1 50 LYS 50 50 50 LYS LYS A . n 
A 1 51 GLU 51 51 51 GLU GLU A . n 
A 1 52 ALA 52 52 52 ALA ALA A . n 
A 1 53 MET 53 53 53 MET MET A . n 
A 1 54 GLU 54 54 54 GLU GLU A . n 
A 1 55 ALA 55 55 55 ALA ALA A . n 
A 1 56 CYS 56 56 56 CYS CYS A . n 
A 1 57 PRO 57 57 57 PRO PRO A . n 
A 1 58 VAL 58 58 58 VAL VAL A . n 
A 1 59 SER 59 59 59 SER SER A . n 
A 1 60 ALA 60 60 60 ALA ALA A . n 
A 1 61 ILE 61 61 61 ILE ILE A . n 
A 1 62 THR 62 62 62 THR THR A . n 
A 1 63 ILE 63 63 63 ILE ILE A . n 
A 1 64 GLU 64 64 64 GLU GLU A . n 
A 1 65 GLU 65 65 65 GLU GLU A . n 
A 1 66 ALA 66 66 66 ALA ALA A . n 
B 1 1  ALA 1  1  1  ALA ALA C . n 
B 1 2  TRP 2  2  2  TRP TRP C . n 
B 1 3  LYS 3  3  3  LYS LYS C . n 
B 1 4  VAL 4  4  4  VAL VAL C . n 
B 1 5  SER 5  5  5  SER SER C . n 
B 1 6  VAL 6  6  6  VAL VAL C . n 
B 1 7  ASP 7  7  7  ASP ASP C . n 
B 1 8  GLN 8  8  8  GLN GLN C . n 
B 1 9  ASP 9  9  9  ASP ASP C . n 
B 1 10 THR 10 10 10 THR THR C . n 
B 1 11 CYS 11 11 11 CYS CYS C . n 
B 1 12 ILE 12 12 12 ILE ILE C . n 
B 1 13 GLY 13 13 13 GLY GLY C . n 
B 1 14 ASP 14 14 14 ASP ASP C . n 
B 1 15 ALA 15 15 15 ALA ALA C . n 
B 1 16 ILE 16 16 16 ILE ILE C . n 
B 1 17 CYS 17 17 17 CYS CYS C . n 
B 1 18 ALA 18 18 18 ALA ALA C . n 
B 1 19 SER 19 19 19 SER SER C . n 
B 1 20 LEU 20 20 20 LEU LEU C . n 
B 1 21 CYS 21 21 21 CYS CYS C . n 
B 1 22 PRO 22 22 22 PRO PRO C . n 
B 1 23 ASP 23 23 23 ASP ASP C . n 
B 1 24 VAL 24 24 24 VAL VAL C . n 
B 1 25 PHE 25 25 25 PHE PHE C . n 
B 1 26 GLU 26 26 26 GLU GLU C . n 
B 1 27 MET 27 27 27 MET MET C . n 
B 1 28 ASN 28 28 28 ASN ASN C . n 
B 1 29 ASP 29 29 29 ASP ASP C . n 
B 1 30 GLU 30 30 30 GLU GLU C . n 
B 1 31 GLY 31 31 31 GLY GLY C . n 
B 1 32 LYS 32 32 32 LYS LYS C . n 
B 1 33 ALA 33 33 33 ALA ALA C . n 
B 1 34 GLN 34 34 34 GLN GLN C . n 
B 1 35 PRO 35 35 35 PRO PRO C . n 
B 1 36 LYS 36 36 36 LYS LYS C . n 
B 1 37 VAL 37 37 37 VAL VAL C . n 
B 1 38 GLU 38 38 38 GLU GLU C . n 
B 1 39 VAL 39 39 39 VAL VAL C . n 
B 1 40 ILE 40 40 40 ILE ILE C . n 
B 1 41 GLU 41 41 41 GLU GLU C . n 
B 1 42 ASP 42 42 42 ASP ASP C . n 
B 1 43 GLU 43 43 43 GLU GLU C . n 
B 1 44 GLU 44 44 44 GLU GLU C . n 
B 1 45 LEU 45 45 45 LEU LEU C . n 
B 1 46 TYR 46 46 46 TYR TYR C . n 
B 1 47 ASN 47 47 47 ASN ASN C . n 
B 1 48 CYS 48 48 48 CYS CYS C . n 
B 1 49 ALA 49 49 49 ALA ALA C . n 
B 1 50 LYS 50 50 50 LYS LYS C . n 
B 1 51 GLU 51 51 51 GLU GLU C . n 
B 1 52 ALA 52 52 52 ALA ALA C . n 
B 1 53 MET 53 53 53 MET MET C . n 
B 1 54 GLU 54 54 54 GLU GLU C . n 
B 1 55 ALA 55 55 55 ALA ALA C . n 
B 1 56 CYS 56 56 56 CYS CYS C . n 
B 1 57 PRO 57 57 57 PRO PRO C . n 
B 1 58 VAL 58 58 58 VAL VAL C . n 
B 1 59 SER 59 59 59 SER SER C . n 
B 1 60 ALA 60 60 60 ALA ALA C . n 
B 1 61 ILE 61 61 61 ILE ILE C . n 
B 1 62 THR 62 62 62 THR THR C . n 
B 1 63 ILE 63 63 63 ILE ILE C . n 
B 1 64 GLU 64 64 64 GLU GLU C . n 
B 1 65 GLU 65 65 65 GLU GLU C . n 
B 1 66 ALA 66 66 66 ALA ALA C . n 
# 
loop_
_pdbx_nonpoly_scheme.asym_id 
_pdbx_nonpoly_scheme.entity_id 
_pdbx_nonpoly_scheme.mon_id 
_pdbx_nonpoly_scheme.ndb_seq_num 
_pdbx_nonpoly_scheme.pdb_seq_num 
_pdbx_nonpoly_scheme.auth_seq_num 
_pdbx_nonpoly_scheme.pdb_mon_id 
_pdbx_nonpoly_scheme.auth_mon_id 
_pdbx_nonpoly_scheme.pdb_strand_id 
_pdbx_nonpoly_scheme.pdb_ins_code 
C 2 3CO 1  72  72 3CO 3CO A . 
D 2 3CO 1  74  74 3CO 3CO A . 
E 3 F3S 1  70  70 F3S F3S A . 
F 2 3CO 1  73  73 3CO 3CO C . 
G 2 3CO 1  75  75 3CO 3CO C . 
H 3 F3S 1  71  71 F3S F3S C . 
I 4 HOH 1  75  1  HOH HOH A . 
I 4 HOH 2  76  3  HOH HOH A . 
I 4 HOH 3  77  4  HOH HOH A . 
I 4 HOH 4  78  9  HOH HOH A . 
I 4 HOH 5  79  10 HOH HOH A . 
I 4 HOH 6  80  11 HOH HOH A . 
I 4 HOH 7  81  12 HOH HOH A . 
I 4 HOH 8  82  16 HOH HOH A . 
I 4 HOH 9  83  18 HOH HOH A . 
I 4 HOH 10 84  19 HOH HOH A . 
I 4 HOH 11 85  20 HOH HOH A . 
I 4 HOH 12 86  21 HOH HOH A . 
I 4 HOH 13 87  22 HOH HOH A . 
I 4 HOH 14 88  23 HOH HOH A . 
I 4 HOH 15 89  24 HOH HOH A . 
I 4 HOH 16 90  25 HOH HOH A . 
I 4 HOH 17 91  27 HOH HOH A . 
I 4 HOH 18 92  28 HOH HOH A . 
I 4 HOH 19 93  30 HOH HOH A . 
I 4 HOH 20 94  31 HOH HOH A . 
I 4 HOH 21 95  32 HOH HOH A . 
I 4 HOH 22 96  34 HOH HOH A . 
I 4 HOH 23 97  36 HOH HOH A . 
I 4 HOH 24 98  37 HOH HOH A . 
I 4 HOH 25 99  41 HOH HOH A . 
I 4 HOH 26 100 43 HOH HOH A . 
I 4 HOH 27 101 45 HOH HOH A . 
I 4 HOH 28 102 47 HOH HOH A . 
I 4 HOH 29 103 48 HOH HOH A . 
I 4 HOH 30 104 49 HOH HOH A . 
I 4 HOH 31 105 50 HOH HOH A . 
J 4 HOH 1  76  2  HOH HOH C . 
J 4 HOH 2  77  6  HOH HOH C . 
J 4 HOH 3  78  13 HOH HOH C . 
J 4 HOH 4  79  15 HOH HOH C . 
J 4 HOH 5  80  17 HOH HOH C . 
J 4 HOH 6  81  26 HOH HOH C . 
J 4 HOH 7  82  29 HOH HOH C . 
J 4 HOH 8  83  33 HOH HOH C . 
J 4 HOH 9  84  35 HOH HOH C . 
J 4 HOH 10 85  38 HOH HOH C . 
J 4 HOH 11 86  39 HOH HOH C . 
J 4 HOH 12 87  40 HOH HOH C . 
J 4 HOH 13 88  42 HOH HOH C . 
J 4 HOH 14 89  44 HOH HOH C . 
J 4 HOH 15 90  46 HOH HOH C . 
# 
loop_
_software.name 
_software.classification 
_software.version 
_software.citation_id 
_software.pdbx_ordinal 
MOSFLM 'data reduction' .         ? 1 
SCALA  'data scaling'   .         ? 2 
MOLREP phasing          .         ? 3 
CNS    refinement       .         ? 4 
CCP4   'data scaling'   '(SCALA)' ? 5 
# 
_cell.entry_id           1SIZ 
_cell.length_a           47.447 
_cell.length_b           51.637 
_cell.length_c           54.549 
_cell.angle_alpha        90.00 
_cell.angle_beta         90.00 
_cell.angle_gamma        90.00 
_cell.Z_PDB              8 
_cell.pdbx_unique_axis   ? 
# 
_symmetry.entry_id                         1SIZ 
_symmetry.space_group_name_H-M             'P 21 21 21' 
_symmetry.pdbx_full_space_group_name_H-M   ? 
_symmetry.cell_setting                     ? 
_symmetry.Int_Tables_number                19 
# 
_exptl.entry_id          1SIZ 
_exptl.method            'X-RAY DIFFRACTION' 
_exptl.crystals_number   1 
# 
_exptl_crystal.id                    1 
_exptl_crystal.density_meas          ? 
_exptl_crystal.density_percent_sol   47.18 
_exptl_crystal.description           ? 
_exptl_crystal.density_Matthews      2.33 
# 
_exptl_crystal_grow.crystal_id      1 
_exptl_crystal_grow.method          'VAPOR DIFFUSION, HANGING DROP' 
_exptl_crystal_grow.temp            277 
_exptl_crystal_grow.temp_details    ? 
_exptl_crystal_grow.pH              7.0 
_exptl_crystal_grow.pdbx_details    
'PEG 400, hexammine cobalt(III)-ions, HEPES, pH 7.0, VAPOR DIFFUSION, HANGING DROP, temperature 277K' 
_exptl_crystal_grow.pdbx_pH_range   . 
# 
_diffrn.id                     1 
_diffrn.ambient_temp           100 
_diffrn.ambient_temp_details   ? 
_diffrn.crystal_id             1 
# 
_diffrn_detector.diffrn_id              1 
_diffrn_detector.detector               CCD 
_diffrn_detector.type                   'ADSC QUANTUM 4' 
_diffrn_detector.pdbx_collection_date   2003-04-17 
_diffrn_detector.details                ? 
# 
_diffrn_radiation.diffrn_id                        1 
_diffrn_radiation.wavelength_id                    1 
_diffrn_radiation.pdbx_monochromatic_or_laue_m_l   M 
_diffrn_radiation.monochromator                    Silicium 
_diffrn_radiation.pdbx_diffrn_protocol             'SINGLE WAVELENGTH' 
_diffrn_radiation.pdbx_scattering_type             x-ray 
# 
_diffrn_radiation_wavelength.id           1 
_diffrn_radiation_wavelength.wavelength   0.9999 
_diffrn_radiation_wavelength.wt           1.0 
# 
_diffrn_source.diffrn_id                   1 
_diffrn_source.source                      SYNCHROTRON 
_diffrn_source.type                        'ESRF BEAMLINE ID29' 
_diffrn_source.pdbx_synchrotron_site       ESRF 
_diffrn_source.pdbx_synchrotron_beamline   ID29 
_diffrn_source.pdbx_wavelength             ? 
_diffrn_source.pdbx_wavelength_list        0.9999 
# 
_reflns.entry_id                     1SIZ 
_reflns.observed_criterion_sigma_F   0 
_reflns.observed_criterion_sigma_I   0 
_reflns.d_resolution_high            2.25 
_reflns.d_resolution_low             35.0 
_reflns.number_all                   ? 
_reflns.number_obs                   6508 
_reflns.percent_possible_obs         94.8 
_reflns.pdbx_Rmerge_I_obs            0.1 
_reflns.pdbx_Rsym_value              ? 
_reflns.pdbx_netI_over_sigmaI        4.8 
_reflns.B_iso_Wilson_estimate        28.06 
_reflns.pdbx_redundancy              3.4 
_reflns.R_free_details               ? 
_reflns.limit_h_max                  ? 
_reflns.limit_h_min                  ? 
_reflns.limit_k_max                  ? 
_reflns.limit_k_min                  ? 
_reflns.limit_l_max                  ? 
_reflns.limit_l_min                  ? 
_reflns.observed_criterion_F_max     ? 
_reflns.observed_criterion_F_min     ? 
_reflns.pdbx_diffrn_id               1 
_reflns.pdbx_ordinal                 1 
# 
_reflns_shell.d_res_high             2.25 
_reflns_shell.d_res_low              2.37 
_reflns_shell.percent_possible_all   81.5 
_reflns_shell.Rmerge_I_obs           0.22 
_reflns_shell.pdbx_Rsym_value        ? 
_reflns_shell.meanI_over_sigI_obs    ? 
_reflns_shell.pdbx_redundancy        ? 
_reflns_shell.percent_possible_obs   ? 
_reflns_shell.number_unique_all      ? 
_reflns_shell.pdbx_diffrn_id         ? 
_reflns_shell.pdbx_ordinal           1 
# 
_refine.entry_id                                 1SIZ 
_refine.ls_d_res_high                            2.25 
_refine.ls_d_res_low                             35.00 
_refine.pdbx_ls_sigma_F                          0 
_refine.pdbx_ls_sigma_I                          ? 
_refine.ls_number_reflns_all                     ? 
_refine.ls_number_reflns_obs                     6508 
_refine.ls_number_reflns_R_free                  337 
_refine.ls_percent_reflns_obs                    96.8 
_refine.ls_R_factor_all                          ? 
_refine.ls_R_factor_obs                          0.2413 
_refine.ls_R_factor_R_work                       0.2388 
_refine.ls_R_factor_R_free                       0.2888 
_refine.ls_redundancy_reflns_obs                 ? 
_refine.pdbx_data_cutoff_high_absF               ? 
_refine.pdbx_data_cutoff_low_absF                ? 
_refine.ls_number_parameters                     ? 
_refine.ls_number_restraints                     ? 
_refine.ls_percent_reflns_R_free                 ? 
_refine.ls_R_factor_R_free_error                 ? 
_refine.ls_R_factor_R_free_error_details         ? 
_refine.pdbx_method_to_determine_struct          'MOLECULAR REPLACEMENT' 
_refine.pdbx_starting_model                      'pdb entry 1VJW' 
_refine.pdbx_ls_cross_valid_method               THROUGHOUT 
_refine.pdbx_R_Free_selection_details            Random 
_refine.pdbx_stereochem_target_val_spec_case     ? 
_refine.pdbx_stereochemistry_target_values       'Engh & Huber' 
_refine.solvent_model_details                    ? 
_refine.solvent_model_param_bsol                 ? 
_refine.solvent_model_param_ksol                 ? 
_refine.occupancy_max                            ? 
_refine.occupancy_min                            ? 
_refine.pdbx_isotropic_thermal_model             ? 
_refine.B_iso_mean                               ? 
_refine.aniso_B[1][1]                            ? 
_refine.aniso_B[1][2]                            ? 
_refine.aniso_B[1][3]                            ? 
_refine.aniso_B[2][2]                            ? 
_refine.aniso_B[2][3]                            ? 
_refine.aniso_B[3][3]                            ? 
_refine.details                                  ? 
_refine.B_iso_min                                ? 
_refine.B_iso_max                                ? 
_refine.correlation_coeff_Fo_to_Fc               ? 
_refine.correlation_coeff_Fo_to_Fc_free          ? 
_refine.pdbx_solvent_vdw_probe_radii             ? 
_refine.pdbx_solvent_ion_probe_radii             ? 
_refine.pdbx_solvent_shrinkage_radii             ? 
_refine.overall_SU_R_Cruickshank_DPI             ? 
_refine.overall_SU_R_free                        ? 
_refine.overall_SU_B                             ? 
_refine.overall_SU_ML                            ? 
_refine.pdbx_overall_ESU_R                       ? 
_refine.pdbx_overall_ESU_R_Free                  ? 
_refine.pdbx_data_cutoff_high_rms_absF           ? 
_refine.pdbx_refine_id                           'X-RAY DIFFRACTION' 
_refine.pdbx_diffrn_id                           1 
_refine.pdbx_TLS_residual_ADP_flag               ? 
_refine.pdbx_overall_phase_error                 ? 
_refine.pdbx_overall_SU_R_free_Cruickshank_DPI   ? 
_refine.pdbx_overall_SU_R_Blow_DPI               ? 
_refine.pdbx_overall_SU_R_free_Blow_DPI          ? 
# 
_refine_hist.pdbx_refine_id                   'X-RAY DIFFRACTION' 
_refine_hist.cycle_id                         LAST 
_refine_hist.pdbx_number_atoms_protein        992 
_refine_hist.pdbx_number_atoms_nucleic_acid   0 
_refine_hist.pdbx_number_atoms_ligand         18 
_refine_hist.number_atoms_solvent             46 
_refine_hist.number_atoms_total               1056 
_refine_hist.d_res_high                       2.25 
_refine_hist.d_res_low                        35.00 
# 
loop_
_refine_ls_restr.type 
_refine_ls_restr.dev_ideal 
_refine_ls_restr.dev_ideal_target 
_refine_ls_restr.weight 
_refine_ls_restr.number 
_refine_ls_restr.pdbx_refine_id 
_refine_ls_restr.pdbx_restraint_function 
c_mcbond_it  0.02  ? ? ? 'X-RAY DIFFRACTION' ? 
c_scbond_it  1.48  ? ? ? 'X-RAY DIFFRACTION' ? 
c_mcangle_it 0.405 ? ? ? 'X-RAY DIFFRACTION' ? 
c_scangle_it 2.951 ? ? ? 'X-RAY DIFFRACTION' ? 
# 
_struct.entry_id                  1SIZ 
_struct.title                     
'Crystal structure of the [Fe3S4]-ferredoxin from the hyperthermophilic archaeon Pyrococcus furiosus' 
_struct.pdbx_model_details        ? 
_struct.pdbx_CASP_flag            ? 
_struct.pdbx_model_type_details   ? 
# 
_struct_keywords.entry_id        1SIZ 
_struct_keywords.pdbx_keywords   'ELECTRON TRANSPORT' 
_struct_keywords.text            'thermostability, iron-sulfur clusters, dimer, ELECTRON TRANSPORT' 
# 
loop_
_struct_asym.id 
_struct_asym.pdbx_blank_PDB_chainid_flag 
_struct_asym.pdbx_modified 
_struct_asym.entity_id 
_struct_asym.details 
A N N 1 ? 
B N N 1 ? 
C N N 2 ? 
D N N 2 ? 
E N N 3 ? 
F N N 2 ? 
G N N 2 ? 
H N N 3 ? 
I N N 4 ? 
J N N 4 ? 
# 
_struct_ref.id                         1 
_struct_ref.db_name                    UNP 
_struct_ref.db_code                    FER_PYRFU 
_struct_ref.pdbx_db_accession          P29603 
_struct_ref.entity_id                  1 
_struct_ref.pdbx_seq_one_letter_code   AWKVSVDQDTCIGDAICASLCPDVFEMNDEGKAQPKVEVIEDEELYNCAKEAMEACPVSAITIEEA 
_struct_ref.pdbx_align_begin           1 
_struct_ref.pdbx_db_isoform            ? 
# 
loop_
_struct_ref_seq.align_id 
_struct_ref_seq.ref_id 
_struct_ref_seq.pdbx_PDB_id_code 
_struct_ref_seq.pdbx_strand_id 
_struct_ref_seq.seq_align_beg 
_struct_ref_seq.pdbx_seq_align_beg_ins_code 
_struct_ref_seq.seq_align_end 
_struct_ref_seq.pdbx_seq_align_end_ins_code 
_struct_ref_seq.pdbx_db_accession 
_struct_ref_seq.db_align_beg 
_struct_ref_seq.pdbx_db_align_beg_ins_code 
_struct_ref_seq.db_align_end 
_struct_ref_seq.pdbx_db_align_end_ins_code 
_struct_ref_seq.pdbx_auth_seq_align_beg 
_struct_ref_seq.pdbx_auth_seq_align_end 
1 1 1SIZ A 1 ? 66 ? P29603 1 ? 66 ? 1 66 
2 1 1SIZ C 1 ? 66 ? P29603 1 ? 66 ? 1 66 
# 
_pdbx_struct_assembly.id                   1 
_pdbx_struct_assembly.details              author_defined_assembly 
_pdbx_struct_assembly.method_details       ? 
_pdbx_struct_assembly.oligomeric_details   dimeric 
_pdbx_struct_assembly.oligomeric_count     2 
# 
_pdbx_struct_assembly_gen.assembly_id       1 
_pdbx_struct_assembly_gen.oper_expression   1 
_pdbx_struct_assembly_gen.asym_id_list      A,B,C,D,E,F,G,H,I,J 
# 
_pdbx_struct_oper_list.id                   1 
_pdbx_struct_oper_list.type                 'identity operation' 
_pdbx_struct_oper_list.name                 1_555 
_pdbx_struct_oper_list.symmetry_operation   x,y,z 
_pdbx_struct_oper_list.matrix[1][1]         1.0000000000 
_pdbx_struct_oper_list.matrix[1][2]         0.0000000000 
_pdbx_struct_oper_list.matrix[1][3]         0.0000000000 
_pdbx_struct_oper_list.vector[1]            0.0000000000 
_pdbx_struct_oper_list.matrix[2][1]         0.0000000000 
_pdbx_struct_oper_list.matrix[2][2]         1.0000000000 
_pdbx_struct_oper_list.matrix[2][3]         0.0000000000 
_pdbx_struct_oper_list.vector[2]            0.0000000000 
_pdbx_struct_oper_list.matrix[3][1]         0.0000000000 
_pdbx_struct_oper_list.matrix[3][2]         0.0000000000 
_pdbx_struct_oper_list.matrix[3][3]         1.0000000000 
_pdbx_struct_oper_list.vector[3]            0.0000000000 
# 
_struct_biol.id                    1 
_struct_biol.details               'The biological assembly is either the dimer in the asymmetric unit or a monomer' 
_struct_biol.pdbx_parent_biol_id   ? 
# 
loop_
_struct_conf.conf_type_id 
_struct_conf.id 
_struct_conf.pdbx_PDB_helix_id 
_struct_conf.beg_label_comp_id 
_struct_conf.beg_label_asym_id 
_struct_conf.beg_label_seq_id 
_struct_conf.pdbx_beg_PDB_ins_code 
_struct_conf.end_label_comp_id 
_struct_conf.end_label_asym_id 
_struct_conf.end_label_seq_id 
_struct_conf.pdbx_end_PDB_ins_code 
_struct_conf.beg_auth_comp_id 
_struct_conf.beg_auth_asym_id 
_struct_conf.beg_auth_seq_id 
_struct_conf.end_auth_comp_id 
_struct_conf.end_auth_asym_id 
_struct_conf.end_auth_seq_id 
_struct_conf.pdbx_PDB_helix_class 
_struct_conf.details 
_struct_conf.pdbx_PDB_helix_length 
HELX_P HELX_P1 1 ALA A 15 ? CYS A 21 ? ALA A 15 CYS A 21 1 ? 7  
HELX_P HELX_P2 2 ASP A 42 ? CYS A 56 ? ASP A 42 CYS A 56 1 ? 15 
HELX_P HELX_P3 3 ALA B 15 ? CYS B 21 ? ALA C 15 CYS C 21 1 ? 7  
HELX_P HELX_P4 4 ASP B 42 ? CYS B 56 ? ASP C 42 CYS C 56 1 ? 15 
# 
_struct_conf_type.id          HELX_P 
_struct_conf_type.criteria    ? 
_struct_conf_type.reference   ? 
# 
loop_
_struct_conn.id 
_struct_conn.conn_type_id 
_struct_conn.pdbx_leaving_atom_flag 
_struct_conn.pdbx_PDB_id 
_struct_conn.ptnr1_label_asym_id 
_struct_conn.ptnr1_label_comp_id 
_struct_conn.ptnr1_label_seq_id 
_struct_conn.ptnr1_label_atom_id 
_struct_conn.pdbx_ptnr1_label_alt_id 
_struct_conn.pdbx_ptnr1_PDB_ins_code 
_struct_conn.pdbx_ptnr1_standard_comp_id 
_struct_conn.ptnr1_symmetry 
_struct_conn.ptnr2_label_asym_id 
_struct_conn.ptnr2_label_comp_id 
_struct_conn.ptnr2_label_seq_id 
_struct_conn.ptnr2_label_atom_id 
_struct_conn.pdbx_ptnr2_label_alt_id 
_struct_conn.pdbx_ptnr2_PDB_ins_code 
_struct_conn.ptnr1_auth_asym_id 
_struct_conn.ptnr1_auth_comp_id 
_struct_conn.ptnr1_auth_seq_id 
_struct_conn.ptnr2_auth_asym_id 
_struct_conn.ptnr2_auth_comp_id 
_struct_conn.ptnr2_auth_seq_id 
_struct_conn.ptnr2_symmetry 
_struct_conn.pdbx_ptnr3_label_atom_id 
_struct_conn.pdbx_ptnr3_label_seq_id 
_struct_conn.pdbx_ptnr3_label_comp_id 
_struct_conn.pdbx_ptnr3_label_asym_id 
_struct_conn.pdbx_ptnr3_label_alt_id 
_struct_conn.pdbx_ptnr3_PDB_ins_code 
_struct_conn.details 
_struct_conn.pdbx_dist_value 
_struct_conn.pdbx_value_order 
_struct_conn.pdbx_role 
disulf1 disulf ? ? A CYS 21 SG ? ? ? 1_555 A CYS 48 SG  ? ? A CYS 21 A CYS 48  1_555 ? ? ? ? ? ? ? 2.040 ? ? 
disulf2 disulf ? ? B CYS 21 SG ? ? ? 1_555 B CYS 48 SG  ? ? C CYS 21 C CYS 48  1_555 ? ? ? ? ? ? ? 2.036 ? ? 
metalc1 metalc ? ? A CYS 11 SG ? ? ? 1_555 E F3S .  FE1 ? ? A CYS 11 A F3S 70  1_555 ? ? ? ? ? ? ? 2.417 ? ? 
metalc2 metalc ? ? A CYS 17 SG ? ? ? 1_555 E F3S .  FE3 ? ? A CYS 17 A F3S 70  1_555 ? ? ? ? ? ? ? 2.229 ? ? 
metalc3 metalc ? ? A CYS 56 SG ? ? ? 1_555 E F3S .  FE4 ? ? A CYS 56 A F3S 70  1_555 ? ? ? ? ? ? ? 2.263 ? ? 
metalc4 metalc ? ? D 3CO .  CO ? ? ? 1_555 I HOH .  O   ? ? A 3CO 74 A HOH 104 1_555 ? ? ? ? ? ? ? 2.453 ? ? 
metalc5 metalc ? ? B CYS 11 SG ? ? ? 1_555 H F3S .  FE1 ? ? C CYS 11 C F3S 71  1_555 ? ? ? ? ? ? ? 2.662 ? ? 
metalc6 metalc ? ? B CYS 17 SG ? ? ? 1_555 H F3S .  FE3 ? ? C CYS 17 C F3S 71  1_555 ? ? ? ? ? ? ? 2.235 ? ? 
metalc7 metalc ? ? B CYS 56 SG ? ? ? 1_555 H F3S .  FE4 ? ? C CYS 56 C F3S 71  1_555 ? ? ? ? ? ? ? 2.339 ? ? 
metalc8 metalc ? ? G 3CO .  CO ? ? ? 1_555 J HOH .  O   ? ? C 3CO 75 C HOH 87  1_555 ? ? ? ? ? ? ? 2.041 ? ? 
# 
loop_
_struct_conn_type.id 
_struct_conn_type.criteria 
_struct_conn_type.reference 
disulf ? ? 
metalc ? ? 
# 
loop_
_pdbx_struct_conn_angle.id 
_pdbx_struct_conn_angle.ptnr1_label_atom_id 
_pdbx_struct_conn_angle.ptnr1_label_alt_id 
_pdbx_struct_conn_angle.ptnr1_label_asym_id 
_pdbx_struct_conn_angle.ptnr1_label_comp_id 
_pdbx_struct_conn_angle.ptnr1_label_seq_id 
_pdbx_struct_conn_angle.ptnr1_auth_atom_id 
_pdbx_struct_conn_angle.ptnr1_auth_asym_id 
_pdbx_struct_conn_angle.ptnr1_auth_comp_id 
_pdbx_struct_conn_angle.ptnr1_auth_seq_id 
_pdbx_struct_conn_angle.ptnr1_PDB_ins_code 
_pdbx_struct_conn_angle.ptnr1_symmetry 
_pdbx_struct_conn_angle.ptnr2_label_atom_id 
_pdbx_struct_conn_angle.ptnr2_label_alt_id 
_pdbx_struct_conn_angle.ptnr2_label_asym_id 
_pdbx_struct_conn_angle.ptnr2_label_comp_id 
_pdbx_struct_conn_angle.ptnr2_label_seq_id 
_pdbx_struct_conn_angle.ptnr2_auth_atom_id 
_pdbx_struct_conn_angle.ptnr2_auth_asym_id 
_pdbx_struct_conn_angle.ptnr2_auth_comp_id 
_pdbx_struct_conn_angle.ptnr2_auth_seq_id 
_pdbx_struct_conn_angle.ptnr2_PDB_ins_code 
_pdbx_struct_conn_angle.ptnr2_symmetry 
_pdbx_struct_conn_angle.ptnr3_label_atom_id 
_pdbx_struct_conn_angle.ptnr3_label_alt_id 
_pdbx_struct_conn_angle.ptnr3_label_asym_id 
_pdbx_struct_conn_angle.ptnr3_label_comp_id 
_pdbx_struct_conn_angle.ptnr3_label_seq_id 
_pdbx_struct_conn_angle.ptnr3_auth_atom_id 
_pdbx_struct_conn_angle.ptnr3_auth_asym_id 
_pdbx_struct_conn_angle.ptnr3_auth_comp_id 
_pdbx_struct_conn_angle.ptnr3_auth_seq_id 
_pdbx_struct_conn_angle.ptnr3_PDB_ins_code 
_pdbx_struct_conn_angle.ptnr3_symmetry 
_pdbx_struct_conn_angle.value 
_pdbx_struct_conn_angle.value_esd 
1  SG ? A CYS 11 ? A CYS 11 ? 1_555 FE1 ? E F3S . ? A F3S 70 ? 1_555 S1 ? E F3S . ? A F3S 70 ? 1_555 103.1 ? 
2  SG ? A CYS 11 ? A CYS 11 ? 1_555 FE1 ? E F3S . ? A F3S 70 ? 1_555 S2 ? E F3S . ? A F3S 70 ? 1_555 111.8 ? 
3  S1 ? E F3S .  ? A F3S 70 ? 1_555 FE1 ? E F3S . ? A F3S 70 ? 1_555 S2 ? E F3S . ? A F3S 70 ? 1_555 108.5 ? 
4  SG ? A CYS 11 ? A CYS 11 ? 1_555 FE1 ? E F3S . ? A F3S 70 ? 1_555 S3 ? E F3S . ? A F3S 70 ? 1_555 123.4 ? 
5  S1 ? E F3S .  ? A F3S 70 ? 1_555 FE1 ? E F3S . ? A F3S 70 ? 1_555 S3 ? E F3S . ? A F3S 70 ? 1_555 104.6 ? 
6  S2 ? E F3S .  ? A F3S 70 ? 1_555 FE1 ? E F3S . ? A F3S 70 ? 1_555 S3 ? E F3S . ? A F3S 70 ? 1_555 104.6 ? 
7  SG ? A CYS 17 ? A CYS 17 ? 1_555 FE3 ? E F3S . ? A F3S 70 ? 1_555 S1 ? E F3S . ? A F3S 70 ? 1_555 111.0 ? 
8  SG ? A CYS 17 ? A CYS 17 ? 1_555 FE3 ? E F3S . ? A F3S 70 ? 1_555 S3 ? E F3S . ? A F3S 70 ? 1_555 114.2 ? 
9  S1 ? E F3S .  ? A F3S 70 ? 1_555 FE3 ? E F3S . ? A F3S 70 ? 1_555 S3 ? E F3S . ? A F3S 70 ? 1_555 101.8 ? 
10 SG ? A CYS 17 ? A CYS 17 ? 1_555 FE3 ? E F3S . ? A F3S 70 ? 1_555 S4 ? E F3S . ? A F3S 70 ? 1_555 117.7 ? 
11 S1 ? E F3S .  ? A F3S 70 ? 1_555 FE3 ? E F3S . ? A F3S 70 ? 1_555 S4 ? E F3S . ? A F3S 70 ? 1_555 109.3 ? 
12 S3 ? E F3S .  ? A F3S 70 ? 1_555 FE3 ? E F3S . ? A F3S 70 ? 1_555 S4 ? E F3S . ? A F3S 70 ? 1_555 101.3 ? 
13 SG ? A CYS 56 ? A CYS 56 ? 1_555 FE4 ? E F3S . ? A F3S 70 ? 1_555 S2 ? E F3S . ? A F3S 70 ? 1_555 112.7 ? 
14 SG ? A CYS 56 ? A CYS 56 ? 1_555 FE4 ? E F3S . ? A F3S 70 ? 1_555 S3 ? E F3S . ? A F3S 70 ? 1_555 111.1 ? 
15 S2 ? E F3S .  ? A F3S 70 ? 1_555 FE4 ? E F3S . ? A F3S 70 ? 1_555 S3 ? E F3S . ? A F3S 70 ? 1_555 104.9 ? 
16 SG ? A CYS 56 ? A CYS 56 ? 1_555 FE4 ? E F3S . ? A F3S 70 ? 1_555 S4 ? E F3S . ? A F3S 70 ? 1_555 120.1 ? 
17 S2 ? E F3S .  ? A F3S 70 ? 1_555 FE4 ? E F3S . ? A F3S 70 ? 1_555 S4 ? E F3S . ? A F3S 70 ? 1_555 103.2 ? 
18 S3 ? E F3S .  ? A F3S 70 ? 1_555 FE4 ? E F3S . ? A F3S 70 ? 1_555 S4 ? E F3S . ? A F3S 70 ? 1_555 103.5 ? 
19 SG ? B CYS 11 ? C CYS 11 ? 1_555 FE1 ? H F3S . ? C F3S 71 ? 1_555 S1 ? H F3S . ? C F3S 71 ? 1_555 103.8 ? 
20 SG ? B CYS 11 ? C CYS 11 ? 1_555 FE1 ? H F3S . ? C F3S 71 ? 1_555 S2 ? H F3S . ? C F3S 71 ? 1_555 108.9 ? 
21 S1 ? H F3S .  ? C F3S 71 ? 1_555 FE1 ? H F3S . ? C F3S 71 ? 1_555 S2 ? H F3S . ? C F3S 71 ? 1_555 108.6 ? 
22 SG ? B CYS 11 ? C CYS 11 ? 1_555 FE1 ? H F3S . ? C F3S 71 ? 1_555 S3 ? H F3S . ? C F3S 71 ? 1_555 126.3 ? 
23 S1 ? H F3S .  ? C F3S 71 ? 1_555 FE1 ? H F3S . ? C F3S 71 ? 1_555 S3 ? H F3S . ? C F3S 71 ? 1_555 103.7 ? 
24 S2 ? H F3S .  ? C F3S 71 ? 1_555 FE1 ? H F3S . ? C F3S 71 ? 1_555 S3 ? H F3S . ? C F3S 71 ? 1_555 104.6 ? 
25 SG ? B CYS 17 ? C CYS 17 ? 1_555 FE3 ? H F3S . ? C F3S 71 ? 1_555 S1 ? H F3S . ? C F3S 71 ? 1_555 111.5 ? 
26 SG ? B CYS 17 ? C CYS 17 ? 1_555 FE3 ? H F3S . ? C F3S 71 ? 1_555 S3 ? H F3S . ? C F3S 71 ? 1_555 108.3 ? 
27 S1 ? H F3S .  ? C F3S 71 ? 1_555 FE3 ? H F3S . ? C F3S 71 ? 1_555 S3 ? H F3S . ? C F3S 71 ? 1_555 100.7 ? 
28 SG ? B CYS 17 ? C CYS 17 ? 1_555 FE3 ? H F3S . ? C F3S 71 ? 1_555 S4 ? H F3S . ? C F3S 71 ? 1_555 121.5 ? 
29 S1 ? H F3S .  ? C F3S 71 ? 1_555 FE3 ? H F3S . ? C F3S 71 ? 1_555 S4 ? H F3S . ? C F3S 71 ? 1_555 111.0 ? 
30 S3 ? H F3S .  ? C F3S 71 ? 1_555 FE3 ? H F3S . ? C F3S 71 ? 1_555 S4 ? H F3S . ? C F3S 71 ? 1_555 101.2 ? 
31 SG ? B CYS 56 ? C CYS 56 ? 1_555 FE4 ? H F3S . ? C F3S 71 ? 1_555 S2 ? H F3S . ? C F3S 71 ? 1_555 111.9 ? 
32 SG ? B CYS 56 ? C CYS 56 ? 1_555 FE4 ? H F3S . ? C F3S 71 ? 1_555 S3 ? H F3S . ? C F3S 71 ? 1_555 115.9 ? 
33 S2 ? H F3S .  ? C F3S 71 ? 1_555 FE4 ? H F3S . ? C F3S 71 ? 1_555 S3 ? H F3S . ? C F3S 71 ? 1_555 106.3 ? 
34 SG ? B CYS 56 ? C CYS 56 ? 1_555 FE4 ? H F3S . ? C F3S 71 ? 1_555 S4 ? H F3S . ? C F3S 71 ? 1_555 116.7 ? 
35 S2 ? H F3S .  ? C F3S 71 ? 1_555 FE4 ? H F3S . ? C F3S 71 ? 1_555 S4 ? H F3S . ? C F3S 71 ? 1_555 100.6 ? 
36 S3 ? H F3S .  ? C F3S 71 ? 1_555 FE4 ? H F3S . ? C F3S 71 ? 1_555 S4 ? H F3S . ? C F3S 71 ? 1_555 103.8 ? 
# 
loop_
_pdbx_modification_feature.ordinal 
_pdbx_modification_feature.label_comp_id 
_pdbx_modification_feature.label_asym_id 
_pdbx_modification_feature.label_seq_id 
_pdbx_modification_feature.label_alt_id 
_pdbx_modification_feature.modified_residue_label_comp_id 
_pdbx_modification_feature.modified_residue_label_asym_id 
_pdbx_modification_feature.modified_residue_label_seq_id 
_pdbx_modification_feature.modified_residue_label_alt_id 
_pdbx_modification_feature.auth_comp_id 
_pdbx_modification_feature.auth_asym_id 
_pdbx_modification_feature.auth_seq_id 
_pdbx_modification_feature.PDB_ins_code 
_pdbx_modification_feature.symmetry 
_pdbx_modification_feature.modified_residue_auth_comp_id 
_pdbx_modification_feature.modified_residue_auth_asym_id 
_pdbx_modification_feature.modified_residue_auth_seq_id 
_pdbx_modification_feature.modified_residue_PDB_ins_code 
_pdbx_modification_feature.modified_residue_symmetry 
_pdbx_modification_feature.comp_id_linking_atom 
_pdbx_modification_feature.modified_residue_id_linking_atom 
_pdbx_modification_feature.modified_residue_id 
_pdbx_modification_feature.ref_pcm_id 
_pdbx_modification_feature.ref_comp_id 
_pdbx_modification_feature.type 
_pdbx_modification_feature.category 
1 CYS A 21 ? CYS A 48 ? CYS A 21 ? 1_555 CYS A 48 ? 1_555 SG SG . . . None 'Disulfide bridge' 
2 CYS B 21 ? CYS B 48 ? CYS C 21 ? 1_555 CYS C 48 ? 1_555 SG SG . . . None 'Disulfide bridge' 
# 
loop_
_struct_sheet.id 
_struct_sheet.type 
_struct_sheet.number_strands 
_struct_sheet.details 
A ? 4 ? 
B ? 2 ? 
C ? 2 ? 
# 
loop_
_struct_sheet_order.sheet_id 
_struct_sheet_order.range_id_1 
_struct_sheet_order.range_id_2 
_struct_sheet_order.offset 
_struct_sheet_order.sense 
A 1 2 ? anti-parallel 
A 2 3 ? anti-parallel 
A 3 4 ? anti-parallel 
B 1 2 ? anti-parallel 
C 1 2 ? anti-parallel 
# 
loop_
_struct_sheet_range.sheet_id 
_struct_sheet_range.id 
_struct_sheet_range.beg_label_comp_id 
_struct_sheet_range.beg_label_asym_id 
_struct_sheet_range.beg_label_seq_id 
_struct_sheet_range.pdbx_beg_PDB_ins_code 
_struct_sheet_range.end_label_comp_id 
_struct_sheet_range.end_label_asym_id 
_struct_sheet_range.end_label_seq_id 
_struct_sheet_range.pdbx_end_PDB_ins_code 
_struct_sheet_range.beg_auth_comp_id 
_struct_sheet_range.beg_auth_asym_id 
_struct_sheet_range.beg_auth_seq_id 
_struct_sheet_range.end_auth_comp_id 
_struct_sheet_range.end_auth_asym_id 
_struct_sheet_range.end_auth_seq_id 
A 1 TRP A 2  ? VAL A 6  ? TRP A 2  VAL A 6  
A 2 ILE A 61 ? GLU A 65 ? ILE A 61 GLU A 65 
A 3 ILE B 61 ? GLU B 65 ? ILE C 61 GLU C 65 
A 4 TRP B 2  ? VAL B 6  ? TRP C 2  VAL C 6  
B 1 PHE A 25 ? MET A 27 ? PHE A 25 MET A 27 
B 2 ALA A 33 ? PRO A 35 ? ALA A 33 PRO A 35 
C 1 PHE B 25 ? MET B 27 ? PHE C 25 MET C 27 
C 2 ALA B 33 ? PRO B 35 ? ALA C 33 PRO C 35 
# 
loop_
_pdbx_struct_sheet_hbond.sheet_id 
_pdbx_struct_sheet_hbond.range_id_1 
_pdbx_struct_sheet_hbond.range_id_2 
_pdbx_struct_sheet_hbond.range_1_label_atom_id 
_pdbx_struct_sheet_hbond.range_1_label_comp_id 
_pdbx_struct_sheet_hbond.range_1_label_asym_id 
_pdbx_struct_sheet_hbond.range_1_label_seq_id 
_pdbx_struct_sheet_hbond.range_1_PDB_ins_code 
_pdbx_struct_sheet_hbond.range_1_auth_atom_id 
_pdbx_struct_sheet_hbond.range_1_auth_comp_id 
_pdbx_struct_sheet_hbond.range_1_auth_asym_id 
_pdbx_struct_sheet_hbond.range_1_auth_seq_id 
_pdbx_struct_sheet_hbond.range_2_label_atom_id 
_pdbx_struct_sheet_hbond.range_2_label_comp_id 
_pdbx_struct_sheet_hbond.range_2_label_asym_id 
_pdbx_struct_sheet_hbond.range_2_label_seq_id 
_pdbx_struct_sheet_hbond.range_2_PDB_ins_code 
_pdbx_struct_sheet_hbond.range_2_auth_atom_id 
_pdbx_struct_sheet_hbond.range_2_auth_comp_id 
_pdbx_struct_sheet_hbond.range_2_auth_asym_id 
_pdbx_struct_sheet_hbond.range_2_auth_seq_id 
A 1 2 N LYS A 3  ? N LYS A 3  O GLU A 64 ? O GLU A 64 
A 2 3 N GLU A 65 ? N GLU A 65 O ILE B 63 ? O ILE C 63 
A 3 4 O GLU B 64 ? O GLU C 64 N LYS B 3  ? N LYS C 3  
B 1 2 N GLU A 26 ? N GLU A 26 O GLN A 34 ? O GLN A 34 
C 1 2 N GLU B 26 ? N GLU C 26 O GLN B 34 ? O GLN C 34 
# 
loop_
_struct_site.id 
_struct_site.pdbx_evidence_code 
_struct_site.pdbx_auth_asym_id 
_struct_site.pdbx_auth_comp_id 
_struct_site.pdbx_auth_seq_id 
_struct_site.pdbx_auth_ins_code 
_struct_site.pdbx_num_residues 
_struct_site.details 
AC1 Software A 3CO 74 ? 2 'BINDING SITE FOR RESIDUE 3CO A 74' 
AC2 Software C 3CO 75 ? 2 'BINDING SITE FOR RESIDUE 3CO C 75' 
AC3 Software A F3S 70 ? 8 'BINDING SITE FOR RESIDUE F3S A 70' 
AC4 Software C F3S 71 ? 8 'BINDING SITE FOR RESIDUE F3S C 71' 
# 
loop_
_struct_site_gen.id 
_struct_site_gen.site_id 
_struct_site_gen.pdbx_num_res 
_struct_site_gen.label_comp_id 
_struct_site_gen.label_asym_id 
_struct_site_gen.label_seq_id 
_struct_site_gen.pdbx_auth_ins_code 
_struct_site_gen.auth_comp_id 
_struct_site_gen.auth_asym_id 
_struct_site_gen.auth_seq_id 
_struct_site_gen.label_atom_id 
_struct_site_gen.label_alt_id 
_struct_site_gen.symmetry 
_struct_site_gen.details 
1  AC1 2 HOH I .  ? HOH A 104 . ? 1_555 ? 
2  AC1 2 ILE B 12 ? ILE C 12  . ? 1_455 ? 
3  AC2 2 ILE A 12 ? ILE A 12  . ? 1_655 ? 
4  AC2 2 HOH J .  ? HOH C 87  . ? 1_555 ? 
5  AC3 8 CYS A 11 ? CYS A 11  . ? 1_555 ? 
6  AC3 8 ILE A 12 ? ILE A 12  . ? 1_555 ? 
7  AC3 8 ASP A 14 ? ASP A 14  . ? 1_555 ? 
8  AC3 8 ALA A 15 ? ALA A 15  . ? 1_555 ? 
9  AC3 8 ILE A 16 ? ILE A 16  . ? 1_555 ? 
10 AC3 8 CYS A 17 ? CYS A 17  . ? 1_555 ? 
11 AC3 8 ALA A 33 ? ALA A 33  . ? 1_555 ? 
12 AC3 8 CYS A 56 ? CYS A 56  . ? 1_555 ? 
13 AC4 8 CYS B 11 ? CYS C 11  . ? 1_555 ? 
14 AC4 8 ILE B 12 ? ILE C 12  . ? 1_555 ? 
15 AC4 8 ASP B 14 ? ASP C 14  . ? 1_555 ? 
16 AC4 8 ALA B 15 ? ALA C 15  . ? 1_555 ? 
17 AC4 8 ILE B 16 ? ILE C 16  . ? 1_555 ? 
18 AC4 8 CYS B 17 ? CYS C 17  . ? 1_555 ? 
19 AC4 8 ALA B 33 ? ALA C 33  . ? 1_555 ? 
20 AC4 8 CYS B 56 ? CYS C 56  . ? 1_555 ? 
# 
_pdbx_entry_details.entry_id                   1SIZ 
_pdbx_entry_details.compound_details           ? 
_pdbx_entry_details.source_details             ? 
_pdbx_entry_details.nonpolymer_details         ? 
_pdbx_entry_details.sequence_details           ? 
_pdbx_entry_details.has_ligand_of_interest     ? 
_pdbx_entry_details.has_protein_modification   Y 
# 
loop_
_pdbx_validate_rmsd_angle.id 
_pdbx_validate_rmsd_angle.PDB_model_num 
_pdbx_validate_rmsd_angle.auth_atom_id_1 
_pdbx_validate_rmsd_angle.auth_asym_id_1 
_pdbx_validate_rmsd_angle.auth_comp_id_1 
_pdbx_validate_rmsd_angle.auth_seq_id_1 
_pdbx_validate_rmsd_angle.PDB_ins_code_1 
_pdbx_validate_rmsd_angle.label_alt_id_1 
_pdbx_validate_rmsd_angle.auth_atom_id_2 
_pdbx_validate_rmsd_angle.auth_asym_id_2 
_pdbx_validate_rmsd_angle.auth_comp_id_2 
_pdbx_validate_rmsd_angle.auth_seq_id_2 
_pdbx_validate_rmsd_angle.PDB_ins_code_2 
_pdbx_validate_rmsd_angle.label_alt_id_2 
_pdbx_validate_rmsd_angle.auth_atom_id_3 
_pdbx_validate_rmsd_angle.auth_asym_id_3 
_pdbx_validate_rmsd_angle.auth_comp_id_3 
_pdbx_validate_rmsd_angle.auth_seq_id_3 
_pdbx_validate_rmsd_angle.PDB_ins_code_3 
_pdbx_validate_rmsd_angle.label_alt_id_3 
_pdbx_validate_rmsd_angle.angle_value 
_pdbx_validate_rmsd_angle.angle_target_value 
_pdbx_validate_rmsd_angle.angle_deviation 
_pdbx_validate_rmsd_angle.angle_standard_deviation 
_pdbx_validate_rmsd_angle.linker_flag 
1 1 CA A CYS 21 ? ? CB A CYS 21 ? ? SG A CYS 21 ? ? 120.88 114.20 6.68  1.10 N 
2 1 CA A CYS 48 ? ? CB A CYS 48 ? ? SG A CYS 48 ? ? 125.46 114.20 11.26 1.10 N 
3 1 CA C CYS 48 ? ? CB C CYS 48 ? ? SG C CYS 48 ? ? 125.18 114.20 10.98 1.10 N 
# 
loop_
_chem_comp_atom.comp_id 
_chem_comp_atom.atom_id 
_chem_comp_atom.type_symbol 
_chem_comp_atom.pdbx_aromatic_flag 
_chem_comp_atom.pdbx_stereo_config 
_chem_comp_atom.pdbx_ordinal 
3CO CO   CO N N 1   
ALA N    N  N N 2   
ALA CA   C  N S 3   
ALA C    C  N N 4   
ALA O    O  N N 5   
ALA CB   C  N N 6   
ALA OXT  O  N N 7   
ALA H    H  N N 8   
ALA H2   H  N N 9   
ALA HA   H  N N 10  
ALA HB1  H  N N 11  
ALA HB2  H  N N 12  
ALA HB3  H  N N 13  
ALA HXT  H  N N 14  
ASN N    N  N N 15  
ASN CA   C  N S 16  
ASN C    C  N N 17  
ASN O    O  N N 18  
ASN CB   C  N N 19  
ASN CG   C  N N 20  
ASN OD1  O  N N 21  
ASN ND2  N  N N 22  
ASN OXT  O  N N 23  
ASN H    H  N N 24  
ASN H2   H  N N 25  
ASN HA   H  N N 26  
ASN HB2  H  N N 27  
ASN HB3  H  N N 28  
ASN HD21 H  N N 29  
ASN HD22 H  N N 30  
ASN HXT  H  N N 31  
ASP N    N  N N 32  
ASP CA   C  N S 33  
ASP C    C  N N 34  
ASP O    O  N N 35  
ASP CB   C  N N 36  
ASP CG   C  N N 37  
ASP OD1  O  N N 38  
ASP OD2  O  N N 39  
ASP OXT  O  N N 40  
ASP H    H  N N 41  
ASP H2   H  N N 42  
ASP HA   H  N N 43  
ASP HB2  H  N N 44  
ASP HB3  H  N N 45  
ASP HD2  H  N N 46  
ASP HXT  H  N N 47  
CYS N    N  N N 48  
CYS CA   C  N R 49  
CYS C    C  N N 50  
CYS O    O  N N 51  
CYS CB   C  N N 52  
CYS SG   S  N N 53  
CYS OXT  O  N N 54  
CYS H    H  N N 55  
CYS H2   H  N N 56  
CYS HA   H  N N 57  
CYS HB2  H  N N 58  
CYS HB3  H  N N 59  
CYS HG   H  N N 60  
CYS HXT  H  N N 61  
F3S FE1  FE N N 62  
F3S FE3  FE N N 63  
F3S FE4  FE N N 64  
F3S S1   S  N N 65  
F3S S2   S  N N 66  
F3S S3   S  N N 67  
F3S S4   S  N N 68  
GLN N    N  N N 69  
GLN CA   C  N S 70  
GLN C    C  N N 71  
GLN O    O  N N 72  
GLN CB   C  N N 73  
GLN CG   C  N N 74  
GLN CD   C  N N 75  
GLN OE1  O  N N 76  
GLN NE2  N  N N 77  
GLN OXT  O  N N 78  
GLN H    H  N N 79  
GLN H2   H  N N 80  
GLN HA   H  N N 81  
GLN HB2  H  N N 82  
GLN HB3  H  N N 83  
GLN HG2  H  N N 84  
GLN HG3  H  N N 85  
GLN HE21 H  N N 86  
GLN HE22 H  N N 87  
GLN HXT  H  N N 88  
GLU N    N  N N 89  
GLU CA   C  N S 90  
GLU C    C  N N 91  
GLU O    O  N N 92  
GLU CB   C  N N 93  
GLU CG   C  N N 94  
GLU CD   C  N N 95  
GLU OE1  O  N N 96  
GLU OE2  O  N N 97  
GLU OXT  O  N N 98  
GLU H    H  N N 99  
GLU H2   H  N N 100 
GLU HA   H  N N 101 
GLU HB2  H  N N 102 
GLU HB3  H  N N 103 
GLU HG2  H  N N 104 
GLU HG3  H  N N 105 
GLU HE2  H  N N 106 
GLU HXT  H  N N 107 
GLY N    N  N N 108 
GLY CA   C  N N 109 
GLY C    C  N N 110 
GLY O    O  N N 111 
GLY OXT  O  N N 112 
GLY H    H  N N 113 
GLY H2   H  N N 114 
GLY HA2  H  N N 115 
GLY HA3  H  N N 116 
GLY HXT  H  N N 117 
HOH O    O  N N 118 
HOH H1   H  N N 119 
HOH H2   H  N N 120 
ILE N    N  N N 121 
ILE CA   C  N S 122 
ILE C    C  N N 123 
ILE O    O  N N 124 
ILE CB   C  N S 125 
ILE CG1  C  N N 126 
ILE CG2  C  N N 127 
ILE CD1  C  N N 128 
ILE OXT  O  N N 129 
ILE H    H  N N 130 
ILE H2   H  N N 131 
ILE HA   H  N N 132 
ILE HB   H  N N 133 
ILE HG12 H  N N 134 
ILE HG13 H  N N 135 
ILE HG21 H  N N 136 
ILE HG22 H  N N 137 
ILE HG23 H  N N 138 
ILE HD11 H  N N 139 
ILE HD12 H  N N 140 
ILE HD13 H  N N 141 
ILE HXT  H  N N 142 
LEU N    N  N N 143 
LEU CA   C  N S 144 
LEU C    C  N N 145 
LEU O    O  N N 146 
LEU CB   C  N N 147 
LEU CG   C  N N 148 
LEU CD1  C  N N 149 
LEU CD2  C  N N 150 
LEU OXT  O  N N 151 
LEU H    H  N N 152 
LEU H2   H  N N 153 
LEU HA   H  N N 154 
LEU HB2  H  N N 155 
LEU HB3  H  N N 156 
LEU HG   H  N N 157 
LEU HD11 H  N N 158 
LEU HD12 H  N N 159 
LEU HD13 H  N N 160 
LEU HD21 H  N N 161 
LEU HD22 H  N N 162 
LEU HD23 H  N N 163 
LEU HXT  H  N N 164 
LYS N    N  N N 165 
LYS CA   C  N S 166 
LYS C    C  N N 167 
LYS O    O  N N 168 
LYS CB   C  N N 169 
LYS CG   C  N N 170 
LYS CD   C  N N 171 
LYS CE   C  N N 172 
LYS NZ   N  N N 173 
LYS OXT  O  N N 174 
LYS H    H  N N 175 
LYS H2   H  N N 176 
LYS HA   H  N N 177 
LYS HB2  H  N N 178 
LYS HB3  H  N N 179 
LYS HG2  H  N N 180 
LYS HG3  H  N N 181 
LYS HD2  H  N N 182 
LYS HD3  H  N N 183 
LYS HE2  H  N N 184 
LYS HE3  H  N N 185 
LYS HZ1  H  N N 186 
LYS HZ2  H  N N 187 
LYS HZ3  H  N N 188 
LYS HXT  H  N N 189 
MET N    N  N N 190 
MET CA   C  N S 191 
MET C    C  N N 192 
MET O    O  N N 193 
MET CB   C  N N 194 
MET CG   C  N N 195 
MET SD   S  N N 196 
MET CE   C  N N 197 
MET OXT  O  N N 198 
MET H    H  N N 199 
MET H2   H  N N 200 
MET HA   H  N N 201 
MET HB2  H  N N 202 
MET HB3  H  N N 203 
MET HG2  H  N N 204 
MET HG3  H  N N 205 
MET HE1  H  N N 206 
MET HE2  H  N N 207 
MET HE3  H  N N 208 
MET HXT  H  N N 209 
PHE N    N  N N 210 
PHE CA   C  N S 211 
PHE C    C  N N 212 
PHE O    O  N N 213 
PHE CB   C  N N 214 
PHE CG   C  Y N 215 
PHE CD1  C  Y N 216 
PHE CD2  C  Y N 217 
PHE CE1  C  Y N 218 
PHE CE2  C  Y N 219 
PHE CZ   C  Y N 220 
PHE OXT  O  N N 221 
PHE H    H  N N 222 
PHE H2   H  N N 223 
PHE HA   H  N N 224 
PHE HB2  H  N N 225 
PHE HB3  H  N N 226 
PHE HD1  H  N N 227 
PHE HD2  H  N N 228 
PHE HE1  H  N N 229 
PHE HE2  H  N N 230 
PHE HZ   H  N N 231 
PHE HXT  H  N N 232 
PRO N    N  N N 233 
PRO CA   C  N S 234 
PRO C    C  N N 235 
PRO O    O  N N 236 
PRO CB   C  N N 237 
PRO CG   C  N N 238 
PRO CD   C  N N 239 
PRO OXT  O  N N 240 
PRO H    H  N N 241 
PRO HA   H  N N 242 
PRO HB2  H  N N 243 
PRO HB3  H  N N 244 
PRO HG2  H  N N 245 
PRO HG3  H  N N 246 
PRO HD2  H  N N 247 
PRO HD3  H  N N 248 
PRO HXT  H  N N 249 
SER N    N  N N 250 
SER CA   C  N S 251 
SER C    C  N N 252 
SER O    O  N N 253 
SER CB   C  N N 254 
SER OG   O  N N 255 
SER OXT  O  N N 256 
SER H    H  N N 257 
SER H2   H  N N 258 
SER HA   H  N N 259 
SER HB2  H  N N 260 
SER HB3  H  N N 261 
SER HG   H  N N 262 
SER HXT  H  N N 263 
THR N    N  N N 264 
THR CA   C  N S 265 
THR C    C  N N 266 
THR O    O  N N 267 
THR CB   C  N R 268 
THR OG1  O  N N 269 
THR CG2  C  N N 270 
THR OXT  O  N N 271 
THR H    H  N N 272 
THR H2   H  N N 273 
THR HA   H  N N 274 
THR HB   H  N N 275 
THR HG1  H  N N 276 
THR HG21 H  N N 277 
THR HG22 H  N N 278 
THR HG23 H  N N 279 
THR HXT  H  N N 280 
TRP N    N  N N 281 
TRP CA   C  N S 282 
TRP C    C  N N 283 
TRP O    O  N N 284 
TRP CB   C  N N 285 
TRP CG   C  Y N 286 
TRP CD1  C  Y N 287 
TRP CD2  C  Y N 288 
TRP NE1  N  Y N 289 
TRP CE2  C  Y N 290 
TRP CE3  C  Y N 291 
TRP CZ2  C  Y N 292 
TRP CZ3  C  Y N 293 
TRP CH2  C  Y N 294 
TRP OXT  O  N N 295 
TRP H    H  N N 296 
TRP H2   H  N N 297 
TRP HA   H  N N 298 
TRP HB2  H  N N 299 
TRP HB3  H  N N 300 
TRP HD1  H  N N 301 
TRP HE1  H  N N 302 
TRP HE3  H  N N 303 
TRP HZ2  H  N N 304 
TRP HZ3  H  N N 305 
TRP HH2  H  N N 306 
TRP HXT  H  N N 307 
TYR N    N  N N 308 
TYR CA   C  N S 309 
TYR C    C  N N 310 
TYR O    O  N N 311 
TYR CB   C  N N 312 
TYR CG   C  Y N 313 
TYR CD1  C  Y N 314 
TYR CD2  C  Y N 315 
TYR CE1  C  Y N 316 
TYR CE2  C  Y N 317 
TYR CZ   C  Y N 318 
TYR OH   O  N N 319 
TYR OXT  O  N N 320 
TYR H    H  N N 321 
TYR H2   H  N N 322 
TYR HA   H  N N 323 
TYR HB2  H  N N 324 
TYR HB3  H  N N 325 
TYR HD1  H  N N 326 
TYR HD2  H  N N 327 
TYR HE1  H  N N 328 
TYR HE2  H  N N 329 
TYR HH   H  N N 330 
TYR HXT  H  N N 331 
VAL N    N  N N 332 
VAL CA   C  N S 333 
VAL C    C  N N 334 
VAL O    O  N N 335 
VAL CB   C  N N 336 
VAL CG1  C  N N 337 
VAL CG2  C  N N 338 
VAL OXT  O  N N 339 
VAL H    H  N N 340 
VAL H2   H  N N 341 
VAL HA   H  N N 342 
VAL HB   H  N N 343 
VAL HG11 H  N N 344 
VAL HG12 H  N N 345 
VAL HG13 H  N N 346 
VAL HG21 H  N N 347 
VAL HG22 H  N N 348 
VAL HG23 H  N N 349 
VAL HXT  H  N N 350 
# 
loop_
_chem_comp_bond.comp_id 
_chem_comp_bond.atom_id_1 
_chem_comp_bond.atom_id_2 
_chem_comp_bond.value_order 
_chem_comp_bond.pdbx_aromatic_flag 
_chem_comp_bond.pdbx_stereo_config 
_chem_comp_bond.pdbx_ordinal 
ALA N   CA   sing N N 1   
ALA N   H    sing N N 2   
ALA N   H2   sing N N 3   
ALA CA  C    sing N N 4   
ALA CA  CB   sing N N 5   
ALA CA  HA   sing N N 6   
ALA C   O    doub N N 7   
ALA C   OXT  sing N N 8   
ALA CB  HB1  sing N N 9   
ALA CB  HB2  sing N N 10  
ALA CB  HB3  sing N N 11  
ALA OXT HXT  sing N N 12  
ASN N   CA   sing N N 13  
ASN N   H    sing N N 14  
ASN N   H2   sing N N 15  
ASN CA  C    sing N N 16  
ASN CA  CB   sing N N 17  
ASN CA  HA   sing N N 18  
ASN C   O    doub N N 19  
ASN C   OXT  sing N N 20  
ASN CB  CG   sing N N 21  
ASN CB  HB2  sing N N 22  
ASN CB  HB3  sing N N 23  
ASN CG  OD1  doub N N 24  
ASN CG  ND2  sing N N 25  
ASN ND2 HD21 sing N N 26  
ASN ND2 HD22 sing N N 27  
ASN OXT HXT  sing N N 28  
ASP N   CA   sing N N 29  
ASP N   H    sing N N 30  
ASP N   H2   sing N N 31  
ASP CA  C    sing N N 32  
ASP CA  CB   sing N N 33  
ASP CA  HA   sing N N 34  
ASP C   O    doub N N 35  
ASP C   OXT  sing N N 36  
ASP CB  CG   sing N N 37  
ASP CB  HB2  sing N N 38  
ASP CB  HB3  sing N N 39  
ASP CG  OD1  doub N N 40  
ASP CG  OD2  sing N N 41  
ASP OD2 HD2  sing N N 42  
ASP OXT HXT  sing N N 43  
CYS N   CA   sing N N 44  
CYS N   H    sing N N 45  
CYS N   H2   sing N N 46  
CYS CA  C    sing N N 47  
CYS CA  CB   sing N N 48  
CYS CA  HA   sing N N 49  
CYS C   O    doub N N 50  
CYS C   OXT  sing N N 51  
CYS CB  SG   sing N N 52  
CYS CB  HB2  sing N N 53  
CYS CB  HB3  sing N N 54  
CYS SG  HG   sing N N 55  
CYS OXT HXT  sing N N 56  
F3S FE1 S1   sing N N 57  
F3S FE1 S2   sing N N 58  
F3S FE1 S3   sing N N 59  
F3S FE3 S1   sing N N 60  
F3S FE3 S3   sing N N 61  
F3S FE3 S4   sing N N 62  
F3S FE4 S2   sing N N 63  
F3S FE4 S3   sing N N 64  
F3S FE4 S4   sing N N 65  
GLN N   CA   sing N N 66  
GLN N   H    sing N N 67  
GLN N   H2   sing N N 68  
GLN CA  C    sing N N 69  
GLN CA  CB   sing N N 70  
GLN CA  HA   sing N N 71  
GLN C   O    doub N N 72  
GLN C   OXT  sing N N 73  
GLN CB  CG   sing N N 74  
GLN CB  HB2  sing N N 75  
GLN CB  HB3  sing N N 76  
GLN CG  CD   sing N N 77  
GLN CG  HG2  sing N N 78  
GLN CG  HG3  sing N N 79  
GLN CD  OE1  doub N N 80  
GLN CD  NE2  sing N N 81  
GLN NE2 HE21 sing N N 82  
GLN NE2 HE22 sing N N 83  
GLN OXT HXT  sing N N 84  
GLU N   CA   sing N N 85  
GLU N   H    sing N N 86  
GLU N   H2   sing N N 87  
GLU CA  C    sing N N 88  
GLU CA  CB   sing N N 89  
GLU CA  HA   sing N N 90  
GLU C   O    doub N N 91  
GLU C   OXT  sing N N 92  
GLU CB  CG   sing N N 93  
GLU CB  HB2  sing N N 94  
GLU CB  HB3  sing N N 95  
GLU CG  CD   sing N N 96  
GLU CG  HG2  sing N N 97  
GLU CG  HG3  sing N N 98  
GLU CD  OE1  doub N N 99  
GLU CD  OE2  sing N N 100 
GLU OE2 HE2  sing N N 101 
GLU OXT HXT  sing N N 102 
GLY N   CA   sing N N 103 
GLY N   H    sing N N 104 
GLY N   H2   sing N N 105 
GLY CA  C    sing N N 106 
GLY CA  HA2  sing N N 107 
GLY CA  HA3  sing N N 108 
GLY C   O    doub N N 109 
GLY C   OXT  sing N N 110 
GLY OXT HXT  sing N N 111 
HOH O   H1   sing N N 112 
HOH O   H2   sing N N 113 
ILE N   CA   sing N N 114 
ILE N   H    sing N N 115 
ILE N   H2   sing N N 116 
ILE CA  C    sing N N 117 
ILE CA  CB   sing N N 118 
ILE CA  HA   sing N N 119 
ILE C   O    doub N N 120 
ILE C   OXT  sing N N 121 
ILE CB  CG1  sing N N 122 
ILE CB  CG2  sing N N 123 
ILE CB  HB   sing N N 124 
ILE CG1 CD1  sing N N 125 
ILE CG1 HG12 sing N N 126 
ILE CG1 HG13 sing N N 127 
ILE CG2 HG21 sing N N 128 
ILE CG2 HG22 sing N N 129 
ILE CG2 HG23 sing N N 130 
ILE CD1 HD11 sing N N 131 
ILE CD1 HD12 sing N N 132 
ILE CD1 HD13 sing N N 133 
ILE OXT HXT  sing N N 134 
LEU N   CA   sing N N 135 
LEU N   H    sing N N 136 
LEU N   H2   sing N N 137 
LEU CA  C    sing N N 138 
LEU CA  CB   sing N N 139 
LEU CA  HA   sing N N 140 
LEU C   O    doub N N 141 
LEU C   OXT  sing N N 142 
LEU CB  CG   sing N N 143 
LEU CB  HB2  sing N N 144 
LEU CB  HB3  sing N N 145 
LEU CG  CD1  sing N N 146 
LEU CG  CD2  sing N N 147 
LEU CG  HG   sing N N 148 
LEU CD1 HD11 sing N N 149 
LEU CD1 HD12 sing N N 150 
LEU CD1 HD13 sing N N 151 
LEU CD2 HD21 sing N N 152 
LEU CD2 HD22 sing N N 153 
LEU CD2 HD23 sing N N 154 
LEU OXT HXT  sing N N 155 
LYS N   CA   sing N N 156 
LYS N   H    sing N N 157 
LYS N   H2   sing N N 158 
LYS CA  C    sing N N 159 
LYS CA  CB   sing N N 160 
LYS CA  HA   sing N N 161 
LYS C   O    doub N N 162 
LYS C   OXT  sing N N 163 
LYS CB  CG   sing N N 164 
LYS CB  HB2  sing N N 165 
LYS CB  HB3  sing N N 166 
LYS CG  CD   sing N N 167 
LYS CG  HG2  sing N N 168 
LYS CG  HG3  sing N N 169 
LYS CD  CE   sing N N 170 
LYS CD  HD2  sing N N 171 
LYS CD  HD3  sing N N 172 
LYS CE  NZ   sing N N 173 
LYS CE  HE2  sing N N 174 
LYS CE  HE3  sing N N 175 
LYS NZ  HZ1  sing N N 176 
LYS NZ  HZ2  sing N N 177 
LYS NZ  HZ3  sing N N 178 
LYS OXT HXT  sing N N 179 
MET N   CA   sing N N 180 
MET N   H    sing N N 181 
MET N   H2   sing N N 182 
MET CA  C    sing N N 183 
MET CA  CB   sing N N 184 
MET CA  HA   sing N N 185 
MET C   O    doub N N 186 
MET C   OXT  sing N N 187 
MET CB  CG   sing N N 188 
MET CB  HB2  sing N N 189 
MET CB  HB3  sing N N 190 
MET CG  SD   sing N N 191 
MET CG  HG2  sing N N 192 
MET CG  HG3  sing N N 193 
MET SD  CE   sing N N 194 
MET CE  HE1  sing N N 195 
MET CE  HE2  sing N N 196 
MET CE  HE3  sing N N 197 
MET OXT HXT  sing N N 198 
PHE N   CA   sing N N 199 
PHE N   H    sing N N 200 
PHE N   H2   sing N N 201 
PHE CA  C    sing N N 202 
PHE CA  CB   sing N N 203 
PHE CA  HA   sing N N 204 
PHE C   O    doub N N 205 
PHE C   OXT  sing N N 206 
PHE CB  CG   sing N N 207 
PHE CB  HB2  sing N N 208 
PHE CB  HB3  sing N N 209 
PHE CG  CD1  doub Y N 210 
PHE CG  CD2  sing Y N 211 
PHE CD1 CE1  sing Y N 212 
PHE CD1 HD1  sing N N 213 
PHE CD2 CE2  doub Y N 214 
PHE CD2 HD2  sing N N 215 
PHE CE1 CZ   doub Y N 216 
PHE CE1 HE1  sing N N 217 
PHE CE2 CZ   sing Y N 218 
PHE CE2 HE2  sing N N 219 
PHE CZ  HZ   sing N N 220 
PHE OXT HXT  sing N N 221 
PRO N   CA   sing N N 222 
PRO N   CD   sing N N 223 
PRO N   H    sing N N 224 
PRO CA  C    sing N N 225 
PRO CA  CB   sing N N 226 
PRO CA  HA   sing N N 227 
PRO C   O    doub N N 228 
PRO C   OXT  sing N N 229 
PRO CB  CG   sing N N 230 
PRO CB  HB2  sing N N 231 
PRO CB  HB3  sing N N 232 
PRO CG  CD   sing N N 233 
PRO CG  HG2  sing N N 234 
PRO CG  HG3  sing N N 235 
PRO CD  HD2  sing N N 236 
PRO CD  HD3  sing N N 237 
PRO OXT HXT  sing N N 238 
SER N   CA   sing N N 239 
SER N   H    sing N N 240 
SER N   H2   sing N N 241 
SER CA  C    sing N N 242 
SER CA  CB   sing N N 243 
SER CA  HA   sing N N 244 
SER C   O    doub N N 245 
SER C   OXT  sing N N 246 
SER CB  OG   sing N N 247 
SER CB  HB2  sing N N 248 
SER CB  HB3  sing N N 249 
SER OG  HG   sing N N 250 
SER OXT HXT  sing N N 251 
THR N   CA   sing N N 252 
THR N   H    sing N N 253 
THR N   H2   sing N N 254 
THR CA  C    sing N N 255 
THR CA  CB   sing N N 256 
THR CA  HA   sing N N 257 
THR C   O    doub N N 258 
THR C   OXT  sing N N 259 
THR CB  OG1  sing N N 260 
THR CB  CG2  sing N N 261 
THR CB  HB   sing N N 262 
THR OG1 HG1  sing N N 263 
THR CG2 HG21 sing N N 264 
THR CG2 HG22 sing N N 265 
THR CG2 HG23 sing N N 266 
THR OXT HXT  sing N N 267 
TRP N   CA   sing N N 268 
TRP N   H    sing N N 269 
TRP N   H2   sing N N 270 
TRP CA  C    sing N N 271 
TRP CA  CB   sing N N 272 
TRP CA  HA   sing N N 273 
TRP C   O    doub N N 274 
TRP C   OXT  sing N N 275 
TRP CB  CG   sing N N 276 
TRP CB  HB2  sing N N 277 
TRP CB  HB3  sing N N 278 
TRP CG  CD1  doub Y N 279 
TRP CG  CD2  sing Y N 280 
TRP CD1 NE1  sing Y N 281 
TRP CD1 HD1  sing N N 282 
TRP CD2 CE2  doub Y N 283 
TRP CD2 CE3  sing Y N 284 
TRP NE1 CE2  sing Y N 285 
TRP NE1 HE1  sing N N 286 
TRP CE2 CZ2  sing Y N 287 
TRP CE3 CZ3  doub Y N 288 
TRP CE3 HE3  sing N N 289 
TRP CZ2 CH2  doub Y N 290 
TRP CZ2 HZ2  sing N N 291 
TRP CZ3 CH2  sing Y N 292 
TRP CZ3 HZ3  sing N N 293 
TRP CH2 HH2  sing N N 294 
TRP OXT HXT  sing N N 295 
TYR N   CA   sing N N 296 
TYR N   H    sing N N 297 
TYR N   H2   sing N N 298 
TYR CA  C    sing N N 299 
TYR CA  CB   sing N N 300 
TYR CA  HA   sing N N 301 
TYR C   O    doub N N 302 
TYR C   OXT  sing N N 303 
TYR CB  CG   sing N N 304 
TYR CB  HB2  sing N N 305 
TYR CB  HB3  sing N N 306 
TYR CG  CD1  doub Y N 307 
TYR CG  CD2  sing Y N 308 
TYR CD1 CE1  sing Y N 309 
TYR CD1 HD1  sing N N 310 
TYR CD2 CE2  doub Y N 311 
TYR CD2 HD2  sing N N 312 
TYR CE1 CZ   doub Y N 313 
TYR CE1 HE1  sing N N 314 
TYR CE2 CZ   sing Y N 315 
TYR CE2 HE2  sing N N 316 
TYR CZ  OH   sing N N 317 
TYR OH  HH   sing N N 318 
TYR OXT HXT  sing N N 319 
VAL N   CA   sing N N 320 
VAL N   H    sing N N 321 
VAL N   H2   sing N N 322 
VAL CA  C    sing N N 323 
VAL CA  CB   sing N N 324 
VAL CA  HA   sing N N 325 
VAL C   O    doub N N 326 
VAL C   OXT  sing N N 327 
VAL CB  CG1  sing N N 328 
VAL CB  CG2  sing N N 329 
VAL CB  HB   sing N N 330 
VAL CG1 HG11 sing N N 331 
VAL CG1 HG12 sing N N 332 
VAL CG1 HG13 sing N N 333 
VAL CG2 HG21 sing N N 334 
VAL CG2 HG22 sing N N 335 
VAL CG2 HG23 sing N N 336 
VAL OXT HXT  sing N N 337 
# 
_pdbx_initial_refinement_model.id               1 
_pdbx_initial_refinement_model.entity_id_list   ? 
_pdbx_initial_refinement_model.type             'experimental model' 
_pdbx_initial_refinement_model.source_name      PDB 
_pdbx_initial_refinement_model.accession_code   1VJW 
_pdbx_initial_refinement_model.details          'pdb entry 1VJW' 
# 
_atom_sites.entry_id                    1SIZ 
_atom_sites.fract_transf_matrix[1][1]   0.00464149 
_atom_sites.fract_transf_matrix[1][2]   -0.01783607 
_atom_sites.fract_transf_matrix[1][3]   0.01022395 
_atom_sites.fract_transf_matrix[2][1]   -0.00676283 
_atom_sites.fract_transf_matrix[2][2]   0.00766791 
_atom_sites.fract_transf_matrix[2][3]   0.01644716 
_atom_sites.fract_transf_matrix[3][1]   -0.01669673 
_atom_sites.fract_transf_matrix[3][2]   -0.00653419 
_atom_sites.fract_transf_matrix[3][3]   -0.00381912 
_atom_sites.fract_transf_vector[1]      0.691726 
_atom_sites.fract_transf_vector[2]      1.000079 
_atom_sites.fract_transf_vector[3]      0.480479 
# 
loop_
_atom_type.symbol 
C  
CO 
FE 
N  
O  
S  
# 
loop_
_atom_site.group_PDB 
_atom_site.id 
_atom_site.type_symbol 
_atom_site.label_atom_id 
_atom_site.label_alt_id 
_atom_site.label_comp_id 
_atom_site.label_asym_id 
_atom_site.label_entity_id 
_atom_site.label_seq_id 
_atom_site.pdbx_PDB_ins_code 
_atom_site.Cartn_x 
_atom_site.Cartn_y 
_atom_site.Cartn_z 
_atom_site.occupancy 
_atom_site.B_iso_or_equiv 
_atom_site.pdbx_formal_charge 
_atom_site.auth_seq_id 
_atom_site.auth_comp_id 
_atom_site.auth_asym_id 
_atom_site.auth_atom_id 
_atom_site.pdbx_PDB_model_num 
ATOM   1    N  N   . ALA A 1 1  ? 7.345   -3.223  -6.725  1.00 41.13 ? 1   ALA A N   1 
ATOM   2    C  CA  . ALA A 1 1  ? 6.906   -1.906  -7.284  1.00 40.18 ? 1   ALA A CA  1 
ATOM   3    C  C   . ALA A 1 1  ? 5.776   -1.290  -6.457  1.00 39.23 ? 1   ALA A C   1 
ATOM   4    O  O   . ALA A 1 1  ? 5.414   -1.812  -5.400  1.00 36.21 ? 1   ALA A O   1 
ATOM   5    C  CB  . ALA A 1 1  ? 6.455   -2.085  -8.719  1.00 32.90 ? 1   ALA A CB  1 
ATOM   6    N  N   . TRP A 1 2  ? 5.223   -0.181  -6.947  1.00 36.62 ? 2   TRP A N   1 
ATOM   7    C  CA  . TRP A 1 2  ? 4.137   0.508   -6.255  1.00 34.62 ? 2   TRP A CA  1 
ATOM   8    C  C   . TRP A 1 2  ? 2.864   0.622   -7.090  1.00 32.17 ? 2   TRP A C   1 
ATOM   9    O  O   . TRP A 1 2  ? 2.893   0.525   -8.314  1.00 35.39 ? 2   TRP A O   1 
ATOM   10   C  CB  . TRP A 1 2  ? 4.591   1.903   -5.835  1.00 34.17 ? 2   TRP A CB  1 
ATOM   11   C  CG  . TRP A 1 2  ? 5.630   1.887   -4.765  1.00 36.10 ? 2   TRP A CG  1 
ATOM   12   C  CD1 . TRP A 1 2  ? 5.440   1.635   -3.438  1.00 32.38 ? 2   TRP A CD1 1 
ATOM   13   C  CD2 . TRP A 1 2  ? 7.031   2.129   -4.931  1.00 32.16 ? 2   TRP A CD2 1 
ATOM   14   N  NE1 . TRP A 1 2  ? 6.636   1.711   -2.765  1.00 34.14 ? 2   TRP A NE1 1 
ATOM   15   C  CE2 . TRP A 1 2  ? 7.629   2.013   -3.659  1.00 33.57 ? 2   TRP A CE2 1 
ATOM   16   C  CE3 . TRP A 1 2  ? 7.839   2.436   -6.032  1.00 33.26 ? 2   TRP A CE3 1 
ATOM   17   C  CZ2 . TRP A 1 2  ? 9.000   2.193   -3.456  1.00 37.00 ? 2   TRP A CZ2 1 
ATOM   18   C  CZ3 . TRP A 1 2  ? 9.204   2.616   -5.831  1.00 36.15 ? 2   TRP A CZ3 1 
ATOM   19   C  CH2 . TRP A 1 2  ? 9.768   2.496   -4.553  1.00 34.63 ? 2   TRP A CH2 1 
ATOM   20   N  N   . LYS A 1 3  ? 1.750   0.839   -6.407  1.00 27.08 ? 3   LYS A N   1 
ATOM   21   C  CA  . LYS A 1 3  ? 0.454   0.963   -7.051  1.00 28.58 ? 3   LYS A CA  1 
ATOM   22   C  C   . LYS A 1 3  ? -0.314  2.097   -6.375  1.00 28.89 ? 3   LYS A C   1 
ATOM   23   O  O   . LYS A 1 3  ? -0.448  2.129   -5.153  1.00 28.59 ? 3   LYS A O   1 
ATOM   24   C  CB  . LYS A 1 3  ? -0.297  -0.364  -6.920  1.00 30.29 ? 3   LYS A CB  1 
ATOM   25   C  CG  . LYS A 1 3  ? -1.804  -0.278  -7.031  1.00 37.69 ? 3   LYS A CG  1 
ATOM   26   C  CD  . LYS A 1 3  ? -2.276  -0.367  -8.464  1.00 49.08 ? 3   LYS A CD  1 
ATOM   27   C  CE  . LYS A 1 3  ? -3.794  -0.421  -8.512  1.00 49.34 ? 3   LYS A CE  1 
ATOM   28   N  NZ  . LYS A 1 3  ? -4.315  -1.527  -7.662  1.00 47.99 ? 3   LYS A NZ  1 
ATOM   29   N  N   . VAL A 1 4  ? -0.811  3.036   -7.176  1.00 30.08 ? 4   VAL A N   1 
ATOM   30   C  CA  . VAL A 1 4  ? -1.552  4.167   -6.638  1.00 28.58 ? 4   VAL A CA  1 
ATOM   31   C  C   . VAL A 1 4  ? -3.058  4.093   -6.892  1.00 30.83 ? 4   VAL A C   1 
ATOM   32   O  O   . VAL A 1 4  ? -3.512  3.636   -7.940  1.00 27.19 ? 4   VAL A O   1 
ATOM   33   C  CB  . VAL A 1 4  ? -1.022  5.495   -7.212  1.00 24.36 ? 4   VAL A CB  1 
ATOM   34   C  CG1 . VAL A 1 4  ? -1.790  6.651   -6.617  1.00 29.98 ? 4   VAL A CG1 1 
ATOM   35   C  CG2 . VAL A 1 4  ? 0.454   5.647   -6.893  1.00 29.25 ? 4   VAL A CG2 1 
ATOM   36   N  N   . SER A 1 5  ? -3.830  4.553   -5.916  1.00 32.39 ? 5   SER A N   1 
ATOM   37   C  CA  . SER A 1 5  ? -5.278  4.549   -6.036  1.00 36.70 ? 5   SER A CA  1 
ATOM   38   C  C   . SER A 1 5  ? -5.865  5.803   -5.399  1.00 33.97 ? 5   SER A C   1 
ATOM   39   O  O   . SER A 1 5  ? -5.311  6.349   -4.450  1.00 34.40 ? 5   SER A O   1 
ATOM   40   C  CB  . SER A 1 5  ? -5.858  3.311   -5.350  1.00 37.47 ? 5   SER A CB  1 
ATOM   41   O  OG  . SER A 1 5  ? -5.564  3.338   -3.967  1.00 41.48 ? 5   SER A OG  1 
ATOM   42   N  N   . VAL A 1 6  ? -6.987  6.259   -5.937  1.00 34.22 ? 6   VAL A N   1 
ATOM   43   C  CA  . VAL A 1 6  ? -7.666  7.431   -5.403  1.00 32.65 ? 6   VAL A CA  1 
ATOM   44   C  C   . VAL A 1 6  ? -9.091  7.007   -5.088  1.00 33.35 ? 6   VAL A C   1 
ATOM   45   O  O   . VAL A 1 6  ? -9.785  6.465   -5.949  1.00 24.86 ? 6   VAL A O   1 
ATOM   46   C  CB  . VAL A 1 6  ? -7.742  8.586   -6.422  1.00 28.82 ? 6   VAL A CB  1 
ATOM   47   C  CG1 . VAL A 1 6  ? -8.463  9.774   -5.796  1.00 21.66 ? 6   VAL A CG1 1 
ATOM   48   C  CG2 . VAL A 1 6  ? -6.353  8.981   -6.878  1.00 31.34 ? 6   VAL A CG2 1 
ATOM   49   N  N   . ASP A 1 7  ? -9.526  7.244   -3.857  1.00 33.71 ? 7   ASP A N   1 
ATOM   50   C  CA  . ASP A 1 7  ? -10.884 6.885   -3.489  1.00 36.87 ? 7   ASP A CA  1 
ATOM   51   C  C   . ASP A 1 7  ? -11.830 7.892   -4.148  1.00 32.95 ? 7   ASP A C   1 
ATOM   52   O  O   . ASP A 1 7  ? -11.876 9.062   -3.761  1.00 27.36 ? 7   ASP A O   1 
ATOM   53   C  CB  . ASP A 1 7  ? -11.051 6.911   -1.968  1.00 38.44 ? 7   ASP A CB  1 
ATOM   54   C  CG  . ASP A 1 7  ? -12.352 6.277   -1.521  1.00 47.41 ? 7   ASP A CG  1 
ATOM   55   O  OD1 . ASP A 1 7  ? -13.420 6.689   -2.023  1.00 46.90 ? 7   ASP A OD1 1 
ATOM   56   O  OD2 . ASP A 1 7  ? -12.307 5.365   -0.668  1.00 58.30 ? 7   ASP A OD2 1 
ATOM   57   N  N   . GLN A 1 8  ? -12.577 7.428   -5.147  1.00 36.89 ? 8   GLN A N   1 
ATOM   58   C  CA  . GLN A 1 8  ? -13.509 8.281   -5.880  1.00 42.11 ? 8   GLN A CA  1 
ATOM   59   C  C   . GLN A 1 8  ? -14.650 8.855   -5.051  1.00 44.55 ? 8   GLN A C   1 
ATOM   60   O  O   . GLN A 1 8  ? -15.409 9.694   -5.533  1.00 51.26 ? 8   GLN A O   1 
ATOM   61   C  CB  . GLN A 1 8  ? -14.076 7.526   -7.084  1.00 38.56 ? 8   GLN A CB  1 
ATOM   62   C  CG  . GLN A 1 8  ? -13.007 7.093   -8.077  1.00 42.90 ? 8   GLN A CG  1 
ATOM   63   C  CD  . GLN A 1 8  ? -12.142 8.253   -8.553  1.00 45.82 ? 8   GLN A CD  1 
ATOM   64   O  OE1 . GLN A 1 8  ? -12.621 9.168   -9.226  1.00 47.46 ? 8   GLN A OE1 1 
ATOM   65   N  NE2 . GLN A 1 8  ? -10.861 8.221   -8.196  1.00 46.68 ? 8   GLN A NE2 1 
ATOM   66   N  N   . ASP A 1 9  ? -14.767 8.415   -3.806  1.00 43.92 ? 9   ASP A N   1 
ATOM   67   C  CA  . ASP A 1 9  ? -15.815 8.916   -2.931  1.00 50.74 ? 9   ASP A CA  1 
ATOM   68   C  C   . ASP A 1 9  ? -15.272 10.045  -2.059  1.00 50.44 ? 9   ASP A C   1 
ATOM   69   O  O   . ASP A 1 9  ? -15.986 10.998  -1.738  1.00 51.60 ? 9   ASP A O   1 
ATOM   70   C  CB  . ASP A 1 9  ? -16.351 7.786   -2.052  1.00 57.22 ? 9   ASP A CB  1 
ATOM   71   C  CG  . ASP A 1 9  ? -16.880 6.625   -2.866  1.00 64.49 ? 9   ASP A CG  1 
ATOM   72   O  OD1 . ASP A 1 9  ? -17.851 6.830   -3.630  1.00 67.82 ? 9   ASP A OD1 1 
ATOM   73   O  OD2 . ASP A 1 9  ? -16.323 5.511   -2.747  1.00 69.18 ? 9   ASP A OD2 1 
ATOM   74   N  N   . THR A 1 10 ? -13.998 9.933   -1.691  1.00 46.26 ? 10  THR A N   1 
ATOM   75   C  CA  . THR A 1 10 ? -13.341 10.927  -0.852  1.00 42.11 ? 10  THR A CA  1 
ATOM   76   C  C   . THR A 1 10 ? -12.874 12.144  -1.633  1.00 37.48 ? 10  THR A C   1 
ATOM   77   O  O   . THR A 1 10 ? -13.046 13.278  -1.189  1.00 37.24 ? 10  THR A O   1 
ATOM   78   C  CB  . THR A 1 10 ? -12.116 10.336  -0.151  1.00 43.78 ? 10  THR A CB  1 
ATOM   79   O  OG1 . THR A 1 10 ? -12.487 9.118   0.505   1.00 48.06 ? 10  THR A OG1 1 
ATOM   80   C  CG2 . THR A 1 10 ? -11.571 11.320  0.871   1.00 40.82 ? 10  THR A CG2 1 
ATOM   81   N  N   . CYS A 1 11 ? -12.275 11.895  -2.795  1.00 33.00 ? 11  CYS A N   1 
ATOM   82   C  CA  . CYS A 1 11 ? -11.760 12.957  -3.651  1.00 30.84 ? 11  CYS A CA  1 
ATOM   83   C  C   . CYS A 1 11 ? -12.766 14.080  -3.894  1.00 30.93 ? 11  CYS A C   1 
ATOM   84   O  O   . CYS A 1 11 ? -13.962 13.835  -4.091  1.00 28.23 ? 11  CYS A O   1 
ATOM   85   C  CB  . CYS A 1 11 ? -11.301 12.368  -4.990  1.00 27.21 ? 11  CYS A CB  1 
ATOM   86   S  SG  . CYS A 1 11 ? -10.791 13.590  -6.209  1.00 33.34 ? 11  CYS A SG  1 
ATOM   87   N  N   . ILE A 1 12 ? -12.276 15.317  -3.875  1.00 28.14 ? 12  ILE A N   1 
ATOM   88   C  CA  . ILE A 1 12 ? -13.135 16.472  -4.102  1.00 31.92 ? 12  ILE A CA  1 
ATOM   89   C  C   . ILE A 1 12 ? -12.614 17.345  -5.238  1.00 33.89 ? 12  ILE A C   1 
ATOM   90   O  O   . ILE A 1 12 ? -12.958 18.523  -5.339  1.00 37.33 ? 12  ILE A O   1 
ATOM   91   C  CB  . ILE A 1 12 ? -13.284 17.340  -2.828  1.00 28.67 ? 12  ILE A CB  1 
ATOM   92   C  CG1 . ILE A 1 12 ? -11.910 17.830  -2.360  1.00 30.30 ? 12  ILE A CG1 1 
ATOM   93   C  CG2 . ILE A 1 12 ? -13.987 16.540  -1.740  1.00 22.39 ? 12  ILE A CG2 1 
ATOM   94   C  CD1 . ILE A 1 12 ? -11.970 18.845  -1.244  1.00 19.96 ? 12  ILE A CD1 1 
ATOM   95   N  N   . GLY A 1 13 ? -11.784 16.758  -6.094  1.00 33.37 ? 13  GLY A N   1 
ATOM   96   C  CA  . GLY A 1 13 ? -11.238 17.494  -7.219  1.00 33.63 ? 13  GLY A CA  1 
ATOM   97   C  C   . GLY A 1 13 ? -10.394 18.706  -6.861  1.00 30.30 ? 13  GLY A C   1 
ATOM   98   O  O   . GLY A 1 13 ? -10.401 19.705  -7.580  1.00 29.33 ? 13  GLY A O   1 
ATOM   99   N  N   . ASP A 1 14 ? -9.666  18.620  -5.753  1.00 34.65 ? 14  ASP A N   1 
ATOM   100  C  CA  . ASP A 1 14 ? -8.800  19.714  -5.321  1.00 34.58 ? 14  ASP A CA  1 
ATOM   101  C  C   . ASP A 1 14 ? -7.664  19.861  -6.332  1.00 30.73 ? 14  ASP A C   1 
ATOM   102  O  O   . ASP A 1 14 ? -7.199  20.966  -6.594  1.00 31.16 ? 14  ASP A O   1 
ATOM   103  C  CB  . ASP A 1 14 ? -8.244  19.421  -3.924  1.00 41.55 ? 14  ASP A CB  1 
ATOM   104  C  CG  . ASP A 1 14 ? -7.424  20.569  -3.368  1.00 43.84 ? 14  ASP A CG  1 
ATOM   105  O  OD1 . ASP A 1 14 ? -6.230  20.683  -3.719  1.00 51.24 ? 14  ASP A OD1 1 
ATOM   106  O  OD2 . ASP A 1 14 ? -7.979  21.365  -2.584  1.00 49.27 ? 14  ASP A OD2 1 
ATOM   107  N  N   . ALA A 1 15 ? -7.236  18.729  -6.890  1.00 29.01 ? 15  ALA A N   1 
ATOM   108  C  CA  . ALA A 1 15 ? -6.183  18.652  -7.907  1.00 27.66 ? 15  ALA A CA  1 
ATOM   109  C  C   . ALA A 1 15 ? -4.761  19.038  -7.494  1.00 32.58 ? 15  ALA A C   1 
ATOM   110  O  O   . ALA A 1 15 ? -3.916  19.302  -8.355  1.00 35.28 ? 15  ALA A O   1 
ATOM   111  C  CB  . ALA A 1 15 ? -6.594  19.458  -9.147  1.00 22.14 ? 15  ALA A CB  1 
ATOM   112  N  N   . ILE A 1 16 ? -4.478  19.073  -6.196  1.00 36.36 ? 16  ILE A N   1 
ATOM   113  C  CA  . ILE A 1 16 ? -3.129  19.418  -5.765  1.00 38.26 ? 16  ILE A CA  1 
ATOM   114  C  C   . ILE A 1 16 ? -2.212  18.253  -6.115  1.00 38.06 ? 16  ILE A C   1 
ATOM   115  O  O   . ILE A 1 16 ? -1.000  18.420  -6.250  1.00 41.51 ? 16  ILE A O   1 
ATOM   116  C  CB  . ILE A 1 16 ? -3.051  19.691  -4.238  1.00 44.95 ? 16  ILE A CB  1 
ATOM   117  C  CG1 . ILE A 1 16 ? -1.677  20.267  -3.879  1.00 50.30 ? 16  ILE A CG1 1 
ATOM   118  C  CG2 . ILE A 1 16 ? -3.263  18.410  -3.456  1.00 43.97 ? 16  ILE A CG2 1 
ATOM   119  C  CD1 . ILE A 1 16 ? -1.341  21.567  -4.593  1.00 52.52 ? 16  ILE A CD1 1 
ATOM   120  N  N   . CYS A 1 17 ? -2.807  17.072  -6.272  1.00 34.44 ? 17  CYS A N   1 
ATOM   121  C  CA  . CYS A 1 17 ? -2.058  15.873  -6.612  1.00 31.33 ? 17  CYS A CA  1 
ATOM   122  C  C   . CYS A 1 17 ? -1.566  15.922  -8.055  1.00 36.25 ? 17  CYS A C   1 
ATOM   123  O  O   . CYS A 1 17 ? -0.393  15.643  -8.338  1.00 37.42 ? 17  CYS A O   1 
ATOM   124  C  CB  . CYS A 1 17 ? -2.928  14.630  -6.398  1.00 36.22 ? 17  CYS A CB  1 
ATOM   125  S  SG  . CYS A 1 17 ? -4.483  14.564  -7.351  1.00 32.27 ? 17  CYS A SG  1 
ATOM   126  N  N   . ALA A 1 18 ? -2.468  16.276  -8.965  1.00 32.29 ? 18  ALA A N   1 
ATOM   127  C  CA  . ALA A 1 18 ? -2.138  16.369  -10.379 1.00 30.44 ? 18  ALA A CA  1 
ATOM   128  C  C   . ALA A 1 18 ? -1.144  17.506  -10.619 1.00 31.37 ? 18  ALA A C   1 
ATOM   129  O  O   . ALA A 1 18 ? -0.421  17.518  -11.615 1.00 32.40 ? 18  ALA A O   1 
ATOM   130  C  CB  . ALA A 1 18 ? -3.415  16.596  -11.199 1.00 27.55 ? 18  ALA A CB  1 
ATOM   131  N  N   . SER A 1 19 ? -1.115  18.465  -9.704  1.00 32.12 ? 19  SER A N   1 
ATOM   132  C  CA  . SER A 1 19 ? -0.205  19.598  -9.819  1.00 39.65 ? 19  SER A CA  1 
ATOM   133  C  C   . SER A 1 19 ? 1.230   19.182  -9.484  1.00 39.64 ? 19  SER A C   1 
ATOM   134  O  O   . SER A 1 19 ? 2.160   19.444  -10.246 1.00 37.27 ? 19  SER A O   1 
ATOM   135  C  CB  . SER A 1 19 ? -0.655  20.718  -8.878  1.00 42.99 ? 19  SER A CB  1 
ATOM   136  O  OG  . SER A 1 19 ? 0.218   21.831  -8.951  1.00 51.80 ? 19  SER A OG  1 
ATOM   137  N  N   . LEU A 1 20 ? 1.393   18.518  -8.344  1.00 41.73 ? 20  LEU A N   1 
ATOM   138  C  CA  . LEU A 1 20 ? 2.697   18.066  -7.881  1.00 43.41 ? 20  LEU A CA  1 
ATOM   139  C  C   . LEU A 1 20 ? 3.216   16.866  -8.659  1.00 43.35 ? 20  LEU A C   1 
ATOM   140  O  O   . LEU A 1 20 ? 4.414   16.753  -8.913  1.00 41.37 ? 20  LEU A O   1 
ATOM   141  C  CB  . LEU A 1 20 ? 2.623   17.687  -6.401  1.00 42.13 ? 20  LEU A CB  1 
ATOM   142  C  CG  . LEU A 1 20 ? 1.992   18.696  -5.445  1.00 47.15 ? 20  LEU A CG  1 
ATOM   143  C  CD1 . LEU A 1 20 ? 1.914   18.090  -4.048  1.00 49.69 ? 20  LEU A CD1 1 
ATOM   144  C  CD2 . LEU A 1 20 ? 2.806   19.977  -5.435  1.00 51.41 ? 20  LEU A CD2 1 
ATOM   145  N  N   . CYS A 1 21 ? 2.307   15.978  -9.044  1.00 45.28 ? 21  CYS A N   1 
ATOM   146  C  CA  . CYS A 1 21 ? 2.676   14.755  -9.749  1.00 44.82 ? 21  CYS A CA  1 
ATOM   147  C  C   . CYS A 1 21 ? 1.765   14.546  -10.968 1.00 44.33 ? 21  CYS A C   1 
ATOM   148  O  O   . CYS A 1 21 ? 0.870   13.692  -10.956 1.00 38.51 ? 21  CYS A O   1 
ATOM   149  C  CB  . CYS A 1 21 ? 2.541   13.596  -8.757  1.00 46.94 ? 21  CYS A CB  1 
ATOM   150  S  SG  . CYS A 1 21 ? 3.788   12.262  -8.697  1.00 62.04 ? 21  CYS A SG  1 
ATOM   151  N  N   . PRO A 1 22 ? 1.979   15.331  -12.040 1.00 44.76 ? 22  PRO A N   1 
ATOM   152  C  CA  . PRO A 1 22 ? 1.177   15.231  -13.265 1.00 41.88 ? 22  PRO A CA  1 
ATOM   153  C  C   . PRO A 1 22 ? 1.407   13.944  -14.061 1.00 42.65 ? 22  PRO A C   1 
ATOM   154  O  O   . PRO A 1 22 ? 0.600   13.578  -14.918 1.00 42.87 ? 22  PRO A O   1 
ATOM   155  C  CB  . PRO A 1 22 ? 1.587   16.480  -14.044 1.00 40.18 ? 22  PRO A CB  1 
ATOM   156  C  CG  . PRO A 1 22 ? 3.012   16.658  -13.657 1.00 41.64 ? 22  PRO A CG  1 
ATOM   157  C  CD  . PRO A 1 22 ? 2.977   16.410  -12.157 1.00 44.98 ? 22  PRO A CD  1 
ATOM   158  N  N   . ASP A 1 23 ? 2.508   13.259  -13.775 1.00 45.07 ? 23  ASP A N   1 
ATOM   159  C  CA  . ASP A 1 23 ? 2.835   12.011  -14.461 1.00 44.58 ? 23  ASP A CA  1 
ATOM   160  C  C   . ASP A 1 23 ? 2.063   10.854  -13.845 1.00 41.46 ? 23  ASP A C   1 
ATOM   161  O  O   . ASP A 1 23 ? 1.827   9.842   -14.493 1.00 40.14 ? 23  ASP A O   1 
ATOM   162  C  CB  . ASP A 1 23 ? 4.332   11.720  -14.346 1.00 49.01 ? 23  ASP A CB  1 
ATOM   163  C  CG  . ASP A 1 23 ? 5.188   12.869  -14.830 1.00 58.61 ? 23  ASP A CG  1 
ATOM   164  O  OD1 . ASP A 1 23 ? 5.195   13.135  -16.053 1.00 58.22 ? 23  ASP A OD1 1 
ATOM   165  O  OD2 . ASP A 1 23 ? 5.849   13.510  -13.982 1.00 62.06 ? 23  ASP A OD2 1 
ATOM   166  N  N   . VAL A 1 24 ? 1.673   11.014  -12.585 1.00 38.77 ? 24  VAL A N   1 
ATOM   167  C  CA  . VAL A 1 24 ? 0.947   9.975   -11.866 1.00 37.95 ? 24  VAL A CA  1 
ATOM   168  C  C   . VAL A 1 24 ? -0.567  10.198  -11.748 1.00 37.79 ? 24  VAL A C   1 
ATOM   169  O  O   . VAL A 1 24 ? -1.340  9.243   -11.742 1.00 42.11 ? 24  VAL A O   1 
ATOM   170  C  CB  . VAL A 1 24 ? 1.535   9.808   -10.444 1.00 40.37 ? 24  VAL A CB  1 
ATOM   171  C  CG1 . VAL A 1 24 ? 0.780   8.715   -9.683  1.00 35.27 ? 24  VAL A CG1 1 
ATOM   172  C  CG2 . VAL A 1 24 ? 3.023   9.487   -10.538 1.00 31.67 ? 24  VAL A CG2 1 
ATOM   173  N  N   . PHE A 1 25 ? -0.990  11.454  -11.656 1.00 36.84 ? 25  PHE A N   1 
ATOM   174  C  CA  . PHE A 1 25 ? -2.406  11.766  -11.501 1.00 31.00 ? 25  PHE A CA  1 
ATOM   175  C  C   . PHE A 1 25 ? -2.957  12.641  -12.615 1.00 32.95 ? 25  PHE A C   1 
ATOM   176  O  O   . PHE A 1 25 ? -2.258  13.506  -13.154 1.00 25.77 ? 25  PHE A O   1 
ATOM   177  C  CB  . PHE A 1 25 ? -2.636  12.476  -10.165 1.00 30.20 ? 25  PHE A CB  1 
ATOM   178  C  CG  . PHE A 1 25 ? -2.026  11.774  -8.994  1.00 28.40 ? 25  PHE A CG  1 
ATOM   179  C  CD1 . PHE A 1 25 ? -2.725  10.781  -8.317  1.00 30.04 ? 25  PHE A CD1 1 
ATOM   180  C  CD2 . PHE A 1 25 ? -0.740  12.101  -8.567  1.00 29.35 ? 25  PHE A CD2 1 
ATOM   181  C  CE1 . PHE A 1 25 ? -2.157  10.121  -7.229  1.00 28.97 ? 25  PHE A CE1 1 
ATOM   182  C  CE2 . PHE A 1 25 ? -0.160  11.448  -7.481  1.00 30.80 ? 25  PHE A CE2 1 
ATOM   183  C  CZ  . PHE A 1 25 ? -0.873  10.455  -6.808  1.00 30.82 ? 25  PHE A CZ  1 
ATOM   184  N  N   . GLU A 1 26 ? -4.229  12.411  -12.936 1.00 30.96 ? 26  GLU A N   1 
ATOM   185  C  CA  . GLU A 1 26 ? -4.927  13.166  -13.965 1.00 29.28 ? 26  GLU A CA  1 
ATOM   186  C  C   . GLU A 1 26 ? -6.400  13.268  -13.571 1.00 25.82 ? 26  GLU A C   1 
ATOM   187  O  O   . GLU A 1 26 ? -6.887  12.465  -12.779 1.00 21.66 ? 26  GLU A O   1 
ATOM   188  C  CB  . GLU A 1 26 ? -4.809  12.456  -15.307 1.00 27.98 ? 26  GLU A CB  1 
ATOM   189  C  CG  . GLU A 1 26 ? -5.588  11.158  -15.380 1.00 41.89 ? 26  GLU A CG  1 
ATOM   190  C  CD  . GLU A 1 26 ? -5.552  10.541  -16.763 1.00 48.76 ? 26  GLU A CD  1 
ATOM   191  O  OE1 . GLU A 1 26 ? -6.188  9.484   -16.956 1.00 55.78 ? 26  GLU A OE1 1 
ATOM   192  O  OE2 . GLU A 1 26 ? -4.891  11.113  -17.657 1.00 51.22 ? 26  GLU A OE2 1 
ATOM   193  N  N   . MET A 1 27 ? -7.104  14.253  -14.116 1.00 26.80 ? 27  MET A N   1 
ATOM   194  C  CA  . MET A 1 27 ? -8.519  14.432  -13.801 1.00 38.21 ? 27  MET A CA  1 
ATOM   195  C  C   . MET A 1 27 ? -9.410  13.655  -14.760 1.00 36.94 ? 27  MET A C   1 
ATOM   196  O  O   . MET A 1 27 ? -9.169  13.647  -15.963 1.00 39.78 ? 27  MET A O   1 
ATOM   197  C  CB  . MET A 1 27 ? -8.904  15.912  -13.857 1.00 38.54 ? 27  MET A CB  1 
ATOM   198  C  CG  . MET A 1 27 ? -8.166  16.797  -12.866 1.00 50.46 ? 27  MET A CG  1 
ATOM   199  S  SD  . MET A 1 27 ? -8.350  16.258  -11.156 1.00 58.06 ? 27  MET A SD  1 
ATOM   200  C  CE  . MET A 1 27 ? -6.713  15.622  -10.856 1.00 57.93 ? 27  MET A CE  1 
ATOM   201  N  N   . ASN A 1 28 ? -10.435 13.000  -14.224 1.00 38.07 ? 28  ASN A N   1 
ATOM   202  C  CA  . ASN A 1 28 ? -11.363 12.235  -15.057 1.00 40.91 ? 28  ASN A CA  1 
ATOM   203  C  C   . ASN A 1 28 ? -12.626 13.041  -15.315 1.00 39.18 ? 28  ASN A C   1 
ATOM   204  O  O   . ASN A 1 28 ? -12.711 14.207  -14.935 1.00 40.47 ? 28  ASN A O   1 
ATOM   205  C  CB  . ASN A 1 28 ? -11.735 10.894  -14.400 1.00 32.33 ? 28  ASN A CB  1 
ATOM   206  C  CG  . ASN A 1 28 ? -12.226 11.053  -12.974 1.00 33.23 ? 28  ASN A CG  1 
ATOM   207  O  OD1 . ASN A 1 28 ? -13.011 11.955  -12.666 1.00 31.06 ? 28  ASN A OD1 1 
ATOM   208  N  ND2 . ASN A 1 28 ? -11.770 10.166  -12.094 1.00 33.74 ? 28  ASN A ND2 1 
ATOM   209  N  N   . ASP A 1 29 ? -13.607 12.407  -15.951 1.00 45.98 ? 29  ASP A N   1 
ATOM   210  C  CA  . ASP A 1 29 ? -14.870 13.058  -16.286 1.00 47.21 ? 29  ASP A CA  1 
ATOM   211  C  C   . ASP A 1 29 ? -15.739 13.392  -15.085 1.00 45.74 ? 29  ASP A C   1 
ATOM   212  O  O   . ASP A 1 29 ? -16.630 14.233  -15.183 1.00 49.36 ? 29  ASP A O   1 
ATOM   213  C  CB  . ASP A 1 29 ? -15.659 12.197  -17.274 1.00 51.18 ? 29  ASP A CB  1 
ATOM   214  C  CG  . ASP A 1 29 ? -14.981 12.106  -18.634 1.00 64.46 ? 29  ASP A CG  1 
ATOM   215  O  OD1 . ASP A 1 29 ? -14.724 13.169  -19.246 1.00 66.01 ? 29  ASP A OD1 1 
ATOM   216  O  OD2 . ASP A 1 29 ? -14.707 10.973  -19.093 1.00 70.05 ? 29  ASP A OD2 1 
ATOM   217  N  N   . GLU A 1 30 ? -15.494 12.740  -13.955 1.00 45.34 ? 30  GLU A N   1 
ATOM   218  C  CA  . GLU A 1 30 ? -16.273 13.024  -12.758 1.00 46.86 ? 30  GLU A CA  1 
ATOM   219  C  C   . GLU A 1 30 ? -15.611 14.175  -12.009 1.00 46.48 ? 30  GLU A C   1 
ATOM   220  O  O   . GLU A 1 30 ? -16.075 14.589  -10.947 1.00 46.62 ? 30  GLU A O   1 
ATOM   221  C  CB  . GLU A 1 30 ? -16.357 11.797  -11.847 1.00 55.38 ? 30  GLU A CB  1 
ATOM   222  C  CG  . GLU A 1 30 ? -17.052 10.584  -12.464 1.00 67.16 ? 30  GLU A CG  1 
ATOM   223  C  CD  . GLU A 1 30 ? -16.188 9.851   -13.481 1.00 73.64 ? 30  GLU A CD  1 
ATOM   224  O  OE1 . GLU A 1 30 ? -16.667 8.852   -14.059 1.00 77.57 ? 30  GLU A OE1 1 
ATOM   225  O  OE2 . GLU A 1 30 ? -15.031 10.269  -13.702 1.00 76.26 ? 30  GLU A OE2 1 
ATOM   226  N  N   . GLY A 1 31 ? -14.526 14.691  -12.582 1.00 44.91 ? 31  GLY A N   1 
ATOM   227  C  CA  . GLY A 1 31 ? -13.810 15.792  -11.967 1.00 44.24 ? 31  GLY A CA  1 
ATOM   228  C  C   . GLY A 1 31 ? -13.058 15.370  -10.721 1.00 41.51 ? 31  GLY A C   1 
ATOM   229  O  O   . GLY A 1 31 ? -12.884 16.153  -9.796  1.00 44.76 ? 31  GLY A O   1 
ATOM   230  N  N   . LYS A 1 32 ? -12.621 14.119  -10.692 1.00 41.64 ? 32  LYS A N   1 
ATOM   231  C  CA  . LYS A 1 32 ? -11.874 13.598  -9.555  1.00 39.92 ? 32  LYS A CA  1 
ATOM   232  C  C   . LYS A 1 32 ? -10.520 13.104  -10.039 1.00 33.23 ? 32  LYS A C   1 
ATOM   233  O  O   . LYS A 1 32 ? -10.313 12.921  -11.240 1.00 31.43 ? 32  LYS A O   1 
ATOM   234  C  CB  . LYS A 1 32 ? -12.649 12.457  -8.889  1.00 44.35 ? 32  LYS A CB  1 
ATOM   235  C  CG  . LYS A 1 32 ? -13.982 12.885  -8.277  1.00 43.01 ? 32  LYS A CG  1 
ATOM   236  C  CD  . LYS A 1 32 ? -14.756 11.685  -7.772  1.00 45.77 ? 32  LYS A CD  1 
ATOM   237  C  CE  . LYS A 1 32 ? -16.136 12.077  -7.284  1.00 40.97 ? 32  LYS A CE  1 
ATOM   238  N  NZ  . LYS A 1 32 ? -16.068 12.980  -6.105  1.00 50.65 ? 32  LYS A NZ  1 
ATOM   239  N  N   . ALA A 1 33 ? -9.592  12.909  -9.111  1.00 32.37 ? 33  ALA A N   1 
ATOM   240  C  CA  . ALA A 1 33 ? -8.265  12.434  -9.473  1.00 32.82 ? 33  ALA A CA  1 
ATOM   241  C  C   . ALA A 1 33 ? -8.371  10.982  -9.905  1.00 35.03 ? 33  ALA A C   1 
ATOM   242  O  O   . ALA A 1 33 ? -9.365  10.311  -9.643  1.00 34.46 ? 33  ALA A O   1 
ATOM   243  C  CB  . ALA A 1 33 ? -7.312  12.567  -8.303  1.00 32.86 ? 33  ALA A CB  1 
ATOM   244  N  N   . GLN A 1 34 ? -7.329  10.497  -10.559 1.00 38.78 ? 34  GLN A N   1 
ATOM   245  C  CA  . GLN A 1 34 ? -7.325  9.136   -11.058 1.00 41.24 ? 34  GLN A CA  1 
ATOM   246  C  C   . GLN A 1 34 ? -5.895  8.782   -11.413 1.00 38.45 ? 34  GLN A C   1 
ATOM   247  O  O   . GLN A 1 34 ? -5.198  9.567   -12.055 1.00 43.80 ? 34  GLN A O   1 
ATOM   248  C  CB  . GLN A 1 34 ? -8.221  9.066   -12.297 1.00 44.56 ? 34  GLN A CB  1 
ATOM   249  C  CG  . GLN A 1 34 ? -8.280  7.728   -12.994 1.00 48.79 ? 34  GLN A CG  1 
ATOM   250  C  CD  . GLN A 1 34 ? -9.283  7.728   -14.138 1.00 48.67 ? 34  GLN A CD  1 
ATOM   251  O  OE1 . GLN A 1 34 ? -10.484 7.896   -13.923 1.00 46.44 ? 34  GLN A OE1 1 
ATOM   252  N  NE2 . GLN A 1 34 ? -8.793  7.544   -15.359 1.00 51.49 ? 34  GLN A NE2 1 
ATOM   253  N  N   . PRO A 1 35 ? -5.432  7.598   -10.994 1.00 37.33 ? 35  PRO A N   1 
ATOM   254  C  CA  . PRO A 1 35 ? -4.058  7.215   -11.315 1.00 37.27 ? 35  PRO A CA  1 
ATOM   255  C  C   . PRO A 1 35 ? -3.814  7.179   -12.827 1.00 38.28 ? 35  PRO A C   1 
ATOM   256  O  O   . PRO A 1 35 ? -4.630  6.675   -13.599 1.00 35.26 ? 35  PRO A O   1 
ATOM   257  C  CB  . PRO A 1 35 ? -3.912  5.850   -10.639 1.00 39.56 ? 35  PRO A CB  1 
ATOM   258  C  CG  . PRO A 1 35 ? -5.318  5.306   -10.646 1.00 43.24 ? 35  PRO A CG  1 
ATOM   259  C  CD  . PRO A 1 35 ? -6.135  6.518   -10.279 1.00 41.98 ? 35  PRO A CD  1 
ATOM   260  N  N   . LYS A 1 36 ? -2.681  7.741   -13.229 1.00 34.07 ? 36  LYS A N   1 
ATOM   261  C  CA  . LYS A 1 36 ? -2.283  7.815   -14.627 1.00 35.64 ? 36  LYS A CA  1 
ATOM   262  C  C   . LYS A 1 36 ? -1.690  6.476   -15.074 1.00 32.26 ? 36  LYS A C   1 
ATOM   263  O  O   . LYS A 1 36 ? -1.909  6.033   -16.196 1.00 25.76 ? 36  LYS A O   1 
ATOM   264  C  CB  . LYS A 1 36 ? -1.243  8.932   -14.784 1.00 35.15 ? 36  LYS A CB  1 
ATOM   265  C  CG  . LYS A 1 36 ? -1.159  9.558   -16.145 1.00 33.21 ? 36  LYS A CG  1 
ATOM   266  C  CD  . LYS A 1 36 ? -1.484  11.031  -16.050 1.00 35.63 ? 36  LYS A CD  1 
ATOM   267  C  CE  . LYS A 1 36 ? -1.175  11.754  -17.353 1.00 35.19 ? 36  LYS A CE  1 
ATOM   268  N  NZ  . LYS A 1 36 ? -1.648  13.164  -17.307 1.00 36.99 ? 36  LYS A NZ  1 
ATOM   269  N  N   . VAL A 1 37 ? -0.939  5.841   -14.178 1.00 31.18 ? 37  VAL A N   1 
ATOM   270  C  CA  . VAL A 1 37 ? -0.295  4.564   -14.457 1.00 26.62 ? 37  VAL A CA  1 
ATOM   271  C  C   . VAL A 1 37 ? -0.777  3.526   -13.448 1.00 25.61 ? 37  VAL A C   1 
ATOM   272  O  O   . VAL A 1 37 ? -1.314  3.886   -12.406 1.00 27.02 ? 37  VAL A O   1 
ATOM   273  C  CB  . VAL A 1 37 ? 1.244   4.701   -14.357 1.00 28.55 ? 37  VAL A CB  1 
ATOM   274  C  CG1 . VAL A 1 37 ? 1.722   5.810   -15.281 1.00 26.91 ? 37  VAL A CG1 1 
ATOM   275  C  CG2 . VAL A 1 37 ? 1.654   5.002   -12.917 1.00 25.63 ? 37  VAL A CG2 1 
ATOM   276  N  N   . GLU A 1 38 ? -0.583  2.242   -13.749 1.00 23.13 ? 38  GLU A N   1 
ATOM   277  C  CA  . GLU A 1 38 ? -1.017  1.181   -12.837 1.00 29.59 ? 38  GLU A CA  1 
ATOM   278  C  C   . GLU A 1 38 ? 0.146   0.628   -12.045 1.00 27.54 ? 38  GLU A C   1 
ATOM   279  O  O   . GLU A 1 38 ? -0.026  -0.229  -11.183 1.00 30.00 ? 38  GLU A O   1 
ATOM   280  C  CB  . GLU A 1 38 ? -1.695  0.035   -13.602 1.00 33.22 ? 38  GLU A CB  1 
ATOM   281  C  CG  . GLU A 1 38 ? -3.016  0.421   -14.259 1.00 45.19 ? 38  GLU A CG  1 
ATOM   282  C  CD  . GLU A 1 38 ? -2.833  1.330   -15.465 1.00 51.58 ? 38  GLU A CD  1 
ATOM   283  O  OE1 . GLU A 1 38 ? -3.808  2.004   -15.862 1.00 56.54 ? 38  GLU A OE1 1 
ATOM   284  O  OE2 . GLU A 1 38 ? -1.716  1.363   -16.026 1.00 59.71 ? 38  GLU A OE2 1 
ATOM   285  N  N   . VAL A 1 39 ? 1.336   1.126   -12.344 1.00 30.18 ? 39  VAL A N   1 
ATOM   286  C  CA  . VAL A 1 39 ? 2.533   0.683   -11.656 1.00 29.66 ? 39  VAL A CA  1 
ATOM   287  C  C   . VAL A 1 39 ? 3.556   1.800   -11.659 1.00 32.56 ? 39  VAL A C   1 
ATOM   288  O  O   . VAL A 1 39 ? 3.652   2.573   -12.611 1.00 33.00 ? 39  VAL A O   1 
ATOM   289  C  CB  . VAL A 1 39 ? 3.168   -0.556  -12.348 1.00 35.04 ? 39  VAL A CB  1 
ATOM   290  C  CG1 . VAL A 1 39 ? 4.436   -0.974  -11.614 1.00 35.16 ? 39  VAL A CG1 1 
ATOM   291  C  CG2 . VAL A 1 39 ? 2.183   -1.714  -12.372 1.00 36.61 ? 39  VAL A CG2 1 
ATOM   292  N  N   . ILE A 1 40 ? 4.298   1.893   -10.567 1.00 31.48 ? 40  ILE A N   1 
ATOM   293  C  CA  . ILE A 1 40 ? 5.356   2.870   -10.438 1.00 32.20 ? 40  ILE A CA  1 
ATOM   294  C  C   . ILE A 1 40 ? 6.553   2.044   -10.022 1.00 35.30 ? 40  ILE A C   1 
ATOM   295  O  O   . ILE A 1 40 ? 6.474   1.258   -9.076  1.00 31.92 ? 40  ILE A O   1 
ATOM   296  C  CB  . ILE A 1 40 ? 5.061   3.914   -9.353  1.00 34.75 ? 40  ILE A CB  1 
ATOM   297  C  CG1 . ILE A 1 40 ? 3.820   4.721   -9.738  1.00 28.17 ? 40  ILE A CG1 1 
ATOM   298  C  CG2 . ILE A 1 40 ? 6.278   4.836   -9.180  1.00 27.88 ? 40  ILE A CG2 1 
ATOM   299  C  CD1 . ILE A 1 40 ? 3.511   5.847   -8.784  1.00 28.51 ? 40  ILE A CD1 1 
ATOM   300  N  N   . GLU A 1 41 ? 7.651   2.209   -10.747 1.00 38.25 ? 41  GLU A N   1 
ATOM   301  C  CA  . GLU A 1 41 ? 8.870   1.468   -10.472 1.00 45.47 ? 41  GLU A CA  1 
ATOM   302  C  C   . GLU A 1 41 ? 9.967   2.494   -10.251 1.00 45.82 ? 41  GLU A C   1 
ATOM   303  O  O   . GLU A 1 41 ? 10.895  2.276   -9.477  1.00 43.82 ? 41  GLU A O   1 
ATOM   304  C  CB  . GLU A 1 41 ? 9.214   0.585   -11.672 1.00 49.90 ? 41  GLU A CB  1 
ATOM   305  C  CG  . GLU A 1 41 ? 10.116  -0.595  -11.370 1.00 57.84 ? 41  GLU A CG  1 
ATOM   306  C  CD  . GLU A 1 41 ? 9.342   -1.884  -11.162 1.00 61.02 ? 41  GLU A CD  1 
ATOM   307  O  OE1 . GLU A 1 41 ? 9.984   -2.931  -10.946 1.00 65.39 ? 41  GLU A OE1 1 
ATOM   308  O  OE2 . GLU A 1 41 ? 8.095   -1.858  -11.217 1.00 62.45 ? 41  GLU A OE2 1 
ATOM   309  N  N   . ASP A 1 42 ? 9.842   3.619   -10.947 1.00 49.14 ? 42  ASP A N   1 
ATOM   310  C  CA  . ASP A 1 42 ? 10.805  4.706   -10.843 1.00 53.64 ? 42  ASP A CA  1 
ATOM   311  C  C   . ASP A 1 42 ? 10.715  5.297   -9.439  1.00 56.15 ? 42  ASP A C   1 
ATOM   312  O  O   . ASP A 1 42 ? 9.618   5.546   -8.933  1.00 55.14 ? 42  ASP A O   1 
ATOM   313  C  CB  . ASP A 1 42 ? 10.493  5.783   -11.888 1.00 57.83 ? 42  ASP A CB  1 
ATOM   314  C  CG  . ASP A 1 42 ? 11.594  6.826   -12.003 1.00 62.71 ? 42  ASP A CG  1 
ATOM   315  O  OD1 . ASP A 1 42 ? 11.940  7.453   -10.981 1.00 67.41 ? 42  ASP A OD1 1 
ATOM   316  O  OD2 . ASP A 1 42 ? 12.114  7.023   -13.122 1.00 68.75 ? 42  ASP A OD2 1 
ATOM   317  N  N   . GLU A 1 43 ? 11.871  5.528   -8.821  1.00 57.03 ? 43  GLU A N   1 
ATOM   318  C  CA  . GLU A 1 43 ? 11.929  6.069   -7.465  1.00 55.12 ? 43  GLU A CA  1 
ATOM   319  C  C   . GLU A 1 43 ? 11.537  7.543   -7.345  1.00 50.56 ? 43  GLU A C   1 
ATOM   320  O  O   . GLU A 1 43 ? 11.168  8.001   -6.265  1.00 50.57 ? 43  GLU A O   1 
ATOM   321  C  CB  . GLU A 1 43 ? 13.326  5.859   -6.888  1.00 62.93 ? 43  GLU A CB  1 
ATOM   322  C  CG  . GLU A 1 43 ? 13.401  5.994   -5.379  1.00 73.50 ? 43  GLU A CG  1 
ATOM   323  C  CD  . GLU A 1 43 ? 14.762  5.599   -4.834  1.00 80.93 ? 43  GLU A CD  1 
ATOM   324  O  OE1 . GLU A 1 43 ? 15.745  6.334   -5.081  1.00 82.37 ? 43  GLU A OE1 1 
ATOM   325  O  OE2 . GLU A 1 43 ? 14.848  4.547   -4.163  1.00 83.55 ? 43  GLU A OE2 1 
ATOM   326  N  N   . GLU A 1 44 ? 11.613  8.285   -8.445  1.00 48.29 ? 44  GLU A N   1 
ATOM   327  C  CA  . GLU A 1 44 ? 11.249  9.701   -8.426  1.00 48.59 ? 44  GLU A CA  1 
ATOM   328  C  C   . GLU A 1 44 ? 9.738   9.883   -8.555  1.00 43.83 ? 44  GLU A C   1 
ATOM   329  O  O   . GLU A 1 44 ? 9.159   10.767  -7.917  1.00 36.36 ? 44  GLU A O   1 
ATOM   330  C  CB  . GLU A 1 44 ? 11.973  10.451  -9.543  1.00 53.65 ? 44  GLU A CB  1 
ATOM   331  C  CG  . GLU A 1 44 ? 13.487  10.357  -9.437  1.00 68.05 ? 44  GLU A CG  1 
ATOM   332  C  CD  . GLU A 1 44 ? 14.202  11.164  -10.500 1.00 76.85 ? 44  GLU A CD  1 
ATOM   333  O  OE1 . GLU A 1 44 ? 13.869  10.990  -11.695 1.00 79.79 ? 44  GLU A OE1 1 
ATOM   334  O  OE2 . GLU A 1 44 ? 15.098  11.962  -10.139 1.00 77.21 ? 44  GLU A OE2 1 
ATOM   335  N  N   . LEU A 1 45 ? 9.103   9.052   -9.381  1.00 40.47 ? 45  LEU A N   1 
ATOM   336  C  CA  . LEU A 1 45 ? 7.652   9.121   -9.542  1.00 39.54 ? 45  LEU A CA  1 
ATOM   337  C  C   . LEU A 1 45 ? 7.045   8.712   -8.209  1.00 38.39 ? 45  LEU A C   1 
ATOM   338  O  O   . LEU A 1 45 ? 6.018   9.245   -7.794  1.00 38.57 ? 45  LEU A O   1 
ATOM   339  C  CB  . LEU A 1 45 ? 7.172   8.185   -10.656 1.00 37.45 ? 45  LEU A CB  1 
ATOM   340  C  CG  . LEU A 1 45 ? 7.448   8.671   -12.084 1.00 40.10 ? 45  LEU A CG  1 
ATOM   341  C  CD1 . LEU A 1 45 ? 6.981   7.640   -13.096 1.00 34.43 ? 45  LEU A CD1 1 
ATOM   342  C  CD2 . LEU A 1 45 ? 6.737   10.001  -12.301 1.00 40.78 ? 45  LEU A CD2 1 
ATOM   343  N  N   . TYR A 1 46 ? 7.698   7.772   -7.532  1.00 37.02 ? 46  TYR A N   1 
ATOM   344  C  CA  . TYR A 1 46 ? 7.228   7.326   -6.228  1.00 37.50 ? 46  TYR A CA  1 
ATOM   345  C  C   . TYR A 1 46 ? 7.348   8.490   -5.254  1.00 38.80 ? 46  TYR A C   1 
ATOM   346  O  O   . TYR A 1 46 ? 6.488   8.691   -4.396  1.00 38.73 ? 46  TYR A O   1 
ATOM   347  C  CB  . TYR A 1 46 ? 8.060   6.148   -5.705  1.00 34.98 ? 46  TYR A CB  1 
ATOM   348  C  CG  . TYR A 1 46 ? 7.773   5.845   -4.252  1.00 33.98 ? 46  TYR A CG  1 
ATOM   349  C  CD1 . TYR A 1 46 ? 6.496   5.450   -3.840  1.00 38.14 ? 46  TYR A CD1 1 
ATOM   350  C  CD2 . TYR A 1 46 ? 8.751   6.029   -3.275  1.00 32.46 ? 46  TYR A CD2 1 
ATOM   351  C  CE1 . TYR A 1 46 ? 6.197   5.260   -2.490  1.00 36.67 ? 46  TYR A CE1 1 
ATOM   352  C  CE2 . TYR A 1 46 ? 8.465   5.844   -1.921  1.00 32.81 ? 46  TYR A CE2 1 
ATOM   353  C  CZ  . TYR A 1 46 ? 7.187   5.459   -1.536  1.00 42.24 ? 46  TYR A CZ  1 
ATOM   354  O  OH  . TYR A 1 46 ? 6.893   5.295   -0.198  1.00 47.79 ? 46  TYR A OH  1 
ATOM   355  N  N   . ASN A 1 47 ? 8.423   9.258   -5.392  1.00 40.59 ? 47  ASN A N   1 
ATOM   356  C  CA  . ASN A 1 47 ? 8.629   10.390  -4.513  1.00 39.07 ? 47  ASN A CA  1 
ATOM   357  C  C   . ASN A 1 47 ? 7.582   11.482  -4.663  1.00 33.81 ? 47  ASN A C   1 
ATOM   358  O  O   . ASN A 1 47 ? 7.128   12.009  -3.651  1.00 33.15 ? 47  ASN A O   1 
ATOM   359  C  CB  . ASN A 1 47 ? 10.039  10.963  -4.678  1.00 43.88 ? 47  ASN A CB  1 
ATOM   360  C  CG  . ASN A 1 47 ? 11.093  10.112  -3.982  1.00 49.12 ? 47  ASN A CG  1 
ATOM   361  O  OD1 . ASN A 1 47 ? 10.881  9.635   -2.863  1.00 47.47 ? 47  ASN A OD1 1 
ATOM   362  N  ND2 . ASN A 1 47 ? 12.237  9.931   -4.635  1.00 52.67 ? 47  ASN A ND2 1 
ATOM   363  N  N   . CYS A 1 48 ? 7.176   11.842  -5.882  1.00 33.28 ? 48  CYS A N   1 
ATOM   364  C  CA  . CYS A 1 48 ? 6.145   12.878  -5.950  1.00 40.92 ? 48  CYS A CA  1 
ATOM   365  C  C   . CYS A 1 48 ? 4.755   12.318  -5.684  1.00 35.69 ? 48  CYS A C   1 
ATOM   366  O  O   . CYS A 1 48 ? 3.861   13.052  -5.274  1.00 39.13 ? 48  CYS A O   1 
ATOM   367  C  CB  . CYS A 1 48 ? 6.179   13.713  -7.261  1.00 45.90 ? 48  CYS A CB  1 
ATOM   368  S  SG  . CYS A 1 48 ? 5.623   13.128  -8.912  1.00 67.62 ? 48  CYS A SG  1 
ATOM   369  N  N   . ALA A 1 49 ? 4.578   11.014  -5.881  1.00 36.21 ? 49  ALA A N   1 
ATOM   370  C  CA  . ALA A 1 49 ? 3.283   10.394  -5.616  1.00 37.31 ? 49  ALA A CA  1 
ATOM   371  C  C   . ALA A 1 49 ? 3.051   10.423  -4.105  1.00 36.21 ? 49  ALA A C   1 
ATOM   372  O  O   . ALA A 1 49 ? 1.937   10.681  -3.639  1.00 28.51 ? 49  ALA A O   1 
ATOM   373  C  CB  . ALA A 1 49 ? 3.269   8.960   -6.120  1.00 36.16 ? 49  ALA A CB  1 
ATOM   374  N  N   . LYS A 1 50 ? 4.119   10.168  -3.351  1.00 35.00 ? 50  LYS A N   1 
ATOM   375  C  CA  . LYS A 1 50 ? 4.046   10.168  -1.896  1.00 33.98 ? 50  LYS A CA  1 
ATOM   376  C  C   . LYS A 1 50 ? 3.928   11.608  -1.428  1.00 33.35 ? 50  LYS A C   1 
ATOM   377  O  O   . LYS A 1 50 ? 3.382   11.885  -0.363  1.00 31.28 ? 50  LYS A O   1 
ATOM   378  C  CB  . LYS A 1 50 ? 5.290   9.510   -1.293  1.00 36.82 ? 50  LYS A CB  1 
ATOM   379  C  CG  . LYS A 1 50 ? 5.139   9.128   0.176   1.00 35.22 ? 50  LYS A CG  1 
ATOM   380  C  CD  . LYS A 1 50 ? 6.297   8.254   0.635   1.00 42.44 ? 50  LYS A CD  1 
ATOM   381  C  CE  . LYS A 1 50 ? 6.084   7.726   2.047   1.00 42.76 ? 50  LYS A CE  1 
ATOM   382  N  NZ  . LYS A 1 50 ? 5.879   8.819   3.043   1.00 48.54 ? 50  LYS A NZ  1 
ATOM   383  N  N   . GLU A 1 51 ? 4.436   12.524  -2.246  1.00 38.20 ? 51  GLU A N   1 
ATOM   384  C  CA  . GLU A 1 51 ? 4.374   13.949  -1.947  1.00 41.56 ? 51  GLU A CA  1 
ATOM   385  C  C   . GLU A 1 51 ? 2.922   14.392  -2.115  1.00 36.64 ? 51  GLU A C   1 
ATOM   386  O  O   . GLU A 1 51 ? 2.428   15.231  -1.373  1.00 33.76 ? 51  GLU A O   1 
ATOM   387  C  CB  . GLU A 1 51 ? 5.256   14.737  -2.918  1.00 48.26 ? 51  GLU A CB  1 
ATOM   388  C  CG  . GLU A 1 51 ? 5.538   16.170  -2.492  1.00 63.45 ? 51  GLU A CG  1 
ATOM   389  C  CD  . GLU A 1 51 ? 6.705   16.273  -1.518  1.00 74.52 ? 51  GLU A CD  1 
ATOM   390  O  OE1 . GLU A 1 51 ? 6.992   17.397  -1.046  1.00 80.47 ? 51  GLU A OE1 1 
ATOM   391  O  OE2 . GLU A 1 51 ? 7.339   15.233  -1.230  1.00 76.92 ? 51  GLU A OE2 1 
ATOM   392  N  N   . ALA A 1 52 ? 2.247   13.813  -3.103  1.00 39.25 ? 52  ALA A N   1 
ATOM   393  C  CA  . ALA A 1 52 ? 0.850   14.135  -3.377  1.00 38.17 ? 52  ALA A CA  1 
ATOM   394  C  C   . ALA A 1 52 ? -0.039  13.565  -2.283  1.00 33.87 ? 52  ALA A C   1 
ATOM   395  O  O   . ALA A 1 52 ? -0.928  14.246  -1.774  1.00 32.53 ? 52  ALA A O   1 
ATOM   396  C  CB  . ALA A 1 52 ? 0.441   13.573  -4.734  1.00 39.90 ? 52  ALA A CB  1 
ATOM   397  N  N   . MET A 1 53 ? 0.213   12.310  -1.921  1.00 35.10 ? 53  MET A N   1 
ATOM   398  C  CA  . MET A 1 53 ? -0.553  11.632  -0.882  1.00 34.11 ? 53  MET A CA  1 
ATOM   399  C  C   . MET A 1 53 ? -0.533  12.445  0.405   1.00 36.34 ? 53  MET A C   1 
ATOM   400  O  O   . MET A 1 53 ? -1.520  12.495  1.145   1.00 31.89 ? 53  MET A O   1 
ATOM   401  C  CB  . MET A 1 53 ? 0.032   10.244  -0.628  1.00 32.91 ? 53  MET A CB  1 
ATOM   402  C  CG  . MET A 1 53 ? -0.646  9.481   0.483   1.00 36.00 ? 53  MET A CG  1 
ATOM   403  S  SD  . MET A 1 53 ? 0.053   7.846   0.652   1.00 51.99 ? 53  MET A SD  1 
ATOM   404  C  CE  . MET A 1 53 ? 1.633   8.220   1.418   1.00 55.81 ? 53  MET A CE  1 
ATOM   405  N  N   . GLU A 1 54 ? 0.603   13.088  0.654   1.00 35.64 ? 54  GLU A N   1 
ATOM   406  C  CA  . GLU A 1 54 ? 0.791   13.903  1.841   1.00 35.14 ? 54  GLU A CA  1 
ATOM   407  C  C   . GLU A 1 54 ? 0.088   15.251  1.723   1.00 33.77 ? 54  GLU A C   1 
ATOM   408  O  O   . GLU A 1 54 ? -0.243  15.862  2.734   1.00 34.52 ? 54  GLU A O   1 
ATOM   409  C  CB  . GLU A 1 54 ? 2.285   14.136  2.079   1.00 43.80 ? 54  GLU A CB  1 
ATOM   410  C  CG  . GLU A 1 54 ? 2.749   13.876  3.506   1.00 55.58 ? 54  GLU A CG  1 
ATOM   411  C  CD  . GLU A 1 54 ? 2.769   12.394  3.865   1.00 63.77 ? 54  GLU A CD  1 
ATOM   412  O  OE1 . GLU A 1 54 ? 3.491   11.617  3.195   1.00 64.22 ? 54  GLU A OE1 1 
ATOM   413  O  OE2 . GLU A 1 54 ? 2.065   12.008  4.826   1.00 65.62 ? 54  GLU A OE2 1 
ATOM   414  N  N   . ALA A 1 55 ? -0.139  15.710  0.493   1.00 30.76 ? 55  ALA A N   1 
ATOM   415  C  CA  . ALA A 1 55 ? -0.788  17.004  0.257   1.00 28.98 ? 55  ALA A CA  1 
ATOM   416  C  C   . ALA A 1 55 ? -2.310  16.974  0.093   1.00 28.60 ? 55  ALA A C   1 
ATOM   417  O  O   . ALA A 1 55 ? -2.977  17.986  0.344   1.00 25.52 ? 55  ALA A O   1 
ATOM   418  C  CB  . ALA A 1 55 ? -0.165  17.682  -0.951  1.00 22.33 ? 55  ALA A CB  1 
ATOM   419  N  N   . CYS A 1 56 ? -2.862  15.842  -0.342  1.00 29.38 ? 56  CYS A N   1 
ATOM   420  C  CA  . CYS A 1 56 ? -4.305  15.748  -0.524  1.00 23.10 ? 56  CYS A CA  1 
ATOM   421  C  C   . CYS A 1 56 ? -5.022  16.173  0.750   1.00 25.00 ? 56  CYS A C   1 
ATOM   422  O  O   . CYS A 1 56 ? -4.840  15.579  1.822   1.00 21.36 ? 56  CYS A O   1 
ATOM   423  C  CB  . CYS A 1 56 ? -4.732  14.332  -0.892  1.00 29.38 ? 56  CYS A CB  1 
ATOM   424  S  SG  . CYS A 1 56 ? -6.525  14.211  -1.153  1.00 25.17 ? 56  CYS A SG  1 
ATOM   425  N  N   . PRO A 1 57 ? -5.860  17.211  0.645   1.00 24.96 ? 57  PRO A N   1 
ATOM   426  C  CA  . PRO A 1 57 ? -6.610  17.732  1.785   1.00 26.71 ? 57  PRO A CA  1 
ATOM   427  C  C   . PRO A 1 57 ? -7.687  16.819  2.360   1.00 31.55 ? 57  PRO A C   1 
ATOM   428  O  O   . PRO A 1 57 ? -8.149  17.057  3.474   1.00 31.63 ? 57  PRO A O   1 
ATOM   429  C  CB  . PRO A 1 57 ? -7.176  19.043  1.247   1.00 21.79 ? 57  PRO A CB  1 
ATOM   430  C  CG  . PRO A 1 57 ? -7.396  18.738  -0.191  1.00 23.07 ? 57  PRO A CG  1 
ATOM   431  C  CD  . PRO A 1 57 ? -6.144  17.990  -0.572  1.00 17.03 ? 57  PRO A CD  1 
ATOM   432  N  N   . VAL A 1 58 ? -8.087  15.782  1.624   1.00 30.93 ? 58  VAL A N   1 
ATOM   433  C  CA  . VAL A 1 58 ? -9.122  14.873  2.124   1.00 34.58 ? 58  VAL A CA  1 
ATOM   434  C  C   . VAL A 1 58 ? -8.634  13.437  2.288   1.00 35.52 ? 58  VAL A C   1 
ATOM   435  O  O   . VAL A 1 58 ? -9.431  12.533  2.540   1.00 37.47 ? 58  VAL A O   1 
ATOM   436  C  CB  . VAL A 1 58 ? -10.400 14.879  1.214   1.00 31.57 ? 58  VAL A CB  1 
ATOM   437  C  CG1 . VAL A 1 58 ? -11.008 16.274  1.183   1.00 32.20 ? 58  VAL A CG1 1 
ATOM   438  C  CG2 . VAL A 1 58 ? -10.062 14.420  -0.200  1.00 29.80 ? 58  VAL A CG2 1 
ATOM   439  N  N   . SER A 1 59 ? -7.325  13.241  2.148   1.00 34.17 ? 59  SER A N   1 
ATOM   440  C  CA  . SER A 1 59 ? -6.698  11.925  2.286   1.00 32.95 ? 59  SER A CA  1 
ATOM   441  C  C   . SER A 1 59 ? -7.296  10.849  1.369   1.00 29.30 ? 59  SER A C   1 
ATOM   442  O  O   . SER A 1 59 ? -7.481  9.704   1.784   1.00 32.48 ? 59  SER A O   1 
ATOM   443  C  CB  . SER A 1 59 ? -6.795  11.452  3.742   1.00 37.40 ? 59  SER A CB  1 
ATOM   444  O  OG  . SER A 1 59 ? -6.419  12.477  4.645   1.00 41.57 ? 59  SER A OG  1 
ATOM   445  N  N   . ALA A 1 60 ? -7.585  11.209  0.124   1.00 27.64 ? 60  ALA A N   1 
ATOM   446  C  CA  . ALA A 1 60 ? -8.168  10.272  -0.837  1.00 25.30 ? 60  ALA A CA  1 
ATOM   447  C  C   . ALA A 1 60 ? -7.135  9.362   -1.503  1.00 27.41 ? 60  ALA A C   1 
ATOM   448  O  O   . ALA A 1 60 ? -7.496  8.401   -2.185  1.00 31.17 ? 60  ALA A O   1 
ATOM   449  C  CB  . ALA A 1 60 ? -8.944  11.047  -1.908  1.00 21.41 ? 60  ALA A CB  1 
ATOM   450  N  N   . ILE A 1 61 ? -5.853  9.662   -1.296  1.00 29.93 ? 61  ILE A N   1 
ATOM   451  C  CA  . ILE A 1 61 ? -4.763  8.885   -1.893  1.00 30.75 ? 61  ILE A CA  1 
ATOM   452  C  C   . ILE A 1 61 ? -4.059  7.861   -0.982  1.00 31.58 ? 61  ILE A C   1 
ATOM   453  O  O   . ILE A 1 61 ? -3.666  8.174   0.145   1.00 23.58 ? 61  ILE A O   1 
ATOM   454  C  CB  . ILE A 1 61 ? -3.668  9.831   -2.451  1.00 34.13 ? 61  ILE A CB  1 
ATOM   455  C  CG1 . ILE A 1 61 ? -4.284  10.819  -3.449  1.00 31.36 ? 61  ILE A CG1 1 
ATOM   456  C  CG2 . ILE A 1 61 ? -2.564  9.017   -3.113  1.00 27.49 ? 61  ILE A CG2 1 
ATOM   457  C  CD1 . ILE A 1 61 ? -3.383  11.998  -3.787  1.00 24.98 ? 61  ILE A CD1 1 
ATOM   458  N  N   . THR A 1 62 ? -3.911  6.635   -1.483  1.00 24.76 ? 62  THR A N   1 
ATOM   459  C  CA  . THR A 1 62 ? -3.207  5.579   -0.761  1.00 25.94 ? 62  THR A CA  1 
ATOM   460  C  C   . THR A 1 62 ? -2.197  4.952   -1.728  1.00 28.00 ? 62  THR A C   1 
ATOM   461  O  O   . THR A 1 62 ? -2.378  5.015   -2.947  1.00 24.47 ? 62  THR A O   1 
ATOM   462  C  CB  . THR A 1 62 ? -4.177  4.477   -0.205  1.00 31.36 ? 62  THR A CB  1 
ATOM   463  O  OG1 . THR A 1 62 ? -5.018  3.987   -1.252  1.00 36.42 ? 62  THR A OG1 1 
ATOM   464  C  CG2 . THR A 1 62 ? -5.035  5.032   0.937   1.00 29.00 ? 62  THR A CG2 1 
ATOM   465  N  N   . ILE A 1 63 ? -1.119  4.376   -1.197  1.00 32.09 ? 63  ILE A N   1 
ATOM   466  C  CA  . ILE A 1 63 ? -0.100  3.747   -2.042  1.00 32.77 ? 63  ILE A CA  1 
ATOM   467  C  C   . ILE A 1 63 ? 0.243   2.346   -1.549  1.00 33.18 ? 63  ILE A C   1 
ATOM   468  O  O   . ILE A 1 63 ? 0.620   2.166   -0.396  1.00 33.22 ? 63  ILE A O   1 
ATOM   469  C  CB  . ILE A 1 63 ? 1.206   4.585   -2.097  1.00 35.21 ? 63  ILE A CB  1 
ATOM   470  C  CG1 . ILE A 1 63 ? 0.894   6.012   -2.565  1.00 30.35 ? 63  ILE A CG1 1 
ATOM   471  C  CG2 . ILE A 1 63 ? 2.211   3.924   -3.061  1.00 25.35 ? 63  ILE A CG2 1 
ATOM   472  C  CD1 . ILE A 1 63 ? 2.099   6.917   -2.650  1.00 28.07 ? 63  ILE A CD1 1 
ATOM   473  N  N   . GLU A 1 64 ? 0.113   1.365   -2.436  1.00 34.39 ? 64  GLU A N   1 
ATOM   474  C  CA  . GLU A 1 64 ? 0.397   -0.027  -2.105  1.00 37.21 ? 64  GLU A CA  1 
ATOM   475  C  C   . GLU A 1 64 ? 1.766   -0.461  -2.616  1.00 38.05 ? 64  GLU A C   1 
ATOM   476  O  O   . GLU A 1 64 ? 2.194   -0.072  -3.701  1.00 38.23 ? 64  GLU A O   1 
ATOM   477  C  CB  . GLU A 1 64 ? -0.681  -0.943  -2.699  1.00 42.41 ? 64  GLU A CB  1 
ATOM   478  C  CG  . GLU A 1 64 ? -0.330  -2.435  -2.691  1.00 52.59 ? 64  GLU A CG  1 
ATOM   479  C  CD  . GLU A 1 64 ? -1.267  -3.270  -3.565  1.00 64.22 ? 64  GLU A CD  1 
ATOM   480  O  OE1 . GLU A 1 64 ? -2.475  -3.334  -3.249  1.00 65.34 ? 64  GLU A OE1 1 
ATOM   481  O  OE2 . GLU A 1 64 ? -0.798  -3.857  -4.570  1.00 62.23 ? 64  GLU A OE2 1 
ATOM   482  N  N   . GLU A 1 65 ? 2.444   -1.278  -1.821  1.00 35.12 ? 65  GLU A N   1 
ATOM   483  C  CA  . GLU A 1 65 ? 3.753   -1.788  -2.177  1.00 39.54 ? 65  GLU A CA  1 
ATOM   484  C  C   . GLU A 1 65 ? 3.680   -3.312  -2.189  1.00 40.78 ? 65  GLU A C   1 
ATOM   485  O  O   . GLU A 1 65 ? 3.105   -3.922  -1.288  1.00 35.87 ? 65  GLU A O   1 
ATOM   486  C  CB  . GLU A 1 65 ? 4.796   -1.307  -1.160  1.00 47.22 ? 65  GLU A CB  1 
ATOM   487  C  CG  . GLU A 1 65 ? 6.189   -1.887  -1.353  1.00 54.93 ? 65  GLU A CG  1 
ATOM   488  C  CD  . GLU A 1 65 ? 7.183   -1.356  -0.334  1.00 62.24 ? 65  GLU A CD  1 
ATOM   489  O  OE1 . GLU A 1 65 ? 6.847   -1.328  0.872   1.00 63.63 ? 65  GLU A OE1 1 
ATOM   490  O  OE2 . GLU A 1 65 ? 8.304   -0.974  -0.738  1.00 66.37 ? 65  GLU A OE2 1 
ATOM   491  N  N   . ALA A 1 66 ? 4.243   -3.919  -3.227  1.00 43.08 ? 66  ALA A N   1 
ATOM   492  C  CA  . ALA A 1 66 ? 4.248   -5.368  -3.358  1.00 50.42 ? 66  ALA A CA  1 
ATOM   493  C  C   . ALA A 1 66 ? 5.681   -5.856  -3.565  1.00 54.57 ? 66  ALA A C   1 
ATOM   494  O  O   . ALA A 1 66 ? 6.576   -4.992  -3.714  1.00 58.24 ? 66  ALA A O   1 
ATOM   495  C  CB  . ALA A 1 66 ? 3.371   -5.788  -4.534  1.00 46.33 ? 66  ALA A CB  1 
ATOM   496  O  OXT . ALA A 1 66 ? 5.893   -7.089  -3.576  1.00 57.47 ? 66  ALA A OXT 1 
ATOM   497  N  N   . ALA B 1 1  ? 0.716   6.161   8.349   1.00 44.67 ? 1   ALA C N   1 
ATOM   498  C  CA  . ALA B 1 1  ? 0.495   4.806   8.940   1.00 42.00 ? 1   ALA C CA  1 
ATOM   499  C  C   . ALA B 1 1  ? 0.456   3.761   7.830   1.00 38.67 ? 1   ALA C C   1 
ATOM   500  O  O   . ALA B 1 1  ? 0.257   4.100   6.663   1.00 42.35 ? 1   ALA C O   1 
ATOM   501  C  CB  . ALA B 1 1  ? -0.815  4.790   9.730   1.00 35.20 ? 1   ALA C CB  1 
ATOM   502  N  N   . TRP B 1 2  ? 0.646   2.497   8.194   1.00 34.72 ? 2   TRP C N   1 
ATOM   503  C  CA  . TRP B 1 2  ? 0.634   1.402   7.224   1.00 33.43 ? 2   TRP C CA  1 
ATOM   504  C  C   . TRP B 1 2  ? -0.424  0.342   7.545   1.00 35.30 ? 2   TRP C C   1 
ATOM   505  O  O   . TRP B 1 2  ? -0.861  0.207   8.690   1.00 39.75 ? 2   TRP C O   1 
ATOM   506  C  CB  . TRP B 1 2  ? 2.008   0.735   7.184   1.00 34.58 ? 2   TRP C CB  1 
ATOM   507  C  CG  . TRP B 1 2  ? 3.105   1.602   6.651   1.00 38.99 ? 2   TRP C CG  1 
ATOM   508  C  CD1 . TRP B 1 2  ? 3.378   1.868   5.340   1.00 40.47 ? 2   TRP C CD1 1 
ATOM   509  C  CD2 . TRP B 1 2  ? 4.101   2.294   7.414   1.00 35.77 ? 2   TRP C CD2 1 
ATOM   510  N  NE1 . TRP B 1 2  ? 4.487   2.677   5.238   1.00 37.10 ? 2   TRP C NE1 1 
ATOM   511  C  CE2 . TRP B 1 2  ? 4.950   2.953   6.497   1.00 35.95 ? 2   TRP C CE2 1 
ATOM   512  C  CE3 . TRP B 1 2  ? 4.359   2.418   8.787   1.00 35.04 ? 2   TRP C CE3 1 
ATOM   513  C  CZ2 . TRP B 1 2  ? 6.046   3.727   6.906   1.00 35.75 ? 2   TRP C CZ2 1 
ATOM   514  C  CZ3 . TRP B 1 2  ? 5.451   3.189   9.196   1.00 38.76 ? 2   TRP C CZ3 1 
ATOM   515  C  CH2 . TRP B 1 2  ? 6.279   3.833   8.255   1.00 36.52 ? 2   TRP C CH2 1 
ATOM   516  N  N   . LYS B 1 3  ? -0.832  -0.411  6.530   1.00 35.61 ? 3   LYS C N   1 
ATOM   517  C  CA  . LYS B 1 3  ? -1.813  -1.479  6.711   1.00 34.77 ? 3   LYS C CA  1 
ATOM   518  C  C   . LYS B 1 3  ? -1.347  -2.721  5.961   1.00 35.41 ? 3   LYS C C   1 
ATOM   519  O  O   . LYS B 1 3  ? -1.126  -2.681  4.751   1.00 37.42 ? 3   LYS C O   1 
ATOM   520  C  CB  . LYS B 1 3  ? -3.192  -1.063  6.196   1.00 37.50 ? 3   LYS C CB  1 
ATOM   521  C  CG  . LYS B 1 3  ? -4.219  -2.188  6.275   1.00 44.50 ? 3   LYS C CG  1 
ATOM   522  C  CD  . LYS B 1 3  ? -5.532  -1.819  5.600   1.00 53.56 ? 3   LYS C CD  1 
ATOM   523  C  CE  . LYS B 1 3  ? -6.509  -2.993  5.624   1.00 53.46 ? 3   LYS C CE  1 
ATOM   524  N  NZ  . LYS B 1 3  ? -7.813  -2.666  4.973   1.00 48.90 ? 3   LYS C NZ  1 
ATOM   525  N  N   . VAL B 1 4  ? -1.199  -3.824  6.682   1.00 33.79 ? 4   VAL C N   1 
ATOM   526  C  CA  . VAL B 1 4  ? -0.750  -5.065  6.069   1.00 31.25 ? 4   VAL C CA  1 
ATOM   527  C  C   . VAL B 1 4  ? -1.913  -5.988  5.745   1.00 30.42 ? 4   VAL C C   1 
ATOM   528  O  O   . VAL B 1 4  ? -2.927  -5.998  6.436   1.00 29.58 ? 4   VAL C O   1 
ATOM   529  C  CB  . VAL B 1 4  ? 0.251   -5.805  6.981   1.00 27.15 ? 4   VAL C CB  1 
ATOM   530  C  CG1 . VAL B 1 4  ? 0.560   -7.180  6.415   1.00 28.35 ? 4   VAL C CG1 1 
ATOM   531  C  CG2 . VAL B 1 4  ? 1.534   -4.997  7.091   1.00 24.63 ? 4   VAL C CG2 1 
ATOM   532  N  N   . SER B 1 5  ? -1.756  -6.763  4.680   1.00 35.27 ? 5   SER C N   1 
ATOM   533  C  CA  . SER B 1 5  ? -2.783  -7.697  4.250   1.00 35.77 ? 5   SER C CA  1 
ATOM   534  C  C   . SER B 1 5  ? -2.158  -8.940  3.618   1.00 36.77 ? 5   SER C C   1 
ATOM   535  O  O   . SER B 1 5  ? -1.070  -8.879  3.043   1.00 40.21 ? 5   SER C O   1 
ATOM   536  C  CB  . SER B 1 5  ? -3.701  -7.013  3.240   1.00 36.89 ? 5   SER C CB  1 
ATOM   537  O  OG  . SER B 1 5  ? -2.931  -6.496  2.173   1.00 34.89 ? 5   SER C OG  1 
ATOM   538  N  N   . VAL B 1 6  ? -2.847  -10.069 3.736   1.00 36.30 ? 6   VAL C N   1 
ATOM   539  C  CA  . VAL B 1 6  ? -2.365  -11.317 3.157   1.00 31.04 ? 6   VAL C CA  1 
ATOM   540  C  C   . VAL B 1 6  ? -3.446  -11.914 2.269   1.00 35.29 ? 6   VAL C C   1 
ATOM   541  O  O   . VAL B 1 6  ? -4.567  -12.164 2.719   1.00 33.60 ? 6   VAL C O   1 
ATOM   542  C  CB  . VAL B 1 6  ? -2.012  -12.366 4.227   1.00 26.29 ? 6   VAL C CB  1 
ATOM   543  C  CG1 . VAL B 1 6  ? -1.464  -13.616 3.543   1.00 17.88 ? 6   VAL C CG1 1 
ATOM   544  C  CG2 . VAL B 1 6  ? -0.997  -11.808 5.209   1.00 26.83 ? 6   VAL C CG2 1 
ATOM   545  N  N   . ASP B 1 7  ? -3.102  -12.147 1.010   1.00 33.58 ? 7   ASP C N   1 
ATOM   546  C  CA  . ASP B 1 7  ? -4.050  -12.721 0.077   1.00 35.15 ? 7   ASP C CA  1 
ATOM   547  C  C   . ASP B 1 7  ? -4.279  -14.186 0.446   1.00 34.46 ? 7   ASP C C   1 
ATOM   548  O  O   . ASP B 1 7  ? -3.408  -15.034 0.228   1.00 26.55 ? 7   ASP C O   1 
ATOM   549  C  CB  . ASP B 1 7  ? -3.519  -12.608 -1.351  1.00 38.27 ? 7   ASP C CB  1 
ATOM   550  C  CG  . ASP B 1 7  ? -4.604  -12.796 -2.381  1.00 40.95 ? 7   ASP C CG  1 
ATOM   551  O  OD1 . ASP B 1 7  ? -5.310  -13.821 -2.304  1.00 45.26 ? 7   ASP C OD1 1 
ATOM   552  O  OD2 . ASP B 1 7  ? -4.750  -11.916 -3.261  1.00 50.92 ? 7   ASP C OD2 1 
ATOM   553  N  N   . GLN B 1 8  ? -5.459  -14.467 0.999   1.00 33.68 ? 8   GLN C N   1 
ATOM   554  C  CA  . GLN B 1 8  ? -5.840  -15.809 1.431   1.00 37.31 ? 8   GLN C CA  1 
ATOM   555  C  C   . GLN B 1 8  ? -5.787  -16.864 0.334   1.00 39.45 ? 8   GLN C C   1 
ATOM   556  O  O   . GLN B 1 8  ? -5.648  -18.057 0.616   1.00 39.87 ? 8   GLN C O   1 
ATOM   557  C  CB  . GLN B 1 8  ? -7.241  -15.776 2.043   1.00 37.01 ? 8   GLN C CB  1 
ATOM   558  C  CG  . GLN B 1 8  ? -7.314  -14.989 3.334   1.00 43.62 ? 8   GLN C CG  1 
ATOM   559  C  CD  . GLN B 1 8  ? -6.380  -15.546 4.392   1.00 50.23 ? 8   GLN C CD  1 
ATOM   560  O  OE1 . GLN B 1 8  ? -6.615  -16.626 4.939   1.00 54.06 ? 8   GLN C OE1 1 
ATOM   561  N  NE2 . GLN B 1 8  ? -5.304  -14.818 4.674   1.00 47.72 ? 8   GLN C NE2 1 
ATOM   562  N  N   . ASP B 1 9  ? -5.888  -16.426 -0.913  1.00 38.89 ? 9   ASP C N   1 
ATOM   563  C  CA  . ASP B 1 9  ? -5.850  -17.351 -2.036  1.00 45.41 ? 9   ASP C CA  1 
ATOM   564  C  C   . ASP B 1 9  ? -4.414  -17.706 -2.418  1.00 42.13 ? 9   ASP C C   1 
ATOM   565  O  O   . ASP B 1 9  ? -4.127  -18.851 -2.776  1.00 39.87 ? 9   ASP C O   1 
ATOM   566  C  CB  . ASP B 1 9  ? -6.569  -16.738 -3.239  1.00 55.41 ? 9   ASP C CB  1 
ATOM   567  C  CG  . ASP B 1 9  ? -7.968  -16.257 -2.900  1.00 66.41 ? 9   ASP C CG  1 
ATOM   568  O  OD1 . ASP B 1 9  ? -8.811  -17.091 -2.490  1.00 67.27 ? 9   ASP C OD1 1 
ATOM   569  O  OD2 . ASP B 1 9  ? -8.224  -15.039 -3.043  1.00 73.82 ? 9   ASP C OD2 1 
ATOM   570  N  N   . THR B 1 10 ? -3.520  -16.723 -2.335  1.00 38.97 ? 10  THR C N   1 
ATOM   571  C  CA  . THR B 1 10 ? -2.110  -16.918 -2.677  1.00 35.65 ? 10  THR C CA  1 
ATOM   572  C  C   . THR B 1 10 ? -1.349  -17.691 -1.599  1.00 30.81 ? 10  THR C C   1 
ATOM   573  O  O   . THR B 1 10 ? -0.681  -18.681 -1.889  1.00 29.19 ? 10  THR C O   1 
ATOM   574  C  CB  . THR B 1 10 ? -1.388  -15.574 -2.879  1.00 37.95 ? 10  THR C CB  1 
ATOM   575  O  OG1 . THR B 1 10 ? -2.175  -14.722 -3.724  1.00 37.53 ? 10  THR C OG1 1 
ATOM   576  C  CG2 . THR B 1 10 ? -0.030  -15.803 -3.522  1.00 34.22 ? 10  THR C CG2 1 
ATOM   577  N  N   . CYS B 1 11 ? -1.461  -17.225 -0.360  1.00 26.60 ? 11  CYS C N   1 
ATOM   578  C  CA  . CYS B 1 11 ? -0.786  -17.841 0.776   1.00 25.56 ? 11  CYS C CA  1 
ATOM   579  C  C   . CYS B 1 11 ? -0.813  -19.373 0.776   1.00 28.60 ? 11  CYS C C   1 
ATOM   580  O  O   . CYS B 1 11 ? -1.858  -19.991 0.558   1.00 25.03 ? 11  CYS C O   1 
ATOM   581  C  CB  . CYS B 1 11 ? -1.394  -17.309 2.074   1.00 14.98 ? 11  CYS C CB  1 
ATOM   582  S  SG  . CYS B 1 11 ? -0.896  -18.215 3.514   1.00 27.51 ? 11  CYS C SG  1 
ATOM   583  N  N   . ILE B 1 12 ? 0.347   -19.984 1.021   1.00 27.87 ? 12  ILE C N   1 
ATOM   584  C  CA  . ILE B 1 12 ? 0.443   -21.441 1.052   1.00 27.69 ? 12  ILE C CA  1 
ATOM   585  C  C   . ILE B 1 12 ? 0.881   -21.940 2.427   1.00 27.76 ? 12  ILE C C   1 
ATOM   586  O  O   . ILE B 1 12 ? 1.215   -23.112 2.596   1.00 30.47 ? 12  ILE C O   1 
ATOM   587  C  CB  . ILE B 1 12 ? 1.435   -21.983 -0.011  1.00 26.74 ? 12  ILE C CB  1 
ATOM   588  C  CG1 . ILE B 1 12 ? 2.856   -21.490 0.290   1.00 35.36 ? 12  ILE C CG1 1 
ATOM   589  C  CG2 . ILE B 1 12 ? 0.990   -21.558 -1.403  1.00 28.49 ? 12  ILE C CG2 1 
ATOM   590  C  CD1 . ILE B 1 12 ? 3.927   -22.125 -0.581  1.00 28.34 ? 12  ILE C CD1 1 
ATOM   591  N  N   . GLY B 1 13 ? 0.867   -21.047 3.408   1.00 26.79 ? 13  GLY C N   1 
ATOM   592  C  CA  . GLY B 1 13 ? 1.256   -21.427 4.752   1.00 31.34 ? 13  GLY C CA  1 
ATOM   593  C  C   . GLY B 1 13 ? 2.737   -21.716 4.931   1.00 30.69 ? 13  GLY C C   1 
ATOM   594  O  O   . GLY B 1 13 ? 3.114   -22.601 5.692   1.00 28.48 ? 13  GLY C O   1 
ATOM   595  N  N   . ASP B 1 14 ? 3.583   -20.980 4.221   1.00 36.22 ? 14  ASP C N   1 
ATOM   596  C  CA  . ASP B 1 14 ? 5.022   -21.169 4.349   1.00 38.15 ? 14  ASP C CA  1 
ATOM   597  C  C   . ASP B 1 14 ? 5.407   -20.747 5.771   1.00 32.30 ? 14  ASP C C   1 
ATOM   598  O  O   . ASP B 1 14 ? 6.265   -21.357 6.399   1.00 31.54 ? 14  ASP C O   1 
ATOM   599  C  CB  . ASP B 1 14 ? 5.761   -20.303 3.326   1.00 44.42 ? 14  ASP C CB  1 
ATOM   600  C  CG  . ASP B 1 14 ? 7.242   -20.613 3.261   1.00 50.42 ? 14  ASP C CG  1 
ATOM   601  O  OD1 . ASP B 1 14 ? 7.594   -21.738 2.834   1.00 54.36 ? 14  ASP C OD1 1 
ATOM   602  O  OD2 . ASP B 1 14 ? 8.051   -19.737 3.642   1.00 51.05 ? 14  ASP C OD2 1 
ATOM   603  N  N   . ALA B 1 15 ? 4.758   -19.686 6.249   1.00 31.02 ? 15  ALA C N   1 
ATOM   604  C  CA  . ALA B 1 15 ? 4.958   -19.137 7.589   1.00 30.76 ? 15  ALA C CA  1 
ATOM   605  C  C   . ALA B 1 15 ? 6.269   -18.388 7.831   1.00 32.95 ? 15  ALA C C   1 
ATOM   606  O  O   . ALA B 1 15 ? 6.599   -18.082 8.976   1.00 33.91 ? 15  ALA C O   1 
ATOM   607  C  CB  . ALA B 1 15 ? 4.791   -20.240 8.638   1.00 29.85 ? 15  ALA C CB  1 
ATOM   608  N  N   . ILE B 1 16 ? 7.014   -18.080 6.774   1.00 35.71 ? 16  ILE C N   1 
ATOM   609  C  CA  . ILE B 1 16 ? 8.271   -17.363 6.959   1.00 37.51 ? 16  ILE C CA  1 
ATOM   610  C  C   . ILE B 1 16 ? 7.994   -15.944 7.444   1.00 38.16 ? 16  ILE C C   1 
ATOM   611  O  O   . ILE B 1 16 ? 8.856   -15.313 8.049   1.00 39.38 ? 16  ILE C O   1 
ATOM   612  C  CB  . ILE B 1 16 ? 9.115   -17.309 5.652   1.00 41.79 ? 16  ILE C CB  1 
ATOM   613  C  CG1 . ILE B 1 16 ? 10.566  -16.960 5.990   1.00 47.24 ? 16  ILE C CG1 1 
ATOM   614  C  CG2 . ILE B 1 16 ? 8.579   -16.255 4.710   1.00 35.08 ? 16  ILE C CG2 1 
ATOM   615  C  CD1 . ILE B 1 16 ? 11.198  -17.890 7.012   1.00 53.51 ? 16  ILE C CD1 1 
ATOM   616  N  N   . CYS B 1 17 ? 6.784   -15.450 7.185   1.00 37.37 ? 17  CYS C N   1 
ATOM   617  C  CA  . CYS B 1 17 ? 6.387   -14.110 7.606   1.00 34.35 ? 17  CYS C CA  1 
ATOM   618  C  C   . CYS B 1 17 ? 6.246   -14.006 9.125   1.00 36.55 ? 17  CYS C C   1 
ATOM   619  O  O   . CYS B 1 17 ? 6.759   -13.066 9.740   1.00 36.27 ? 17  CYS C O   1 
ATOM   620  C  CB  . CYS B 1 17 ? 5.068   -13.707 6.931   1.00 35.50 ? 17  CYS C CB  1 
ATOM   621  S  SG  . CYS B 1 17 ? 3.666   -14.844 7.167   1.00 31.03 ? 17  CYS C SG  1 
ATOM   622  N  N   . ALA B 1 18 ? 5.552   -14.972 9.725   1.00 35.85 ? 18  ALA C N   1 
ATOM   623  C  CA  . ALA B 1 18 ? 5.344   -14.995 11.171  1.00 29.28 ? 18  ALA C CA  1 
ATOM   624  C  C   . ALA B 1 18 ? 6.669   -15.236 11.890  1.00 31.11 ? 18  ALA C C   1 
ATOM   625  O  O   . ALA B 1 18 ? 6.842   -14.866 13.051  1.00 29.01 ? 18  ALA C O   1 
ATOM   626  C  CB  . ALA B 1 18 ? 4.340   -16.078 11.540  1.00 27.16 ? 18  ALA C CB  1 
ATOM   627  N  N   . SER B 1 19 ? 7.604   -15.869 11.193  1.00 33.56 ? 19  SER C N   1 
ATOM   628  C  CA  . SER B 1 19 ? 8.914   -16.130 11.762  1.00 39.43 ? 19  SER C CA  1 
ATOM   629  C  C   . SER B 1 19 ? 9.663   -14.804 11.910  1.00 40.15 ? 19  SER C C   1 
ATOM   630  O  O   . SER B 1 19 ? 10.108  -14.447 13.001  1.00 41.97 ? 19  SER C O   1 
ATOM   631  C  CB  . SER B 1 19 ? 9.696   -17.081 10.855  1.00 41.52 ? 19  SER C CB  1 
ATOM   632  O  OG  . SER B 1 19 ? 11.021  -17.254 11.321  1.00 47.48 ? 19  SER C OG  1 
ATOM   633  N  N   . LEU B 1 20 ? 9.771   -14.067 10.808  1.00 41.71 ? 20  LEU C N   1 
ATOM   634  C  CA  . LEU B 1 20 ? 10.462  -12.783 10.783  1.00 44.23 ? 20  LEU C CA  1 
ATOM   635  C  C   . LEU B 1 20 ? 9.743   -11.674 11.554  1.00 47.32 ? 20  LEU C C   1 
ATOM   636  O  O   . LEU B 1 20 ? 10.374  -10.927 12.304  1.00 50.08 ? 20  LEU C O   1 
ATOM   637  C  CB  . LEU B 1 20 ? 10.661  -12.318 9.337   1.00 41.24 ? 20  LEU C CB  1 
ATOM   638  C  CG  . LEU B 1 20 ? 11.371  -13.249 8.355   1.00 38.56 ? 20  LEU C CG  1 
ATOM   639  C  CD1 . LEU B 1 20 ? 11.444  -12.590 6.994   1.00 41.79 ? 20  LEU C CD1 1 
ATOM   640  C  CD2 . LEU B 1 20 ? 12.762  -13.560 8.858   1.00 47.91 ? 20  LEU C CD2 1 
ATOM   641  N  N   . CYS B 1 21 ? 8.430   -11.569 11.365  1.00 47.82 ? 21  CYS C N   1 
ATOM   642  C  CA  . CYS B 1 21 ? 7.627   -10.528 12.008  1.00 45.59 ? 21  CYS C CA  1 
ATOM   643  C  C   . CYS B 1 21 ? 6.465   -11.156 12.776  1.00 43.27 ? 21  CYS C C   1 
ATOM   644  O  O   . CYS B 1 21 ? 5.314   -11.070 12.349  1.00 37.93 ? 21  CYS C O   1 
ATOM   645  C  CB  . CYS B 1 21 ? 7.077   -9.602  10.924  1.00 53.88 ? 21  CYS C CB  1 
ATOM   646  S  SG  . CYS B 1 21 ? 7.117   -7.790  11.172  1.00 65.82 ? 21  CYS C SG  1 
ATOM   647  N  N   . PRO B 1 22 ? 6.749   -11.792 13.925  1.00 45.00 ? 22  PRO C N   1 
ATOM   648  C  CA  . PRO B 1 22 ? 5.704   -12.432 14.732  1.00 43.85 ? 22  PRO C CA  1 
ATOM   649  C  C   . PRO B 1 22 ? 4.739   -11.471 15.424  1.00 45.18 ? 22  PRO C C   1 
ATOM   650  O  O   . PRO B 1 22 ? 3.734   -11.897 15.987  1.00 46.14 ? 22  PRO C O   1 
ATOM   651  C  CB  . PRO B 1 22 ? 6.507   -13.267 15.723  1.00 42.28 ? 22  PRO C CB  1 
ATOM   652  C  CG  . PRO B 1 22 ? 7.713   -12.432 15.947  1.00 41.10 ? 22  PRO C CG  1 
ATOM   653  C  CD  . PRO B 1 22 ? 8.073   -11.985 14.543  1.00 46.79 ? 22  PRO C CD  1 
ATOM   654  N  N   . ASP B 1 23 ? 5.044   -10.177 15.382  1.00 47.09 ? 23  ASP C N   1 
ATOM   655  C  CA  . ASP B 1 23 ? 4.186   -9.172  16.010  1.00 47.22 ? 23  ASP C CA  1 
ATOM   656  C  C   . ASP B 1 23 ? 3.173   -8.658  15.007  1.00 41.52 ? 23  ASP C C   1 
ATOM   657  O  O   . ASP B 1 23 ? 2.249   -7.941  15.370  1.00 39.88 ? 23  ASP C O   1 
ATOM   658  C  CB  . ASP B 1 23 ? 5.019   -7.993  16.510  1.00 55.32 ? 23  ASP C CB  1 
ATOM   659  C  CG  . ASP B 1 23 ? 6.114   -8.418  17.455  1.00 64.04 ? 23  ASP C CG  1 
ATOM   660  O  OD1 . ASP B 1 23 ? 5.787   -8.903  18.558  1.00 64.40 ? 23  ASP C OD1 1 
ATOM   661  O  OD2 . ASP B 1 23 ? 7.301   -8.271  17.088  1.00 70.19 ? 23  ASP C OD2 1 
ATOM   662  N  N   . VAL B 1 24 ? 3.364   -9.025  13.744  1.00 38.89 ? 24  VAL C N   1 
ATOM   663  C  CA  . VAL B 1 24 ? 2.477   -8.601  12.668  1.00 34.73 ? 24  VAL C CA  1 
ATOM   664  C  C   . VAL B 1 24 ? 1.664   -9.750  12.057  1.00 34.34 ? 24  VAL C C   1 
ATOM   665  O  O   . VAL B 1 24 ? 0.484   -9.589  11.734  1.00 35.70 ? 24  VAL C O   1 
ATOM   666  C  CB  . VAL B 1 24 ? 3.286   -7.918  11.540  1.00 35.66 ? 24  VAL C CB  1 
ATOM   667  C  CG1 . VAL B 1 24 ? 2.357   -7.504  10.396  1.00 32.61 ? 24  VAL C CG1 1 
ATOM   668  C  CG2 . VAL B 1 24 ? 4.036   -6.714  12.098  1.00 32.55 ? 24  VAL C CG2 1 
ATOM   669  N  N   . PHE B 1 25 ? 2.291   -10.910 11.909  1.00 31.85 ? 25  PHE C N   1 
ATOM   670  C  CA  . PHE B 1 25 ? 1.633   -12.056 11.299  1.00 30.30 ? 25  PHE C CA  1 
ATOM   671  C  C   . PHE B 1 25 ? 1.370   -13.228 12.238  1.00 31.98 ? 25  PHE C C   1 
ATOM   672  O  O   . PHE B 1 25 ? 2.165   -13.510 13.132  1.00 30.12 ? 25  PHE C O   1 
ATOM   673  C  CB  . PHE B 1 25 ? 2.480   -12.545 10.127  1.00 30.22 ? 25  PHE C CB  1 
ATOM   674  C  CG  . PHE B 1 25 ? 2.827   -11.474 9.146   1.00 31.24 ? 25  PHE C CG  1 
ATOM   675  C  CD1 . PHE B 1 25 ? 1.903   -11.063 8.193   1.00 29.49 ? 25  PHE C CD1 1 
ATOM   676  C  CD2 . PHE B 1 25 ? 4.080   -10.866 9.177   1.00 30.29 ? 25  PHE C CD2 1 
ATOM   677  C  CE1 . PHE B 1 25 ? 2.218   -10.072 7.282   1.00 31.08 ? 25  PHE C CE1 1 
ATOM   678  C  CE2 . PHE B 1 25 ? 4.407   -9.870  8.271   1.00 33.22 ? 25  PHE C CE2 1 
ATOM   679  C  CZ  . PHE B 1 25 ? 3.475   -9.469  7.321   1.00 35.78 ? 25  PHE C CZ  1 
ATOM   680  N  N   . GLU B 1 26 ? 0.256   -13.915 12.006  1.00 30.61 ? 26  GLU C N   1 
ATOM   681  C  CA  . GLU B 1 26 ? -0.129  -15.078 12.801  1.00 33.25 ? 26  GLU C CA  1 
ATOM   682  C  C   . GLU B 1 26 ? -0.830  -16.074 11.883  1.00 33.40 ? 26  GLU C C   1 
ATOM   683  O  O   . GLU B 1 26 ? -1.333  -15.699 10.827  1.00 34.78 ? 26  GLU C O   1 
ATOM   684  C  CB  . GLU B 1 26 ? -1.092  -14.668 13.917  1.00 32.27 ? 26  GLU C CB  1 
ATOM   685  C  CG  . GLU B 1 26 ? -2.448  -14.193 13.402  1.00 40.47 ? 26  GLU C CG  1 
ATOM   686  C  CD  . GLU B 1 26 ? -3.438  -13.886 14.517  1.00 46.17 ? 26  GLU C CD  1 
ATOM   687  O  OE1 . GLU B 1 26 ? -4.564  -13.440 14.202  1.00 52.00 ? 26  GLU C OE1 1 
ATOM   688  O  OE2 . GLU B 1 26 ? -3.095  -14.088 15.702  1.00 49.08 ? 26  GLU C OE2 1 
ATOM   689  N  N   . MET B 1 27 ? -0.877  -17.338 12.282  1.00 33.50 ? 27  MET C N   1 
ATOM   690  C  CA  . MET B 1 27 ? -1.539  -18.348 11.463  1.00 38.26 ? 27  MET C CA  1 
ATOM   691  C  C   . MET B 1 27 ? -2.995  -18.499 11.886  1.00 35.74 ? 27  MET C C   1 
ATOM   692  O  O   . MET B 1 27 ? -3.294  -18.557 13.080  1.00 34.33 ? 27  MET C O   1 
ATOM   693  C  CB  . MET B 1 27 ? -0.823  -19.696 11.596  1.00 42.72 ? 27  MET C CB  1 
ATOM   694  C  CG  . MET B 1 27 ? 0.631   -19.696 11.125  1.00 46.47 ? 27  MET C CG  1 
ATOM   695  S  SD  . MET B 1 27 ? 0.843   -19.313 9.368   1.00 53.81 ? 27  MET C SD  1 
ATOM   696  C  CE  . MET B 1 27 ? 1.148   -17.553 9.443   1.00 57.27 ? 27  MET C CE  1 
ATOM   697  N  N   . ASN B 1 28 ? -3.904  -18.552 10.917  1.00 33.97 ? 28  ASN C N   1 
ATOM   698  C  CA  . ASN B 1 28 ? -5.318  -18.708 11.246  1.00 35.19 ? 28  ASN C CA  1 
ATOM   699  C  C   . ASN B 1 28 ? -5.712  -20.174 11.198  1.00 38.40 ? 28  ASN C C   1 
ATOM   700  O  O   . ASN B 1 28 ? -4.881  -21.034 10.888  1.00 35.16 ? 28  ASN C O   1 
ATOM   701  C  CB  . ASN B 1 28 ? -6.216  -17.890 10.302  1.00 30.73 ? 28  ASN C CB  1 
ATOM   702  C  CG  . ASN B 1 28 ? -6.012  -18.233 8.834   1.00 33.20 ? 28  ASN C CG  1 
ATOM   703  O  OD1 . ASN B 1 28 ? -5.971  -19.404 8.447   1.00 27.81 ? 28  ASN C OD1 1 
ATOM   704  N  ND2 . ASN B 1 28 ? -5.902  -17.201 8.004   1.00 35.88 ? 28  ASN C ND2 1 
ATOM   705  N  N   . ASP B 1 29 ? -6.977  -20.455 11.504  1.00 44.01 ? 29  ASP C N   1 
ATOM   706  C  CA  . ASP B 1 29 ? -7.481  -21.827 11.513  1.00 44.70 ? 29  ASP C CA  1 
ATOM   707  C  C   . ASP B 1 29 ? -7.486  -22.500 10.145  1.00 43.30 ? 29  ASP C C   1 
ATOM   708  O  O   . ASP B 1 29 ? -7.623  -23.718 10.045  1.00 42.58 ? 29  ASP C O   1 
ATOM   709  C  CB  . ASP B 1 29 ? -8.882  -21.867 12.128  1.00 46.28 ? 29  ASP C CB  1 
ATOM   710  C  CG  . ASP B 1 29 ? -8.855  -21.752 13.644  1.00 54.74 ? 29  ASP C CG  1 
ATOM   711  O  OD1 . ASP B 1 29 ? -8.285  -22.652 14.297  1.00 58.36 ? 29  ASP C OD1 1 
ATOM   712  O  OD2 . ASP B 1 29 ? -9.399  -20.765 14.183  1.00 58.28 ? 29  ASP C OD2 1 
ATOM   713  N  N   . GLU B 1 30 ? -7.328  -21.707 9.093   1.00 46.47 ? 30  GLU C N   1 
ATOM   714  C  CA  . GLU B 1 30 ? -7.294  -22.243 7.736   1.00 49.01 ? 30  GLU C CA  1 
ATOM   715  C  C   . GLU B 1 30 ? -5.849  -22.515 7.299   1.00 48.83 ? 30  GLU C C   1 
ATOM   716  O  O   . GLU B 1 30 ? -5.587  -22.806 6.132   1.00 50.32 ? 30  GLU C O   1 
ATOM   717  C  CB  . GLU B 1 30 ? -7.961  -21.266 6.763   1.00 53.10 ? 30  GLU C CB  1 
ATOM   718  C  CG  . GLU B 1 30 ? -9.460  -21.091 6.982   1.00 60.05 ? 30  GLU C CG  1 
ATOM   719  C  CD  . GLU B 1 30 ? -9.803  -20.486 8.335   1.00 64.47 ? 30  GLU C CD  1 
ATOM   720  O  OE1 . GLU B 1 30 ? -9.439  -19.313 8.576   1.00 64.95 ? 30  GLU C OE1 1 
ATOM   721  O  OE2 . GLU B 1 30 ? -10.440 -21.187 9.159   1.00 63.78 ? 30  GLU C OE2 1 
ATOM   722  N  N   . GLY B 1 31 ? -4.920  -22.413 8.249   1.00 47.98 ? 31  GLY C N   1 
ATOM   723  C  CA  . GLY B 1 31 ? -3.514  -22.661 7.966   1.00 41.73 ? 31  GLY C CA  1 
ATOM   724  C  C   . GLY B 1 31 ? -2.830  -21.627 7.092   1.00 39.33 ? 31  GLY C C   1 
ATOM   725  O  O   . GLY B 1 31 ? -1.799  -21.912 6.484   1.00 41.78 ? 31  GLY C O   1 
ATOM   726  N  N   . LYS B 1 32 ? -3.398  -20.429 7.020   1.00 37.29 ? 32  LYS C N   1 
ATOM   727  C  CA  . LYS B 1 32 ? -2.818  -19.361 6.212   1.00 39.69 ? 32  LYS C CA  1 
ATOM   728  C  C   . LYS B 1 32 ? -2.425  -18.170 7.088   1.00 36.48 ? 32  LYS C C   1 
ATOM   729  O  O   . LYS B 1 32 ? -2.906  -18.032 8.215   1.00 34.70 ? 32  LYS C O   1 
ATOM   730  C  CB  . LYS B 1 32 ? -3.812  -18.919 5.131   1.00 42.70 ? 32  LYS C CB  1 
ATOM   731  C  CG  . LYS B 1 32 ? -4.218  -20.035 4.168   1.00 43.27 ? 32  LYS C CG  1 
ATOM   732  C  CD  . LYS B 1 32 ? -5.212  -19.534 3.136   1.00 50.28 ? 32  LYS C CD  1 
ATOM   733  C  CE  . LYS B 1 32 ? -5.850  -20.674 2.349   1.00 51.03 ? 32  LYS C CE  1 
ATOM   734  N  NZ  . LYS B 1 32 ? -4.878  -21.441 1.527   1.00 49.74 ? 32  LYS C NZ  1 
ATOM   735  N  N   . ALA B 1 33 ? -1.538  -17.322 6.574   1.00 34.87 ? 33  ALA C N   1 
ATOM   736  C  CA  . ALA B 1 33 ? -1.090  -16.148 7.318   1.00 34.77 ? 33  ALA C CA  1 
ATOM   737  C  C   . ALA B 1 33 ? -2.235  -15.161 7.480   1.00 38.61 ? 33  ALA C C   1 
ATOM   738  O  O   . ALA B 1 33 ? -3.204  -15.175 6.722   1.00 36.78 ? 33  ALA C O   1 
ATOM   739  C  CB  . ALA B 1 33 ? 0.080   -15.480 6.611   1.00 39.15 ? 33  ALA C CB  1 
ATOM   740  N  N   . GLN B 1 34 ? -2.103  -14.287 8.466   1.00 42.40 ? 34  GLN C N   1 
ATOM   741  C  CA  . GLN B 1 34 ? -3.138  -13.317 8.764   1.00 41.37 ? 34  GLN C CA  1 
ATOM   742  C  C   . GLN B 1 34 ? -2.541  -12.228 9.635   1.00 39.22 ? 34  GLN C C   1 
ATOM   743  O  O   . GLN B 1 34 ? -1.902  -12.514 10.648  1.00 42.18 ? 34  GLN C O   1 
ATOM   744  C  CB  . GLN B 1 34 ? -4.267  -14.043 9.492   1.00 44.81 ? 34  GLN C CB  1 
ATOM   745  C  CG  . GLN B 1 34 ? -5.300  -13.183 10.159  1.00 46.18 ? 34  GLN C CG  1 
ATOM   746  C  CD  . GLN B 1 34 ? -6.451  -14.021 10.688  1.00 48.03 ? 34  GLN C CD  1 
ATOM   747  O  OE1 . GLN B 1 34 ? -7.216  -14.599 9.912   1.00 45.98 ? 34  GLN C OE1 1 
ATOM   748  N  NE2 . GLN B 1 34 ? -6.570  -14.107 12.010  1.00 46.84 ? 34  GLN C NE2 1 
ATOM   749  N  N   . PRO B 1 35 ? -2.727  -10.959 9.248   1.00 33.92 ? 35  PRO C N   1 
ATOM   750  C  CA  . PRO B 1 35 ? -2.168  -9.880  10.058  1.00 32.86 ? 35  PRO C CA  1 
ATOM   751  C  C   . PRO B 1 35 ? -2.895  -9.804  11.396  1.00 30.04 ? 35  PRO C C   1 
ATOM   752  O  O   . PRO B 1 35 ? -4.120  -9.718  11.434  1.00 33.91 ? 35  PRO C O   1 
ATOM   753  C  CB  . PRO B 1 35 ? -2.398  -8.647  9.186   1.00 33.62 ? 35  PRO C CB  1 
ATOM   754  C  CG  . PRO B 1 35 ? -3.691  -8.954  8.517   1.00 35.37 ? 35  PRO C CG  1 
ATOM   755  C  CD  . PRO B 1 35 ? -3.535  -10.425 8.136   1.00 38.49 ? 35  PRO C CD  1 
ATOM   756  N  N   . LYS B 1 36 ? -2.141  -9.858  12.489  1.00 28.29 ? 36  LYS C N   1 
ATOM   757  C  CA  . LYS B 1 36 ? -2.734  -9.789  13.821  1.00 34.64 ? 36  LYS C CA  1 
ATOM   758  C  C   . LYS B 1 36 ? -2.933  -8.339  14.260  1.00 33.66 ? 36  LYS C C   1 
ATOM   759  O  O   . LYS B 1 36 ? -3.390  -8.078  15.365  1.00 37.06 ? 36  LYS C O   1 
ATOM   760  C  CB  . LYS B 1 36 ? -1.858  -10.518 14.850  1.00 33.62 ? 36  LYS C CB  1 
ATOM   761  C  CG  . LYS B 1 36 ? -0.466  -9.929  15.026  1.00 40.85 ? 36  LYS C CG  1 
ATOM   762  C  CD  . LYS B 1 36 ? 0.229   -10.520 16.246  1.00 46.66 ? 36  LYS C CD  1 
ATOM   763  C  CE  . LYS B 1 36 ? 0.374   -12.032 16.142  1.00 50.97 ? 36  LYS C CE  1 
ATOM   764  N  NZ  . LYS B 1 36 ? 0.995   -12.617 17.371  1.00 47.90 ? 36  LYS C NZ  1 
ATOM   765  N  N   . VAL B 1 37 ? -2.593  -7.406  13.379  1.00 33.72 ? 37  VAL C N   1 
ATOM   766  C  CA  . VAL B 1 37 ? -2.722  -5.978  13.655  1.00 30.19 ? 37  VAL C CA  1 
ATOM   767  C  C   . VAL B 1 37 ? -3.330  -5.289  12.430  1.00 28.54 ? 37  VAL C C   1 
ATOM   768  O  O   . VAL B 1 37 ? -3.057  -5.690  11.302  1.00 28.58 ? 37  VAL C O   1 
ATOM   769  C  CB  . VAL B 1 37 ? -1.329  -5.376  13.980  1.00 35.20 ? 37  VAL C CB  1 
ATOM   770  C  CG1 . VAL B 1 37 ? -1.344  -3.876  13.810  1.00 39.88 ? 37  VAL C CG1 1 
ATOM   771  C  CG2 . VAL B 1 37 ? -0.936  -5.733  15.413  1.00 37.28 ? 37  VAL C CG2 1 
ATOM   772  N  N   . GLU B 1 38 ? -4.152  -4.261  12.644  1.00 28.05 ? 38  GLU C N   1 
ATOM   773  C  CA  . GLU B 1 38 ? -4.782  -3.552  11.524  1.00 32.29 ? 38  GLU C CA  1 
ATOM   774  C  C   . GLU B 1 38 ? -4.068  -2.276  11.105  1.00 31.50 ? 38  GLU C C   1 
ATOM   775  O  O   . GLU B 1 38 ? -4.428  -1.671  10.097  1.00 33.58 ? 38  GLU C O   1 
ATOM   776  C  CB  . GLU B 1 38 ? -6.248  -3.216  11.839  1.00 32.03 ? 38  GLU C CB  1 
ATOM   777  C  CG  . GLU B 1 38 ? -7.153  -4.433  11.981  1.00 46.27 ? 38  GLU C CG  1 
ATOM   778  C  CD  . GLU B 1 38 ? -6.844  -5.250  13.225  1.00 51.16 ? 38  GLU C CD  1 
ATOM   779  O  OE1 . GLU B 1 38 ? -7.083  -4.737  14.340  1.00 60.01 ? 38  GLU C OE1 1 
ATOM   780  O  OE2 . GLU B 1 38 ? -6.355  -6.395  13.088  1.00 53.89 ? 38  GLU C OE2 1 
ATOM   781  N  N   . VAL B 1 39 ? -3.066  -1.864  11.874  1.00 29.57 ? 39  VAL C N   1 
ATOM   782  C  CA  . VAL B 1 39 ? -2.310  -0.658  11.560  1.00 32.41 ? 39  VAL C CA  1 
ATOM   783  C  C   . VAL B 1 39 ? -0.905  -0.711  12.155  1.00 31.99 ? 39  VAL C C   1 
ATOM   784  O  O   . VAL B 1 39 ? -0.711  -1.155  13.281  1.00 27.52 ? 39  VAL C O   1 
ATOM   785  C  CB  . VAL B 1 39 ? -3.001  0.613   12.113  1.00 35.33 ? 39  VAL C CB  1 
ATOM   786  C  CG1 . VAL B 1 39 ? -2.178  1.846   11.760  1.00 40.56 ? 39  VAL C CG1 1 
ATOM   787  C  CG2 . VAL B 1 39 ? -4.397  0.743   11.548  1.00 38.66 ? 39  VAL C CG2 1 
ATOM   788  N  N   . ILE B 1 40 ? 0.075   -0.273  11.379  1.00 30.79 ? 40  ILE C N   1 
ATOM   789  C  CA  . ILE B 1 40 ? 1.444   -0.232  11.856  1.00 35.74 ? 40  ILE C CA  1 
ATOM   790  C  C   . ILE B 1 40 ? 1.854   1.228   11.839  1.00 37.07 ? 40  ILE C C   1 
ATOM   791  O  O   . ILE B 1 40 ? 1.797   1.884   10.803  1.00 38.06 ? 40  ILE C O   1 
ATOM   792  C  CB  . ILE B 1 40 ? 2.403   -1.041  10.961  1.00 35.01 ? 40  ILE C CB  1 
ATOM   793  C  CG1 . ILE B 1 40 ? 2.135   -2.536  11.136  1.00 31.84 ? 40  ILE C CG1 1 
ATOM   794  C  CG2 . ILE B 1 40 ? 3.853   -0.724  11.324  1.00 29.09 ? 40  ILE C CG2 1 
ATOM   795  C  CD1 . ILE B 1 40 ? 3.073   -3.422  10.349  1.00 35.15 ? 40  ILE C CD1 1 
ATOM   796  N  N   . GLU B 1 41 ? 2.232   1.736   13.002  1.00 40.07 ? 41  GLU C N   1 
ATOM   797  C  CA  . GLU B 1 41 ? 2.654   3.126   13.135  1.00 46.19 ? 41  GLU C CA  1 
ATOM   798  C  C   . GLU B 1 41 ? 4.145   3.064   13.408  1.00 44.21 ? 41  GLU C C   1 
ATOM   799  O  O   . GLU B 1 41 ? 4.930   3.837   12.870  1.00 42.62 ? 41  GLU C O   1 
ATOM   800  C  CB  . GLU B 1 41 ? 1.943   3.781   14.321  1.00 49.28 ? 41  GLU C CB  1 
ATOM   801  C  CG  . GLU B 1 41 ? 1.916   5.291   14.291  1.00 58.19 ? 41  GLU C CG  1 
ATOM   802  C  CD  . GLU B 1 41 ? 0.839   5.824   13.371  1.00 64.25 ? 41  GLU C CD  1 
ATOM   803  O  OE1 . GLU B 1 41 ? 0.760   7.057   13.204  1.00 70.45 ? 41  GLU C OE1 1 
ATOM   804  O  OE2 . GLU B 1 41 ? 0.070   5.008   12.817  1.00 64.99 ? 41  GLU C OE2 1 
ATOM   805  N  N   . ASP B 1 42 ? 4.513   2.116   14.259  1.00 45.88 ? 42  ASP C N   1 
ATOM   806  C  CA  . ASP B 1 42 ? 5.894   1.891   14.640  1.00 52.42 ? 42  ASP C CA  1 
ATOM   807  C  C   . ASP B 1 42 ? 6.691   1.560   13.381  1.00 55.34 ? 42  ASP C C   1 
ATOM   808  O  O   . ASP B 1 42 ? 6.220   0.822   12.516  1.00 55.56 ? 42  ASP C O   1 
ATOM   809  C  CB  . ASP B 1 42 ? 5.957   0.727   15.634  1.00 54.25 ? 42  ASP C CB  1 
ATOM   810  C  CG  . ASP B 1 42 ? 7.319   0.578   16.280  1.00 61.37 ? 42  ASP C CG  1 
ATOM   811  O  OD1 . ASP B 1 42 ? 8.303   0.323   15.558  1.00 64.81 ? 42  ASP C OD1 1 
ATOM   812  O  OD2 . ASP B 1 42 ? 7.405   0.713   17.518  1.00 68.67 ? 42  ASP C OD2 1 
ATOM   813  N  N   . GLU B 1 43 ? 7.898   2.107   13.278  1.00 57.55 ? 43  GLU C N   1 
ATOM   814  C  CA  . GLU B 1 43 ? 8.744   1.866   12.115  1.00 55.20 ? 43  GLU C CA  1 
ATOM   815  C  C   . GLU B 1 43 ? 9.560   0.583   12.224  1.00 49.24 ? 43  GLU C C   1 
ATOM   816  O  O   . GLU B 1 43 ? 10.040  0.063   11.222  1.00 40.48 ? 43  GLU C O   1 
ATOM   817  C  CB  . GLU B 1 43 ? 9.658   3.069   11.893  1.00 60.22 ? 43  GLU C CB  1 
ATOM   818  C  CG  . GLU B 1 43 ? 8.876   4.338   11.619  1.00 69.17 ? 43  GLU C CG  1 
ATOM   819  C  CD  . GLU B 1 43 ? 9.761   5.550   11.478  1.00 74.94 ? 43  GLU C CD  1 
ATOM   820  O  OE1 . GLU B 1 43 ? 10.669  5.522   10.620  1.00 77.95 ? 43  GLU C OE1 1 
ATOM   821  O  OE2 . GLU B 1 43 ? 9.546   6.531   12.223  1.00 76.83 ? 43  GLU C OE2 1 
ATOM   822  N  N   . GLU B 1 44 ? 9.708   0.076   13.444  1.00 49.32 ? 44  GLU C N   1 
ATOM   823  C  CA  . GLU B 1 44 ? 10.444  -1.161  13.683  1.00 51.37 ? 44  GLU C CA  1 
ATOM   824  C  C   . GLU B 1 44 ? 9.586   -2.311  13.159  1.00 47.43 ? 44  GLU C C   1 
ATOM   825  O  O   . GLU B 1 44 ? 10.089  -3.222  12.497  1.00 46.53 ? 44  GLU C O   1 
ATOM   826  C  CB  . GLU B 1 44 ? 10.694  -1.359  15.181  1.00 59.19 ? 44  GLU C CB  1 
ATOM   827  C  CG  . GLU B 1 44 ? 12.108  -1.790  15.534  1.00 68.44 ? 44  GLU C CG  1 
ATOM   828  C  CD  . GLU B 1 44 ? 12.951  -0.634  16.053  1.00 77.22 ? 44  GLU C CD  1 
ATOM   829  O  OE1 . GLU B 1 44 ? 12.606  -0.085  17.123  1.00 82.07 ? 44  GLU C OE1 1 
ATOM   830  O  OE2 . GLU B 1 44 ? 13.952  -0.274  15.397  1.00 77.87 ? 44  GLU C OE2 1 
ATOM   831  N  N   . LEU B 1 45 ? 8.291   -2.264  13.466  1.00 42.74 ? 45  LEU C N   1 
ATOM   832  C  CA  . LEU B 1 45 ? 7.365   -3.293  12.999  1.00 42.71 ? 45  LEU C CA  1 
ATOM   833  C  C   . LEU B 1 45 ? 7.196   -3.166  11.497  1.00 40.79 ? 45  LEU C C   1 
ATOM   834  O  O   . LEU B 1 45 ? 7.018   -4.161  10.800  1.00 42.64 ? 45  LEU C O   1 
ATOM   835  C  CB  . LEU B 1 45 ? 5.997   -3.161  13.672  1.00 37.51 ? 45  LEU C CB  1 
ATOM   836  C  CG  . LEU B 1 45 ? 5.921   -3.619  15.131  1.00 42.22 ? 45  LEU C CG  1 
ATOM   837  C  CD1 . LEU B 1 45 ? 4.488   -3.480  15.640  1.00 37.27 ? 45  LEU C CD1 1 
ATOM   838  C  CD2 . LEU B 1 45 ? 6.394   -5.067  15.235  1.00 37.07 ? 45  LEU C CD2 1 
ATOM   839  N  N   . TYR B 1 46 ? 7.252   -1.935  11.000  1.00 38.28 ? 46  TYR C N   1 
ATOM   840  C  CA  . TYR B 1 46 ? 7.116   -1.705  9.570   1.00 38.99 ? 46  TYR C CA  1 
ATOM   841  C  C   . TYR B 1 46 ? 8.233   -2.432  8.825   1.00 41.71 ? 46  TYR C C   1 
ATOM   842  O  O   . TYR B 1 46 ? 8.001   -3.082  7.802   1.00 39.53 ? 46  TYR C O   1 
ATOM   843  C  CB  . TYR B 1 46 ? 7.182   -0.205  9.251   1.00 34.49 ? 46  TYR C CB  1 
ATOM   844  C  CG  . TYR B 1 46 ? 7.301   0.070   7.769   1.00 31.57 ? 46  TYR C CG  1 
ATOM   845  C  CD1 . TYR B 1 46 ? 6.295   -0.324  6.882   1.00 32.34 ? 46  TYR C CD1 1 
ATOM   846  C  CD2 . TYR B 1 46 ? 8.454   0.644   7.241   1.00 29.53 ? 46  TYR C CD2 1 
ATOM   847  C  CE1 . TYR B 1 46 ? 6.442   -0.157  5.501   1.00 31.64 ? 46  TYR C CE1 1 
ATOM   848  C  CE2 . TYR B 1 46 ? 8.612   0.814   5.865   1.00 28.26 ? 46  TYR C CE2 1 
ATOM   849  C  CZ  . TYR B 1 46 ? 7.608   0.410   5.003   1.00 30.85 ? 46  TYR C CZ  1 
ATOM   850  O  OH  . TYR B 1 46 ? 7.775   0.562   3.646   1.00 36.21 ? 46  TYR C OH  1 
ATOM   851  N  N   . ASN B 1 47 ? 9.445   -2.319  9.357   1.00 42.70 ? 47  ASN C N   1 
ATOM   852  C  CA  . ASN B 1 47 ? 10.604  -2.941  8.750   1.00 43.86 ? 47  ASN C CA  1 
ATOM   853  C  C   . ASN B 1 47 ? 10.578  -4.454  8.665   1.00 43.99 ? 47  ASN C C   1 
ATOM   854  O  O   . ASN B 1 47 ? 10.948  -5.002  7.628   1.00 45.84 ? 47  ASN C O   1 
ATOM   855  C  CB  . ASN B 1 47 ? 11.878  -2.474  9.447   1.00 43.71 ? 47  ASN C CB  1 
ATOM   856  C  CG  . ASN B 1 47 ? 12.256  -1.063  9.056   1.00 49.35 ? 47  ASN C CG  1 
ATOM   857  O  OD1 . ASN B 1 47 ? 12.382  -0.746  7.869   1.00 51.57 ? 47  ASN C OD1 1 
ATOM   858  N  ND2 . ASN B 1 47 ? 12.439  -0.205  10.049  1.00 52.12 ? 47  ASN C ND2 1 
ATOM   859  N  N   . CYS B 1 48 ? 10.162  -5.156  9.716   1.00 44.53 ? 48  CYS C N   1 
ATOM   860  C  CA  . CYS B 1 48 ? 10.141  -6.604  9.564   1.00 48.11 ? 48  CYS C CA  1 
ATOM   861  C  C   . CYS B 1 48 ? 8.965   -7.051  8.697   1.00 44.14 ? 48  CYS C C   1 
ATOM   862  O  O   . CYS B 1 48 ? 9.027   -8.101  8.056   1.00 45.26 ? 48  CYS C O   1 
ATOM   863  C  CB  . CYS B 1 48 ? 10.197  -7.358  10.919  1.00 56.55 ? 48  CYS C CB  1 
ATOM   864  S  SG  . CYS B 1 48 ? 8.849   -7.396  12.166  1.00 75.48 ? 48  CYS C SG  1 
ATOM   865  N  N   . ALA B 1 49 ? 7.910   -6.239  8.640   1.00 40.05 ? 49  ALA C N   1 
ATOM   866  C  CA  . ALA B 1 49 ? 6.751   -6.569  7.810   1.00 38.64 ? 49  ALA C CA  1 
ATOM   867  C  C   . ALA B 1 49 ? 7.172   -6.454  6.346   1.00 37.76 ? 49  ALA C C   1 
ATOM   868  O  O   . ALA B 1 49 ? 6.663   -7.173  5.475   1.00 32.67 ? 49  ALA C O   1 
ATOM   869  C  CB  . ALA B 1 49 ? 5.598   -5.618  8.095   1.00 37.31 ? 49  ALA C CB  1 
ATOM   870  N  N   . LYS B 1 50 ? 8.109   -5.541  6.087   1.00 32.90 ? 50  LYS C N   1 
ATOM   871  C  CA  . LYS B 1 50 ? 8.619   -5.329  4.742   1.00 32.39 ? 50  LYS C CA  1 
ATOM   872  C  C   . LYS B 1 50 ? 9.675   -6.392  4.509   1.00 34.08 ? 50  LYS C C   1 
ATOM   873  O  O   . LYS B 1 50 ? 10.008  -6.725  3.377   1.00 34.44 ? 50  LYS C O   1 
ATOM   874  C  CB  . LYS B 1 50 ? 9.228   -3.934  4.610   1.00 39.20 ? 50  LYS C CB  1 
ATOM   875  C  CG  . LYS B 1 50 ? 9.690   -3.598  3.203   1.00 45.40 ? 50  LYS C CG  1 
ATOM   876  C  CD  . LYS B 1 50 ? 10.081  -2.134  3.083   1.00 54.29 ? 50  LYS C CD  1 
ATOM   877  C  CE  . LYS B 1 50 ? 10.523  -1.805  1.662   1.00 60.53 ? 50  LYS C CE  1 
ATOM   878  N  NZ  . LYS B 1 50 ? 10.881  -0.369  1.489   1.00 63.55 ? 50  LYS C NZ  1 
ATOM   879  N  N   . GLU B 1 51 ? 10.178  -6.930  5.614   1.00 40.49 ? 51  GLU C N   1 
ATOM   880  C  CA  . GLU B 1 51 ? 11.189  -7.978  5.595   1.00 43.26 ? 51  GLU C CA  1 
ATOM   881  C  C   . GLU B 1 51 ? 10.492  -9.262  5.159   1.00 38.96 ? 51  GLU C C   1 
ATOM   882  O  O   . GLU B 1 51 ? 10.990  -10.001 4.313   1.00 39.46 ? 51  GLU C O   1 
ATOM   883  C  CB  . GLU B 1 51 ? 11.769  -8.160  7.002   1.00 51.08 ? 51  GLU C CB  1 
ATOM   884  C  CG  . GLU B 1 51 ? 13.092  -8.890  7.051   1.00 65.38 ? 51  GLU C CG  1 
ATOM   885  C  CD  . GLU B 1 51 ? 14.246  -8.006  6.616   1.00 74.94 ? 51  GLU C CD  1 
ATOM   886  O  OE1 . GLU B 1 51 ? 14.194  -7.466  5.487   1.00 79.61 ? 51  GLU C OE1 1 
ATOM   887  O  OE2 . GLU B 1 51 ? 15.205  -7.847  7.403   1.00 78.15 ? 51  GLU C OE2 1 
ATOM   888  N  N   . ALA B 1 52 ? 9.327   -9.511  5.748   1.00 40.34 ? 52  ALA C N   1 
ATOM   889  C  CA  . ALA B 1 52 ? 8.532   -10.698 5.445   1.00 41.31 ? 52  ALA C CA  1 
ATOM   890  C  C   . ALA B 1 52 ? 7.937   -10.628 4.042   1.00 39.63 ? 52  ALA C C   1 
ATOM   891  O  O   . ALA B 1 52 ? 7.920   -11.624 3.315   1.00 37.93 ? 52  ALA C O   1 
ATOM   892  C  CB  . ALA B 1 52 ? 7.415   -10.860 6.477   1.00 37.17 ? 52  ALA C CB  1 
ATOM   893  N  N   . MET B 1 53 ? 7.447   -9.452  3.666   1.00 40.41 ? 53  MET C N   1 
ATOM   894  C  CA  . MET B 1 53 ? 6.854   -9.275  2.347   1.00 40.51 ? 53  MET C CA  1 
ATOM   895  C  C   . MET B 1 53 ? 7.825   -9.642  1.232   1.00 39.15 ? 53  MET C C   1 
ATOM   896  O  O   . MET B 1 53 ? 7.414   -10.124 0.176   1.00 33.25 ? 53  MET C O   1 
ATOM   897  C  CB  . MET B 1 53 ? 6.391   -7.835  2.158   1.00 42.23 ? 53  MET C CB  1 
ATOM   898  C  CG  . MET B 1 53 ? 5.812   -7.579  0.780   1.00 46.12 ? 53  MET C CG  1 
ATOM   899  S  SD  . MET B 1 53 ? 5.349   -5.871  0.525   1.00 54.47 ? 53  MET C SD  1 
ATOM   900  C  CE  . MET B 1 53 ? 6.988   -5.075  0.545   1.00 44.73 ? 53  MET C CE  1 
ATOM   901  N  N   . GLU B 1 54 ? 9.112   -9.404  1.462   1.00 41.43 ? 54  GLU C N   1 
ATOM   902  C  CA  . GLU B 1 54 ? 10.121  -9.723  0.463   1.00 43.18 ? 54  GLU C CA  1 
ATOM   903  C  C   . GLU B 1 54 ? 10.555  -11.183 0.548   1.00 38.93 ? 54  GLU C C   1 
ATOM   904  O  O   . GLU B 1 54 ? 11.119  -11.723 -0.400  1.00 39.25 ? 54  GLU C O   1 
ATOM   905  C  CB  . GLU B 1 54 ? 11.348  -8.822  0.623   1.00 52.73 ? 54  GLU C CB  1 
ATOM   906  C  CG  . GLU B 1 54 ? 12.408  -9.074  -0.450  1.00 71.66 ? 54  GLU C CG  1 
ATOM   907  C  CD  . GLU B 1 54 ? 13.687  -8.286  -0.234  1.00 83.01 ? 54  GLU C CD  1 
ATOM   908  O  OE1 . GLU B 1 54 ? 14.353  -8.496  0.804   1.00 87.96 ? 54  GLU C OE1 1 
ATOM   909  O  OE2 . GLU B 1 54 ? 14.030  -7.459  -1.107  1.00 90.48 ? 54  GLU C OE2 1 
ATOM   910  N  N   . ALA B 1 55 ? 10.290  -11.817 1.685   1.00 34.42 ? 55  ALA C N   1 
ATOM   911  C  CA  . ALA B 1 55 ? 10.659  -13.213 1.901   1.00 31.34 ? 55  ALA C CA  1 
ATOM   912  C  C   . ALA B 1 55 ? 9.567   -14.217 1.506   1.00 32.07 ? 55  ALA C C   1 
ATOM   913  O  O   . ALA B 1 55 ? 9.863   -15.382 1.206   1.00 31.48 ? 55  ALA C O   1 
ATOM   914  C  CB  . ALA B 1 55 ? 11.054  -13.418 3.370   1.00 27.56 ? 55  ALA C CB  1 
ATOM   915  N  N   . CYS B 1 56 ? 8.311   -13.777 1.515   1.00 28.06 ? 56  CYS C N   1 
ATOM   916  C  CA  . CYS B 1 56 ? 7.212   -14.661 1.156   1.00 22.95 ? 56  CYS C CA  1 
ATOM   917  C  C   . CYS B 1 56 ? 7.429   -15.256 -0.229  1.00 22.62 ? 56  CYS C C   1 
ATOM   918  O  O   . CYS B 1 56 ? 7.551   -14.531 -1.216  1.00 22.14 ? 56  CYS C O   1 
ATOM   919  C  CB  . CYS B 1 56 ? 5.880   -13.917 1.182   1.00 27.19 ? 56  CYS C CB  1 
ATOM   920  S  SG  . CYS B 1 56 ? 4.499   -14.968 0.657   1.00 27.84 ? 56  CYS C SG  1 
ATOM   921  N  N   . PRO B 1 57 ? 7.462   -16.598 -0.320  1.00 26.04 ? 57  PRO C N   1 
ATOM   922  C  CA  . PRO B 1 57 ? 7.670   -17.300 -1.592  1.00 25.86 ? 57  PRO C CA  1 
ATOM   923  C  C   . PRO B 1 57 ? 6.557   -17.225 -2.649  1.00 29.56 ? 57  PRO C C   1 
ATOM   924  O  O   . PRO B 1 57 ? 6.796   -17.559 -3.812  1.00 26.97 ? 57  PRO C O   1 
ATOM   925  C  CB  . PRO B 1 57 ? 7.976   -18.732 -1.145  1.00 22.12 ? 57  PRO C CB  1 
ATOM   926  C  CG  . PRO B 1 57 ? 7.193   -18.865 0.118   1.00 23.28 ? 57  PRO C CG  1 
ATOM   927  C  CD  . PRO B 1 57 ? 7.447   -17.547 0.808   1.00 21.86 ? 57  PRO C CD  1 
ATOM   928  N  N   . VAL B 1 58 ? 5.356   -16.796 -2.273  1.00 28.47 ? 58  VAL C N   1 
ATOM   929  C  CA  . VAL B 1 58 ? 4.281   -16.692 -3.260  1.00 31.08 ? 58  VAL C CA  1 
ATOM   930  C  C   . VAL B 1 58 ? 3.748   -15.277 -3.386  1.00 31.78 ? 58  VAL C C   1 
ATOM   931  O  O   . VAL B 1 58 ? 2.698   -15.063 -3.989  1.00 34.87 ? 58  VAL C O   1 
ATOM   932  C  CB  . VAL B 1 58 ? 3.080   -17.653 -2.950  1.00 30.78 ? 58  VAL C CB  1 
ATOM   933  C  CG1 . VAL B 1 58 ? 3.510   -19.091 -3.137  1.00 25.30 ? 58  VAL C CG1 1 
ATOM   934  C  CG2 . VAL B 1 58 ? 2.554   -17.433 -1.531  1.00 24.07 ? 58  VAL C CG2 1 
ATOM   935  N  N   . SER B 1 59 ? 4.479   -14.317 -2.819  1.00 34.76 ? 59  SER C N   1 
ATOM   936  C  CA  . SER B 1 59 ? 4.092   -12.904 -2.859  1.00 34.30 ? 59  SER C CA  1 
ATOM   937  C  C   . SER B 1 59 ? 2.630   -12.690 -2.436  1.00 34.24 ? 59  SER C C   1 
ATOM   938  O  O   . SER B 1 59 ? 1.838   -12.096 -3.173  1.00 35.66 ? 59  SER C O   1 
ATOM   939  C  CB  . SER B 1 59 ? 4.305   -12.346 -4.272  1.00 38.98 ? 59  SER C CB  1 
ATOM   940  O  OG  . SER B 1 59 ? 5.622   -12.598 -4.741  1.00 41.41 ? 59  SER C OG  1 
ATOM   941  N  N   . ALA B 1 60 ? 2.275   -13.166 -1.249  1.00 30.08 ? 60  ALA C N   1 
ATOM   942  C  CA  . ALA B 1 60 ? 0.909   -13.029 -0.762  1.00 31.03 ? 60  ALA C CA  1 
ATOM   943  C  C   . ALA B 1 60 ? 0.738   -11.787 0.111   1.00 30.09 ? 60  ALA C C   1 
ATOM   944  O  O   . ALA B 1 60 ? -0.387  -11.384 0.426   1.00 28.73 ? 60  ALA C O   1 
ATOM   945  C  CB  . ALA B 1 60 ? 0.509   -14.280 0.019   1.00 27.40 ? 60  ALA C CB  1 
ATOM   946  N  N   . ILE B 1 61 ? 1.858   -11.178 0.485   1.00 28.94 ? 61  ILE C N   1 
ATOM   947  C  CA  . ILE B 1 61 ? 1.842   -9.993  1.339   1.00 33.68 ? 61  ILE C CA  1 
ATOM   948  C  C   . ILE B 1 61 ? 1.981   -8.651  0.606   1.00 33.31 ? 61  ILE C C   1 
ATOM   949  O  O   . ILE B 1 61 ? 2.774   -8.508  -0.324  1.00 31.06 ? 61  ILE C O   1 
ATOM   950  C  CB  . ILE B 1 61 ? 2.961   -10.073 2.405   1.00 36.49 ? 61  ILE C CB  1 
ATOM   951  C  CG1 . ILE B 1 61 ? 2.797   -11.353 3.231   1.00 32.78 ? 61  ILE C CG1 1 
ATOM   952  C  CG2 . ILE B 1 61 ? 2.925   -8.830  3.297   1.00 30.09 ? 61  ILE C CG2 1 
ATOM   953  C  CD1 . ILE B 1 61 ? 3.995   -11.684 4.093   1.00 29.54 ? 61  ILE C CD1 1 
ATOM   954  N  N   . THR B 1 62 ? 1.185   -7.678  1.041   1.00 30.69 ? 62  THR C N   1 
ATOM   955  C  CA  . THR B 1 62 ? 1.211   -6.329  0.488   1.00 36.41 ? 62  THR C CA  1 
ATOM   956  C  C   . THR B 1 62 ? 1.066   -5.330  1.634   1.00 37.40 ? 62  THR C C   1 
ATOM   957  O  O   . THR B 1 62 ? 0.409   -5.607  2.648   1.00 32.54 ? 62  THR C O   1 
ATOM   958  C  CB  . THR B 1 62 ? 0.071   -6.075  -0.546  1.00 40.01 ? 62  THR C CB  1 
ATOM   959  O  OG1 . THR B 1 62 ? -1.204  -6.302  0.067   1.00 35.88 ? 62  THR C OG1 1 
ATOM   960  C  CG2 . THR B 1 62 ? 0.236   -6.983  -1.766  1.00 42.88 ? 62  THR C CG2 1 
ATOM   961  N  N   . ILE B 1 63 ? 1.701   -4.173  1.477   1.00 34.71 ? 63  ILE C N   1 
ATOM   962  C  CA  . ILE B 1 63 ? 1.642   -3.139  2.495   1.00 34.15 ? 63  ILE C CA  1 
ATOM   963  C  C   . ILE B 1 63 ? 1.208   -1.828  1.869   1.00 33.85 ? 63  ILE C C   1 
ATOM   964  O  O   . ILE B 1 63 ? 1.814   -1.357  0.913   1.00 31.86 ? 63  ILE C O   1 
ATOM   965  C  CB  . ILE B 1 63 ? 3.009   -2.940  3.172   1.00 32.15 ? 63  ILE C CB  1 
ATOM   966  C  CG1 . ILE B 1 63 ? 3.557   -4.294  3.632   1.00 31.03 ? 63  ILE C CG1 1 
ATOM   967  C  CG2 . ILE B 1 63 ? 2.864   -1.995  4.367   1.00 25.38 ? 63  ILE C CG2 1 
ATOM   968  C  CD1 . ILE B 1 63 ? 4.982   -4.241  4.137   1.00 36.93 ? 63  ILE C CD1 1 
ATOM   969  N  N   . GLU B 1 64 ? 0.152   -1.245  2.420   1.00 36.23 ? 64  GLU C N   1 
ATOM   970  C  CA  . GLU B 1 64 ? -0.376  0.013   1.919   1.00 38.34 ? 64  GLU C CA  1 
ATOM   971  C  C   . GLU B 1 64 ? -0.177  1.112   2.953   1.00 37.01 ? 64  GLU C C   1 
ATOM   972  O  O   . GLU B 1 64 ? -0.185  0.844   4.150   1.00 34.94 ? 64  GLU C O   1 
ATOM   973  C  CB  . GLU B 1 64 ? -1.867  -0.134  1.620   1.00 46.11 ? 64  GLU C CB  1 
ATOM   974  C  CG  . GLU B 1 64 ? -2.563  1.181   1.328   1.00 62.02 ? 64  GLU C CG  1 
ATOM   975  C  CD  . GLU B 1 64 ? -4.062  1.091   1.497   1.00 71.58 ? 64  GLU C CD  1 
ATOM   976  O  OE1 . GLU B 1 64 ? -4.697  0.305   0.761   1.00 77.84 ? 64  GLU C OE1 1 
ATOM   977  O  OE2 . GLU B 1 64 ? -4.603  1.804   2.372   1.00 76.64 ? 64  GLU C OE2 1 
ATOM   978  N  N   . GLU B 1 65 ? 0.012   2.345   2.494   1.00 37.57 ? 65  GLU C N   1 
ATOM   979  C  CA  . GLU B 1 65 ? 0.172   3.456   3.418   1.00 44.91 ? 65  GLU C CA  1 
ATOM   980  C  C   . GLU B 1 65 ? -0.759  4.605   3.067   1.00 45.24 ? 65  GLU C C   1 
ATOM   981  O  O   . GLU B 1 65 ? -1.241  4.711   1.940   1.00 40.19 ? 65  GLU C O   1 
ATOM   982  C  CB  . GLU B 1 65 ? 1.627   3.952   3.469   1.00 44.61 ? 65  GLU C CB  1 
ATOM   983  C  CG  . GLU B 1 65 ? 2.185   4.524   2.181   1.00 54.02 ? 65  GLU C CG  1 
ATOM   984  C  CD  . GLU B 1 65 ? 3.549   5.184   2.373   1.00 56.73 ? 65  GLU C CD  1 
ATOM   985  O  OE1 . GLU B 1 65 ? 4.297   5.288   1.378   1.00 56.87 ? 65  GLU C OE1 1 
ATOM   986  O  OE2 . GLU B 1 65 ? 3.868   5.606   3.512   1.00 50.96 ? 65  GLU C OE2 1 
ATOM   987  N  N   . ALA B 1 66 ? -1.025  5.449   4.057   1.00 47.68 ? 66  ALA C N   1 
ATOM   988  C  CA  . ALA B 1 66 ? -1.893  6.598   3.872   1.00 53.87 ? 66  ALA C CA  1 
ATOM   989  C  C   . ALA B 1 66 ? -1.255  7.822   4.520   1.00 57.46 ? 66  ALA C C   1 
ATOM   990  O  O   . ALA B 1 66 ? -0.179  7.664   5.145   1.00 57.51 ? 66  ALA C O   1 
ATOM   991  C  CB  . ALA B 1 66 ? -3.253  6.323   4.492   1.00 55.90 ? 66  ALA C CB  1 
ATOM   992  O  OXT . ALA B 1 66 ? -1.838  8.921   4.397   1.00 63.76 ? 66  ALA C OXT 1 
HETATM 993  CO CO  . 3CO C 2 .  ? -3.328  14.875  5.215   1.00 45.35 ? 72  3CO A CO  1 
HETATM 994  CO CO  . 3CO D 2 .  ? -8.547  13.483  -19.740 1.00 48.20 ? 74  3CO A CO  1 
HETATM 995  FE FE1 . F3S E 3 .  ? -8.719  14.475  -5.333  1.00 27.88 ? 70  F3S A FE1 1 
HETATM 996  FE FE3 . F3S E 3 .  ? -6.113  15.007  -5.896  1.00 32.62 ? 70  F3S A FE3 1 
HETATM 997  FE FE4 . F3S E 3 .  ? -6.948  14.905  -3.265  1.00 31.99 ? 70  F3S A FE4 1 
HETATM 998  S  S1  . F3S E 3 .  ? -7.985  15.711  -6.962  1.00 33.77 ? 70  F3S A S1  1 
HETATM 999  S  S2  . F3S E 3 .  ? -9.072  15.817  -3.500  1.00 27.57 ? 70  F3S A S2  1 
HETATM 1000 S  S3  . F3S E 3 .  ? -6.897  13.139  -4.742  1.00 31.32 ? 70  F3S A S3  1 
HETATM 1001 S  S4  . F3S E 3 .  ? -5.654  16.400  -4.212  1.00 30.32 ? 70  F3S A S4  1 
HETATM 1002 CO CO  . 3CO F 2 .  ? 9.374   -12.487 -3.897  1.00 44.35 ? 73  3CO C CO  1 
HETATM 1003 CO CO  . 3CO G 2 .  ? -4.380  -18.626 16.703  1.00 52.55 ? 75  3CO C CO  1 
HETATM 1004 FE FE1 . F3S H 3 .  ? 1.565   -17.229 3.751   1.00 26.86 ? 71  F3S C FE1 1 
HETATM 1005 FE FE3 . F3S H 3 .  ? 3.500   -16.107 5.330   1.00 27.98 ? 71  F3S C FE3 1 
HETATM 1006 FE FE4 . F3S H 3 .  ? 3.751   -16.067 2.582   1.00 30.88 ? 71  F3S C FE4 1 
HETATM 1007 S  S1  . F3S H 3 .  ? 2.247   -17.975 5.710   1.00 34.13 ? 71  F3S C S1  1 
HETATM 1008 S  S2  . F3S H 3 .  ? 2.903   -18.154 2.105   1.00 26.80 ? 71  F3S C S2  1 
HETATM 1009 S  S3  . F3S H 3 .  ? 2.148   -14.983 3.785   1.00 29.14 ? 71  F3S C S3  1 
HETATM 1010 S  S4  . F3S H 3 .  ? 5.279   -16.582 4.082   1.00 30.92 ? 71  F3S C S4  1 
HETATM 1011 O  O   . HOH I 4 .  ? -7.223  5.212   -1.305  1.00 31.00 ? 75  HOH A O   1 
HETATM 1012 O  O   . HOH I 4 .  ? 5.019   4.704   -13.545 1.00 37.38 ? 76  HOH A O   1 
HETATM 1013 O  O   . HOH I 4 .  ? -4.236  11.246  0.819   1.00 33.20 ? 77  HOH A O   1 
HETATM 1014 O  O   . HOH I 4 .  ? -15.177 8.874   -10.328 1.00 37.99 ? 78  HOH A O   1 
HETATM 1015 O  O   . HOH I 4 .  ? 8.623   -1.188  -4.896  1.00 50.88 ? 79  HOH A O   1 
HETATM 1016 O  O   . HOH I 4 .  ? 8.839   -8.064  -2.331  1.00 49.77 ? 80  HOH A O   1 
HETATM 1017 O  O   . HOH I 4 .  ? -0.431  17.049  -17.988 1.00 44.50 ? 81  HOH A O   1 
HETATM 1018 O  O   . HOH I 4 .  ? -0.190  3.249   -9.745  1.00 36.30 ? 82  HOH A O   1 
HETATM 1019 O  O   . HOH I 4 .  ? 1.605   24.022  1.187   1.00 56.22 ? 83  HOH A O   1 
HETATM 1020 O  O   . HOH I 4 .  ? -17.937 5.801   -13.517 1.00 45.44 ? 84  HOH A O   1 
HETATM 1021 O  O   . HOH I 4 .  ? -4.116  15.923  -20.717 1.00 45.48 ? 85  HOH A O   1 
HETATM 1022 O  O   . HOH I 4 .  ? 4.510   0.541   1.971   1.00 40.52 ? 86  HOH A O   1 
HETATM 1023 O  O   . HOH I 4 .  ? -4.555  4.036   -13.981 1.00 53.14 ? 87  HOH A O   1 
HETATM 1024 O  O   . HOH I 4 .  ? -19.611 11.015  -4.747  1.00 46.71 ? 88  HOH A O   1 
HETATM 1025 O  O   . HOH I 4 .  ? -2.929  2.352   -10.124 1.00 41.91 ? 89  HOH A O   1 
HETATM 1026 O  O   . HOH I 4 .  ? 1.578   -3.553  -5.689  1.00 51.88 ? 90  HOH A O   1 
HETATM 1027 O  O   . HOH I 4 .  ? 6.384   7.422   5.760   1.00 49.68 ? 91  HOH A O   1 
HETATM 1028 O  O   . HOH I 4 .  ? 3.665   2.150   -0.230  1.00 36.86 ? 92  HOH A O   1 
HETATM 1029 O  O   . HOH I 4 .  ? 4.437   13.381  -11.748 1.00 62.25 ? 93  HOH A O   1 
HETATM 1030 O  O   . HOH I 4 .  ? 8.880   -4.010  -3.217  1.00 42.68 ? 94  HOH A O   1 
HETATM 1031 O  O   . HOH I 4 .  ? 7.673   3.717   -13.043 1.00 30.87 ? 95  HOH A O   1 
HETATM 1032 O  O   . HOH I 4 .  ? -9.917  6.615   1.487   1.00 49.89 ? 96  HOH A O   1 
HETATM 1033 O  O   . HOH I 4 .  ? -16.223 15.464  -19.749 1.00 47.61 ? 97  HOH A O   1 
HETATM 1034 O  O   . HOH I 4 .  ? -5.374  15.892  -15.599 1.00 52.28 ? 98  HOH A O   1 
HETATM 1035 O  O   . HOH I 4 .  ? 5.401   20.204  -10.506 1.00 42.77 ? 99  HOH A O   1 
HETATM 1036 O  O   . HOH I 4 .  ? 9.932   -1.279  -7.226  1.00 67.17 ? 100 HOH A O   1 
HETATM 1037 O  O   . HOH I 4 .  ? 12.309  -1.816  -9.996  1.00 54.31 ? 101 HOH A O   1 
HETATM 1038 O  O   . HOH I 4 .  ? -3.464  23.086  -7.519  1.00 43.76 ? 102 HOH A O   1 
HETATM 1039 O  O   . HOH I 4 .  ? -19.451 10.225  -2.300  1.00 53.56 ? 103 HOH A O   1 
HETATM 1040 O  O   . HOH I 4 .  ? -6.313  14.379  -19.266 1.00 43.03 ? 104 HOH A O   1 
HETATM 1041 O  O   . HOH I 4 .  ? -12.776 9.023   -16.823 1.00 50.44 ? 105 HOH A O   1 
HETATM 1042 O  O   . HOH J 4 .  ? 4.654   -10.723 -0.684  1.00 24.32 ? 76  HOH C O   1 
HETATM 1043 O  O   . HOH J 4 .  ? 1.170   -2.348  14.920  1.00 29.63 ? 77  HOH C O   1 
HETATM 1044 O  O   . HOH J 4 .  ? -7.630  -12.688 1.245   1.00 41.35 ? 78  HOH C O   1 
HETATM 1045 O  O   . HOH J 4 .  ? -1.785  -8.900  -0.457  1.00 34.85 ? 79  HOH C O   1 
HETATM 1046 O  O   . HOH J 4 .  ? 9.477   -8.989  14.581  1.00 61.80 ? 80  HOH C O   1 
HETATM 1047 O  O   . HOH J 4 .  ? -6.297  1.158   4.028   1.00 32.78 ? 81  HOH C O   1 
HETATM 1048 O  O   . HOH J 4 .  ? -3.890  2.665   4.913   1.00 38.48 ? 82  HOH C O   1 
HETATM 1049 O  O   . HOH J 4 .  ? -2.383  6.027   11.951  1.00 48.42 ? 83  HOH C O   1 
HETATM 1050 O  O   . HOH J 4 .  ? 2.422   8.519   5.618   1.00 61.22 ? 84  HOH C O   1 
HETATM 1051 O  O   . HOH J 4 .  ? -5.890  -7.337  10.595  1.00 65.79 ? 85  HOH C O   1 
HETATM 1052 O  O   . HOH J 4 .  ? -1.254  -3.798  9.354   1.00 41.03 ? 86  HOH C O   1 
HETATM 1053 O  O   . HOH J 4 .  ? -2.632  -17.634 17.064  1.00 34.08 ? 87  HOH C O   1 
HETATM 1054 O  O   . HOH J 4 .  ? 9.496   4.719   15.089  1.00 47.49 ? 88  HOH C O   1 
HETATM 1055 O  O   . HOH J 4 .  ? 12.576  -0.622  5.064   1.00 47.86 ? 89  HOH C O   1 
HETATM 1056 O  O   . HOH J 4 .  ? 2.630   0.189   15.142  1.00 36.19 ? 90  HOH C O   1 
# 
